data_2RAE
# 
_entry.id   2RAE 
# 
_audit_conform.dict_name       mmcif_pdbx.dic 
_audit_conform.dict_version    5.387 
_audit_conform.dict_location   http://mmcif.pdb.org/dictionaries/ascii/mmcif_pdbx.dic 
# 
loop_
_database_2.database_id 
_database_2.database_code 
_database_2.pdbx_database_accession 
_database_2.pdbx_DOI 
PDB   2RAE         pdb_00002rae 10.2210/pdb2rae/pdb 
RCSB  RCSB044624   ?            ?                   
WWPDB D_1000044624 ?            ?                   
# 
loop_
_pdbx_audit_revision_history.ordinal 
_pdbx_audit_revision_history.data_content_type 
_pdbx_audit_revision_history.major_revision 
_pdbx_audit_revision_history.minor_revision 
_pdbx_audit_revision_history.revision_date 
1 'Structure model' 1 0 2007-09-25 
2 'Structure model' 1 1 2011-07-13 
3 'Structure model' 1 2 2024-02-21 
# 
_pdbx_audit_revision_details.ordinal             1 
_pdbx_audit_revision_details.revision_ordinal    1 
_pdbx_audit_revision_details.data_content_type   'Structure model' 
_pdbx_audit_revision_details.provider            repository 
_pdbx_audit_revision_details.type                'Initial release' 
_pdbx_audit_revision_details.description         ? 
_pdbx_audit_revision_details.details             ? 
# 
loop_
_pdbx_audit_revision_group.ordinal 
_pdbx_audit_revision_group.revision_ordinal 
_pdbx_audit_revision_group.data_content_type 
_pdbx_audit_revision_group.group 
1 2 'Structure model' Advisory                    
2 2 'Structure model' 'Source and taxonomy'       
3 2 'Structure model' 'Version format compliance' 
4 3 'Structure model' 'Data collection'           
5 3 'Structure model' 'Database references'       
# 
loop_
_pdbx_audit_revision_category.ordinal 
_pdbx_audit_revision_category.revision_ordinal 
_pdbx_audit_revision_category.data_content_type 
_pdbx_audit_revision_category.category 
1 3 'Structure model' chem_comp_atom     
2 3 'Structure model' chem_comp_bond     
3 3 'Structure model' database_2         
4 3 'Structure model' struct_ref_seq_dif 
# 
loop_
_pdbx_audit_revision_item.ordinal 
_pdbx_audit_revision_item.revision_ordinal 
_pdbx_audit_revision_item.data_content_type 
_pdbx_audit_revision_item.item 
1 3 'Structure model' '_database_2.pdbx_DOI'                
2 3 'Structure model' '_database_2.pdbx_database_accession' 
3 3 'Structure model' '_struct_ref_seq_dif.details'         
# 
_pdbx_database_status.status_code                     REL 
_pdbx_database_status.entry_id                        2RAE 
_pdbx_database_status.recvd_initial_deposition_date   2007-09-14 
_pdbx_database_status.deposit_site                    RCSB 
_pdbx_database_status.process_site                    RCSB 
_pdbx_database_status.status_code_sf                  REL 
_pdbx_database_status.status_code_mr                  ? 
_pdbx_database_status.SG_entry                        Y 
_pdbx_database_status.pdb_format_compatible           Y 
_pdbx_database_status.status_code_cs                  ? 
_pdbx_database_status.status_code_nmr_data            ? 
_pdbx_database_status.methods_development_category    ? 
# 
_pdbx_database_related.db_name        TargetDB 
_pdbx_database_related.db_id          APC7479 
_pdbx_database_related.details        . 
_pdbx_database_related.content_type   unspecified 
# 
loop_
_audit_author.name 
_audit_author.pdbx_ordinal 
'Zhang, R.'                                     1 
'Skarina, T.'                                   2 
'Kagan, O.'                                     3 
'Savchenko, A.'                                 4 
'Edwards, A.M.'                                 5 
'Joachimiak, A.'                                6 
'Midwest Center for Structural Genomics (MCSG)' 7 
# 
_citation.id                        primary 
_citation.title                     
'The crystal structure of a TetR/AcrR family transcriptional regulator from Rhodococcus sp. RHA1' 
_citation.journal_abbrev            'To be Published' 
_citation.journal_volume            ? 
_citation.page_first                ? 
_citation.page_last                 ? 
_citation.year                      ? 
_citation.journal_id_ASTM           ? 
_citation.country                   ? 
_citation.journal_id_ISSN           ? 
_citation.journal_id_CSD            0353 
_citation.book_publisher            ? 
_citation.pdbx_database_id_PubMed   ? 
_citation.pdbx_database_id_DOI      ? 
# 
loop_
_citation_author.citation_id 
_citation_author.name 
_citation_author.ordinal 
_citation_author.identifier_ORCID 
primary 'Zhang, R.'      1 ? 
primary 'Skarina, T.'    2 ? 
primary 'Kagan, O.'      3 ? 
primary 'Savchenko, A.'  4 ? 
primary 'Edwards, A.M.'  5 ? 
primary 'Joachimiak, A.' 6 ? 
# 
loop_
_entity.id 
_entity.type 
_entity.src_method 
_entity.pdbx_description 
_entity.formula_weight 
_entity.pdbx_number_of_molecules 
_entity.pdbx_ec 
_entity.pdbx_mutation 
_entity.pdbx_fragment 
_entity.details 
1 polymer man 'Transcriptional regulator, AcrR family protein' 22985.842 1  ? ? ? ? 
2 water   nat water                                            18.015    39 ? ? ? ? 
# 
_entity_poly.entity_id                      1 
_entity_poly.type                           'polypeptide(L)' 
_entity_poly.nstd_linkage                   no 
_entity_poly.nstd_monomer                   no 
_entity_poly.pdbx_seq_one_letter_code       
;LRSRRKPSSRIGRRPSTTQDRISTVGIELFTEQGFDATSVDEVAEASGIARRTLFRYFPSKNAIPWGDFDAHLAEMRAQL
AAQPDDIPIVDGLTAALLQFNAFPASEEINHRKRMGLILRVPALQAYSVVMYEGWRNVIAEYVASRLGTSPTDHVPRTVG
YLLLGVAMSAYEQWLDDDSLELNELLASGMQSLYDGLSSLGEPDTRT
;
_entity_poly.pdbx_seq_one_letter_code_can   
;LRSRRKPSSRIGRRPSTTQDRISTVGIELFTEQGFDATSVDEVAEASGIARRTLFRYFPSKNAIPWGDFDAHLAEMRAQL
AAQPDDIPIVDGLTAALLQFNAFPASEEINHRKRMGLILRVPALQAYSVVMYEGWRNVIAEYVASRLGTSPTDHVPRTVG
YLLLGVAMSAYEQWLDDDSLELNELLASGMQSLYDGLSSLGEPDTRT
;
_entity_poly.pdbx_strand_id                 A 
_entity_poly.pdbx_target_identifier         APC7479 
# 
_pdbx_entity_nonpoly.entity_id   2 
_pdbx_entity_nonpoly.name        water 
_pdbx_entity_nonpoly.comp_id     HOH 
# 
loop_
_entity_poly_seq.entity_id 
_entity_poly_seq.num 
_entity_poly_seq.mon_id 
_entity_poly_seq.hetero 
1 1   LEU n 
1 2   ARG n 
1 3   SER n 
1 4   ARG n 
1 5   ARG n 
1 6   LYS n 
1 7   PRO n 
1 8   SER n 
1 9   SER n 
1 10  ARG n 
1 11  ILE n 
1 12  GLY n 
1 13  ARG n 
1 14  ARG n 
1 15  PRO n 
1 16  SER n 
1 17  THR n 
1 18  THR n 
1 19  GLN n 
1 20  ASP n 
1 21  ARG n 
1 22  ILE n 
1 23  SER n 
1 24  THR n 
1 25  VAL n 
1 26  GLY n 
1 27  ILE n 
1 28  GLU n 
1 29  LEU n 
1 30  PHE n 
1 31  THR n 
1 32  GLU n 
1 33  GLN n 
1 34  GLY n 
1 35  PHE n 
1 36  ASP n 
1 37  ALA n 
1 38  THR n 
1 39  SER n 
1 40  VAL n 
1 41  ASP n 
1 42  GLU n 
1 43  VAL n 
1 44  ALA n 
1 45  GLU n 
1 46  ALA n 
1 47  SER n 
1 48  GLY n 
1 49  ILE n 
1 50  ALA n 
1 51  ARG n 
1 52  ARG n 
1 53  THR n 
1 54  LEU n 
1 55  PHE n 
1 56  ARG n 
1 57  TYR n 
1 58  PHE n 
1 59  PRO n 
1 60  SER n 
1 61  LYS n 
1 62  ASN n 
1 63  ALA n 
1 64  ILE n 
1 65  PRO n 
1 66  TRP n 
1 67  GLY n 
1 68  ASP n 
1 69  PHE n 
1 70  ASP n 
1 71  ALA n 
1 72  HIS n 
1 73  LEU n 
1 74  ALA n 
1 75  GLU n 
1 76  MET n 
1 77  ARG n 
1 78  ALA n 
1 79  GLN n 
1 80  LEU n 
1 81  ALA n 
1 82  ALA n 
1 83  GLN n 
1 84  PRO n 
1 85  ASP n 
1 86  ASP n 
1 87  ILE n 
1 88  PRO n 
1 89  ILE n 
1 90  VAL n 
1 91  ASP n 
1 92  GLY n 
1 93  LEU n 
1 94  THR n 
1 95  ALA n 
1 96  ALA n 
1 97  LEU n 
1 98  LEU n 
1 99  GLN n 
1 100 PHE n 
1 101 ASN n 
1 102 ALA n 
1 103 PHE n 
1 104 PRO n 
1 105 ALA n 
1 106 SER n 
1 107 GLU n 
1 108 GLU n 
1 109 ILE n 
1 110 ASN n 
1 111 HIS n 
1 112 ARG n 
1 113 LYS n 
1 114 ARG n 
1 115 MET n 
1 116 GLY n 
1 117 LEU n 
1 118 ILE n 
1 119 LEU n 
1 120 ARG n 
1 121 VAL n 
1 122 PRO n 
1 123 ALA n 
1 124 LEU n 
1 125 GLN n 
1 126 ALA n 
1 127 TYR n 
1 128 SER n 
1 129 VAL n 
1 130 VAL n 
1 131 MET n 
1 132 TYR n 
1 133 GLU n 
1 134 GLY n 
1 135 TRP n 
1 136 ARG n 
1 137 ASN n 
1 138 VAL n 
1 139 ILE n 
1 140 ALA n 
1 141 GLU n 
1 142 TYR n 
1 143 VAL n 
1 144 ALA n 
1 145 SER n 
1 146 ARG n 
1 147 LEU n 
1 148 GLY n 
1 149 THR n 
1 150 SER n 
1 151 PRO n 
1 152 THR n 
1 153 ASP n 
1 154 HIS n 
1 155 VAL n 
1 156 PRO n 
1 157 ARG n 
1 158 THR n 
1 159 VAL n 
1 160 GLY n 
1 161 TYR n 
1 162 LEU n 
1 163 LEU n 
1 164 LEU n 
1 165 GLY n 
1 166 VAL n 
1 167 ALA n 
1 168 MET n 
1 169 SER n 
1 170 ALA n 
1 171 TYR n 
1 172 GLU n 
1 173 GLN n 
1 174 TRP n 
1 175 LEU n 
1 176 ASP n 
1 177 ASP n 
1 178 ASP n 
1 179 SER n 
1 180 LEU n 
1 181 GLU n 
1 182 LEU n 
1 183 ASN n 
1 184 GLU n 
1 185 LEU n 
1 186 LEU n 
1 187 ALA n 
1 188 SER n 
1 189 GLY n 
1 190 MET n 
1 191 GLN n 
1 192 SER n 
1 193 LEU n 
1 194 TYR n 
1 195 ASP n 
1 196 GLY n 
1 197 LEU n 
1 198 SER n 
1 199 SER n 
1 200 LEU n 
1 201 GLY n 
1 202 GLU n 
1 203 PRO n 
1 204 ASP n 
1 205 THR n 
1 206 ARG n 
1 207 THR n 
# 
_entity_src_gen.entity_id                          1 
_entity_src_gen.pdbx_src_id                        1 
_entity_src_gen.pdbx_alt_source_flag               sample 
_entity_src_gen.pdbx_seq_type                      ? 
_entity_src_gen.pdbx_beg_seq_num                   ? 
_entity_src_gen.pdbx_end_seq_num                   ? 
_entity_src_gen.gene_src_common_name               ? 
_entity_src_gen.gene_src_genus                     Rhodococcus 
_entity_src_gen.pdbx_gene_src_gene                 'RHA08332, RHA1_ro06070' 
_entity_src_gen.gene_src_species                   ? 
_entity_src_gen.gene_src_strain                    RHA1 
_entity_src_gen.gene_src_tissue                    ? 
_entity_src_gen.gene_src_tissue_fraction           ? 
_entity_src_gen.gene_src_details                   ? 
_entity_src_gen.pdbx_gene_src_fragment             ? 
_entity_src_gen.pdbx_gene_src_scientific_name      'Rhodococcus sp.' 
_entity_src_gen.pdbx_gene_src_ncbi_taxonomy_id     101510 
_entity_src_gen.pdbx_gene_src_variant              ? 
_entity_src_gen.pdbx_gene_src_cell_line            ? 
_entity_src_gen.pdbx_gene_src_atcc                 ? 
_entity_src_gen.pdbx_gene_src_organ                ? 
_entity_src_gen.pdbx_gene_src_organelle            ? 
_entity_src_gen.pdbx_gene_src_cell                 ? 
_entity_src_gen.pdbx_gene_src_cellular_location    ? 
_entity_src_gen.host_org_common_name               ? 
_entity_src_gen.pdbx_host_org_scientific_name      'Escherichia coli BL21' 
_entity_src_gen.pdbx_host_org_ncbi_taxonomy_id     511693 
_entity_src_gen.host_org_genus                     Escherichia 
_entity_src_gen.pdbx_host_org_gene                 ? 
_entity_src_gen.pdbx_host_org_organ                ? 
_entity_src_gen.host_org_species                   'Escherichia coli' 
_entity_src_gen.pdbx_host_org_tissue               ? 
_entity_src_gen.pdbx_host_org_tissue_fraction      ? 
_entity_src_gen.pdbx_host_org_strain               BL21 
_entity_src_gen.pdbx_host_org_variant              ? 
_entity_src_gen.pdbx_host_org_cell_line            ? 
_entity_src_gen.pdbx_host_org_atcc                 ? 
_entity_src_gen.pdbx_host_org_culture_collection   ? 
_entity_src_gen.pdbx_host_org_cell                 ? 
_entity_src_gen.pdbx_host_org_organelle            ? 
_entity_src_gen.pdbx_host_org_cellular_location    ? 
_entity_src_gen.pdbx_host_org_vector_type          Plasmid 
_entity_src_gen.pdbx_host_org_vector               ? 
_entity_src_gen.host_org_details                   ? 
_entity_src_gen.expression_system_id               ? 
_entity_src_gen.plasmid_name                       pDM68 
_entity_src_gen.plasmid_details                    ? 
_entity_src_gen.pdbx_description                   ? 
# 
loop_
_chem_comp.id 
_chem_comp.type 
_chem_comp.mon_nstd_flag 
_chem_comp.name 
_chem_comp.pdbx_synonyms 
_chem_comp.formula 
_chem_comp.formula_weight 
ALA 'L-peptide linking' y ALANINE         ? 'C3 H7 N O2'     89.093  
ARG 'L-peptide linking' y ARGININE        ? 'C6 H15 N4 O2 1' 175.209 
ASN 'L-peptide linking' y ASPARAGINE      ? 'C4 H8 N2 O3'    132.118 
ASP 'L-peptide linking' y 'ASPARTIC ACID' ? 'C4 H7 N O4'     133.103 
GLN 'L-peptide linking' y GLUTAMINE       ? 'C5 H10 N2 O3'   146.144 
GLU 'L-peptide linking' y 'GLUTAMIC ACID' ? 'C5 H9 N O4'     147.129 
GLY 'peptide linking'   y GLYCINE         ? 'C2 H5 N O2'     75.067  
HIS 'L-peptide linking' y HISTIDINE       ? 'C6 H10 N3 O2 1' 156.162 
HOH non-polymer         . WATER           ? 'H2 O'           18.015  
ILE 'L-peptide linking' y ISOLEUCINE      ? 'C6 H13 N O2'    131.173 
LEU 'L-peptide linking' y LEUCINE         ? 'C6 H13 N O2'    131.173 
LYS 'L-peptide linking' y LYSINE          ? 'C6 H15 N2 O2 1' 147.195 
MET 'L-peptide linking' y METHIONINE      ? 'C5 H11 N O2 S'  149.211 
PHE 'L-peptide linking' y PHENYLALANINE   ? 'C9 H11 N O2'    165.189 
PRO 'L-peptide linking' y PROLINE         ? 'C5 H9 N O2'     115.130 
SER 'L-peptide linking' y SERINE          ? 'C3 H7 N O3'     105.093 
THR 'L-peptide linking' y THREONINE       ? 'C4 H9 N O3'     119.119 
TRP 'L-peptide linking' y TRYPTOPHAN      ? 'C11 H12 N2 O2'  204.225 
TYR 'L-peptide linking' y TYROSINE        ? 'C9 H11 N O3'    181.189 
VAL 'L-peptide linking' y VALINE          ? 'C5 H11 N O2'    117.146 
# 
loop_
_pdbx_poly_seq_scheme.asym_id 
_pdbx_poly_seq_scheme.entity_id 
_pdbx_poly_seq_scheme.seq_id 
_pdbx_poly_seq_scheme.mon_id 
_pdbx_poly_seq_scheme.ndb_seq_num 
_pdbx_poly_seq_scheme.pdb_seq_num 
_pdbx_poly_seq_scheme.auth_seq_num 
_pdbx_poly_seq_scheme.pdb_mon_id 
_pdbx_poly_seq_scheme.auth_mon_id 
_pdbx_poly_seq_scheme.pdb_strand_id 
_pdbx_poly_seq_scheme.pdb_ins_code 
_pdbx_poly_seq_scheme.hetero 
A 1 1   LEU 1   1   ?   ?   ?   A . n 
A 1 2   ARG 2   2   ?   ?   ?   A . n 
A 1 3   SER 3   3   ?   ?   ?   A . n 
A 1 4   ARG 4   4   ?   ?   ?   A . n 
A 1 5   ARG 5   5   ?   ?   ?   A . n 
A 1 6   LYS 6   6   ?   ?   ?   A . n 
A 1 7   PRO 7   7   ?   ?   ?   A . n 
A 1 8   SER 8   8   ?   ?   ?   A . n 
A 1 9   SER 9   9   ?   ?   ?   A . n 
A 1 10  ARG 10  10  ?   ?   ?   A . n 
A 1 11  ILE 11  11  11  ILE ILE A . n 
A 1 12  GLY 12  12  12  GLY GLY A . n 
A 1 13  ARG 13  13  13  ARG ARG A . n 
A 1 14  ARG 14  14  14  ARG ARG A . n 
A 1 15  PRO 15  15  15  PRO PRO A . n 
A 1 16  SER 16  16  16  SER SER A . n 
A 1 17  THR 17  17  17  THR THR A . n 
A 1 18  THR 18  18  18  THR THR A . n 
A 1 19  GLN 19  19  19  GLN GLN A . n 
A 1 20  ASP 20  20  20  ASP ASP A . n 
A 1 21  ARG 21  21  21  ARG ARG A . n 
A 1 22  ILE 22  22  22  ILE ILE A . n 
A 1 23  SER 23  23  23  SER SER A . n 
A 1 24  THR 24  24  24  THR THR A . n 
A 1 25  VAL 25  25  25  VAL VAL A . n 
A 1 26  GLY 26  26  26  GLY GLY A . n 
A 1 27  ILE 27  27  27  ILE ILE A . n 
A 1 28  GLU 28  28  28  GLU GLU A . n 
A 1 29  LEU 29  29  29  LEU LEU A . n 
A 1 30  PHE 30  30  30  PHE PHE A . n 
A 1 31  THR 31  31  31  THR THR A . n 
A 1 32  GLU 32  32  32  GLU GLU A . n 
A 1 33  GLN 33  33  33  GLN GLN A . n 
A 1 34  GLY 34  34  34  GLY GLY A . n 
A 1 35  PHE 35  35  35  PHE PHE A . n 
A 1 36  ASP 36  36  36  ASP ASP A . n 
A 1 37  ALA 37  37  37  ALA ALA A . n 
A 1 38  THR 38  38  38  THR THR A . n 
A 1 39  SER 39  39  39  SER SER A . n 
A 1 40  VAL 40  40  40  VAL VAL A . n 
A 1 41  ASP 41  41  41  ASP ASP A . n 
A 1 42  GLU 42  42  42  GLU GLU A . n 
A 1 43  VAL 43  43  43  VAL VAL A . n 
A 1 44  ALA 44  44  44  ALA ALA A . n 
A 1 45  GLU 45  45  45  GLU GLU A . n 
A 1 46  ALA 46  46  46  ALA ALA A . n 
A 1 47  SER 47  47  47  SER SER A . n 
A 1 48  GLY 48  48  48  GLY GLY A . n 
A 1 49  ILE 49  49  49  ILE ILE A . n 
A 1 50  ALA 50  50  50  ALA ALA A . n 
A 1 51  ARG 51  51  51  ARG ARG A . n 
A 1 52  ARG 52  52  52  ARG ARG A . n 
A 1 53  THR 53  53  53  THR THR A . n 
A 1 54  LEU 54  54  54  LEU LEU A . n 
A 1 55  PHE 55  55  55  PHE PHE A . n 
A 1 56  ARG 56  56  56  ARG ARG A . n 
A 1 57  TYR 57  57  57  TYR TYR A . n 
A 1 58  PHE 58  58  58  PHE PHE A . n 
A 1 59  PRO 59  59  59  PRO PRO A . n 
A 1 60  SER 60  60  60  SER SER A . n 
A 1 61  LYS 61  61  61  LYS LYS A . n 
A 1 62  ASN 62  62  62  ASN ASN A . n 
A 1 63  ALA 63  63  63  ALA ALA A . n 
A 1 64  ILE 64  64  64  ILE ILE A . n 
A 1 65  PRO 65  65  65  PRO PRO A . n 
A 1 66  TRP 66  66  66  TRP TRP A . n 
A 1 67  GLY 67  67  67  GLY GLY A . n 
A 1 68  ASP 68  68  68  ASP ASP A . n 
A 1 69  PHE 69  69  69  PHE PHE A . n 
A 1 70  ASP 70  70  70  ASP ASP A . n 
A 1 71  ALA 71  71  71  ALA ALA A . n 
A 1 72  HIS 72  72  72  HIS HIS A . n 
A 1 73  LEU 73  73  73  LEU LEU A . n 
A 1 74  ALA 74  74  74  ALA ALA A . n 
A 1 75  GLU 75  75  75  GLU GLU A . n 
A 1 76  MET 76  76  76  MET MET A . n 
A 1 77  ARG 77  77  77  ARG ARG A . n 
A 1 78  ALA 78  78  78  ALA ALA A . n 
A 1 79  GLN 79  79  79  GLN GLN A . n 
A 1 80  LEU 80  80  80  LEU LEU A . n 
A 1 81  ALA 81  81  81  ALA ALA A . n 
A 1 82  ALA 82  82  82  ALA ALA A . n 
A 1 83  GLN 83  83  83  GLN GLN A . n 
A 1 84  PRO 84  84  84  PRO PRO A . n 
A 1 85  ASP 85  85  85  ASP ASP A . n 
A 1 86  ASP 86  86  86  ASP ASP A . n 
A 1 87  ILE 87  87  87  ILE ILE A . n 
A 1 88  PRO 88  88  88  PRO PRO A . n 
A 1 89  ILE 89  89  89  ILE ILE A . n 
A 1 90  VAL 90  90  90  VAL VAL A . n 
A 1 91  ASP 91  91  91  ASP ASP A . n 
A 1 92  GLY 92  92  92  GLY GLY A . n 
A 1 93  LEU 93  93  93  LEU LEU A . n 
A 1 94  THR 94  94  94  THR THR A . n 
A 1 95  ALA 95  95  95  ALA ALA A . n 
A 1 96  ALA 96  96  96  ALA ALA A . n 
A 1 97  LEU 97  97  97  LEU LEU A . n 
A 1 98  LEU 98  98  98  LEU LEU A . n 
A 1 99  GLN 99  99  99  GLN GLN A . n 
A 1 100 PHE 100 100 100 PHE PHE A . n 
A 1 101 ASN 101 101 101 ASN ASN A . n 
A 1 102 ALA 102 102 102 ALA ALA A . n 
A 1 103 PHE 103 103 103 PHE PHE A . n 
A 1 104 PRO 104 104 104 PRO PRO A . n 
A 1 105 ALA 105 105 105 ALA ALA A . n 
A 1 106 SER 106 106 106 SER SER A . n 
A 1 107 GLU 107 107 107 GLU GLU A . n 
A 1 108 GLU 108 108 108 GLU GLU A . n 
A 1 109 ILE 109 109 109 ILE ILE A . n 
A 1 110 ASN 110 110 110 ASN ASN A . n 
A 1 111 HIS 111 111 111 HIS HIS A . n 
A 1 112 ARG 112 112 112 ARG ARG A . n 
A 1 113 LYS 113 113 113 LYS LYS A . n 
A 1 114 ARG 114 114 114 ARG ARG A . n 
A 1 115 MET 115 115 115 MET MET A . n 
A 1 116 GLY 116 116 116 GLY GLY A . n 
A 1 117 LEU 117 117 117 LEU LEU A . n 
A 1 118 ILE 118 118 118 ILE ILE A . n 
A 1 119 LEU 119 119 119 LEU LEU A . n 
A 1 120 ARG 120 120 120 ARG ARG A . n 
A 1 121 VAL 121 121 121 VAL VAL A . n 
A 1 122 PRO 122 122 122 PRO PRO A . n 
A 1 123 ALA 123 123 123 ALA ALA A . n 
A 1 124 LEU 124 124 124 LEU LEU A . n 
A 1 125 GLN 125 125 125 GLN GLN A . n 
A 1 126 ALA 126 126 126 ALA ALA A . n 
A 1 127 TYR 127 127 127 TYR TYR A . n 
A 1 128 SER 128 128 128 SER SER A . n 
A 1 129 VAL 129 129 129 VAL VAL A . n 
A 1 130 VAL 130 130 130 VAL VAL A . n 
A 1 131 MET 131 131 131 MET MET A . n 
A 1 132 TYR 132 132 132 TYR TYR A . n 
A 1 133 GLU 133 133 133 GLU GLU A . n 
A 1 134 GLY 134 134 134 GLY GLY A . n 
A 1 135 TRP 135 135 135 TRP TRP A . n 
A 1 136 ARG 136 136 136 ARG ARG A . n 
A 1 137 ASN 137 137 137 ASN ASN A . n 
A 1 138 VAL 138 138 138 VAL VAL A . n 
A 1 139 ILE 139 139 139 ILE ILE A . n 
A 1 140 ALA 140 140 140 ALA ALA A . n 
A 1 141 GLU 141 141 141 GLU GLU A . n 
A 1 142 TYR 142 142 142 TYR TYR A . n 
A 1 143 VAL 143 143 143 VAL VAL A . n 
A 1 144 ALA 144 144 144 ALA ALA A . n 
A 1 145 SER 145 145 145 SER SER A . n 
A 1 146 ARG 146 146 146 ARG ARG A . n 
A 1 147 LEU 147 147 147 LEU LEU A . n 
A 1 148 GLY 148 148 148 GLY GLY A . n 
A 1 149 THR 149 149 149 THR THR A . n 
A 1 150 SER 150 150 150 SER SER A . n 
A 1 151 PRO 151 151 151 PRO PRO A . n 
A 1 152 THR 152 152 152 THR THR A . n 
A 1 153 ASP 153 153 153 ASP ASP A . n 
A 1 154 HIS 154 154 154 HIS HIS A . n 
A 1 155 VAL 155 155 155 VAL VAL A . n 
A 1 156 PRO 156 156 156 PRO PRO A . n 
A 1 157 ARG 157 157 157 ARG ARG A . n 
A 1 158 THR 158 158 158 THR THR A . n 
A 1 159 VAL 159 159 159 VAL VAL A . n 
A 1 160 GLY 160 160 160 GLY GLY A . n 
A 1 161 TYR 161 161 161 TYR TYR A . n 
A 1 162 LEU 162 162 162 LEU LEU A . n 
A 1 163 LEU 163 163 163 LEU LEU A . n 
A 1 164 LEU 164 164 164 LEU LEU A . n 
A 1 165 GLY 165 165 165 GLY GLY A . n 
A 1 166 VAL 166 166 166 VAL VAL A . n 
A 1 167 ALA 167 167 167 ALA ALA A . n 
A 1 168 MET 168 168 168 MET MET A . n 
A 1 169 SER 169 169 169 SER SER A . n 
A 1 170 ALA 170 170 170 ALA ALA A . n 
A 1 171 TYR 171 171 171 TYR TYR A . n 
A 1 172 GLU 172 172 172 GLU GLU A . n 
A 1 173 GLN 173 173 173 GLN GLN A . n 
A 1 174 TRP 174 174 174 TRP TRP A . n 
A 1 175 LEU 175 175 175 LEU LEU A . n 
A 1 176 ASP 176 176 176 ASP ASP A . n 
A 1 177 ASP 177 177 177 ASP ASP A . n 
A 1 178 ASP 178 178 178 ASP ASP A . n 
A 1 179 SER 179 179 179 SER SER A . n 
A 1 180 LEU 180 180 180 LEU LEU A . n 
A 1 181 GLU 181 181 181 GLU GLU A . n 
A 1 182 LEU 182 182 182 LEU LEU A . n 
A 1 183 ASN 183 183 183 ASN ASN A . n 
A 1 184 GLU 184 184 184 GLU GLU A . n 
A 1 185 LEU 185 185 185 LEU LEU A . n 
A 1 186 LEU 186 186 186 LEU LEU A . n 
A 1 187 ALA 187 187 187 ALA ALA A . n 
A 1 188 SER 188 188 188 SER SER A . n 
A 1 189 GLY 189 189 189 GLY GLY A . n 
A 1 190 MET 190 190 190 MET MET A . n 
A 1 191 GLN 191 191 191 GLN GLN A . n 
A 1 192 SER 192 192 192 SER SER A . n 
A 1 193 LEU 193 193 193 LEU LEU A . n 
A 1 194 TYR 194 194 194 TYR TYR A . n 
A 1 195 ASP 195 195 195 ASP ASP A . n 
A 1 196 GLY 196 196 196 GLY GLY A . n 
A 1 197 LEU 197 197 197 LEU LEU A . n 
A 1 198 SER 198 198 198 SER SER A . n 
A 1 199 SER 199 199 199 SER SER A . n 
A 1 200 LEU 200 200 200 LEU LEU A . n 
A 1 201 GLY 201 201 201 GLY GLY A . n 
A 1 202 GLU 202 202 202 GLU GLU A . n 
A 1 203 PRO 203 203 203 PRO PRO A . n 
A 1 204 ASP 204 204 ?   ?   ?   A . n 
A 1 205 THR 205 205 ?   ?   ?   A . n 
A 1 206 ARG 206 206 ?   ?   ?   A . n 
A 1 207 THR 207 207 ?   ?   ?   A . n 
# 
loop_
_pdbx_nonpoly_scheme.asym_id 
_pdbx_nonpoly_scheme.entity_id 
_pdbx_nonpoly_scheme.mon_id 
_pdbx_nonpoly_scheme.ndb_seq_num 
_pdbx_nonpoly_scheme.pdb_seq_num 
_pdbx_nonpoly_scheme.auth_seq_num 
_pdbx_nonpoly_scheme.pdb_mon_id 
_pdbx_nonpoly_scheme.auth_mon_id 
_pdbx_nonpoly_scheme.pdb_strand_id 
_pdbx_nonpoly_scheme.pdb_ins_code 
B 2 HOH 1  208 1  HOH HOH A . 
B 2 HOH 2  209 2  HOH HOH A . 
B 2 HOH 3  210 3  HOH HOH A . 
B 2 HOH 4  211 4  HOH HOH A . 
B 2 HOH 5  212 5  HOH HOH A . 
B 2 HOH 6  213 6  HOH HOH A . 
B 2 HOH 7  214 7  HOH HOH A . 
B 2 HOH 8  215 8  HOH HOH A . 
B 2 HOH 9  216 9  HOH HOH A . 
B 2 HOH 10 217 10 HOH HOH A . 
B 2 HOH 11 218 11 HOH HOH A . 
B 2 HOH 12 219 12 HOH HOH A . 
B 2 HOH 13 220 13 HOH HOH A . 
B 2 HOH 14 221 14 HOH HOH A . 
B 2 HOH 15 222 15 HOH HOH A . 
B 2 HOH 16 223 16 HOH HOH A . 
B 2 HOH 17 224 17 HOH HOH A . 
B 2 HOH 18 225 18 HOH HOH A . 
B 2 HOH 19 226 19 HOH HOH A . 
B 2 HOH 20 227 20 HOH HOH A . 
B 2 HOH 21 228 21 HOH HOH A . 
B 2 HOH 22 229 22 HOH HOH A . 
B 2 HOH 23 230 23 HOH HOH A . 
B 2 HOH 24 231 24 HOH HOH A . 
B 2 HOH 25 232 25 HOH HOH A . 
B 2 HOH 26 233 26 HOH HOH A . 
B 2 HOH 27 234 27 HOH HOH A . 
B 2 HOH 28 235 28 HOH HOH A . 
B 2 HOH 29 236 29 HOH HOH A . 
B 2 HOH 30 237 30 HOH HOH A . 
B 2 HOH 31 238 31 HOH HOH A . 
B 2 HOH 32 239 32 HOH HOH A . 
B 2 HOH 33 240 33 HOH HOH A . 
B 2 HOH 34 241 34 HOH HOH A . 
B 2 HOH 35 242 35 HOH HOH A . 
B 2 HOH 36 243 36 HOH HOH A . 
B 2 HOH 37 244 37 HOH HOH A . 
B 2 HOH 38 245 38 HOH HOH A . 
B 2 HOH 39 246 39 HOH HOH A . 
# 
loop_
_software.name 
_software.classification 
_software.version 
_software.citation_id 
_software.pdbx_ordinal 
REFMAC      refinement        5.2.0019 ? 1 
SBC-Collect 'data collection' .        ? 2 
HKL-3000    'data reduction'  .        ? 3 
HKL-3000    'data scaling'    .        ? 4 
HKL-3000    phasing           .        ? 5 
# 
_cell.entry_id           2RAE 
_cell.length_a           65.107 
_cell.length_b           65.107 
_cell.length_c           106.627 
_cell.angle_alpha        90.00 
_cell.angle_beta         90.00 
_cell.angle_gamma        90.00 
_cell.Z_PDB              8 
_cell.pdbx_unique_axis   ? 
_cell.length_a_esd       ? 
_cell.length_b_esd       ? 
_cell.length_c_esd       ? 
_cell.angle_alpha_esd    ? 
_cell.angle_beta_esd     ? 
_cell.angle_gamma_esd    ? 
# 
_symmetry.entry_id                         2RAE 
_symmetry.space_group_name_H-M             'P 43 21 2' 
_symmetry.pdbx_full_space_group_name_H-M   ? 
_symmetry.cell_setting                     ? 
_symmetry.Int_Tables_number                96 
_symmetry.space_group_name_Hall            ? 
# 
_exptl.entry_id          2RAE 
_exptl.method            'X-RAY DIFFRACTION' 
_exptl.crystals_number   1 
# 
_exptl_crystal.id                    1 
_exptl_crystal.density_meas          ? 
_exptl_crystal.density_Matthews      2.46 
_exptl_crystal.density_percent_sol   49.96 
_exptl_crystal.description           ? 
_exptl_crystal.F_000                 ? 
_exptl_crystal.preparation           ? 
# 
_exptl_crystal_grow.crystal_id      1 
_exptl_crystal_grow.method          'VAPOR DIFFUSION, HANGING DROP' 
_exptl_crystal_grow.temp            295 
_exptl_crystal_grow.temp_details    ? 
_exptl_crystal_grow.pH              ? 
_exptl_crystal_grow.pdbx_details    '20% PEG 3350, 0.2M K Citrate, VAPOR DIFFUSION, HANGING DROP, temperature 295K' 
_exptl_crystal_grow.pdbx_pH_range   . 
# 
_diffrn.id                     1 
_diffrn.ambient_temp           100 
_diffrn.ambient_temp_details   ? 
_diffrn.crystal_id             1 
# 
_diffrn_detector.diffrn_id              1 
_diffrn_detector.detector               CCD 
_diffrn_detector.type                   'ADSC QUANTUM 315' 
_diffrn_detector.pdbx_collection_date   2007-06-05 
_diffrn_detector.details                mirrors 
# 
_diffrn_radiation.diffrn_id                        1 
_diffrn_radiation.wavelength_id                    1 
_diffrn_radiation.pdbx_monochromatic_or_laue_m_l   M 
_diffrn_radiation.monochromator                    'Si 111 channel' 
_diffrn_radiation.pdbx_diffrn_protocol             'SINGLE WAVELENGTH' 
_diffrn_radiation.pdbx_scattering_type             x-ray 
# 
_diffrn_radiation_wavelength.id           1 
_diffrn_radiation_wavelength.wavelength   0.97940 
_diffrn_radiation_wavelength.wt           1.0 
# 
_diffrn_source.diffrn_id                   1 
_diffrn_source.source                      SYNCHROTRON 
_diffrn_source.type                        'APS BEAMLINE 19-ID' 
_diffrn_source.pdbx_synchrotron_site       APS 
_diffrn_source.pdbx_synchrotron_beamline   19-ID 
_diffrn_source.pdbx_wavelength             ? 
_diffrn_source.pdbx_wavelength_list        0.97940 
# 
_reflns.entry_id                     2RAE 
_reflns.observed_criterion_sigma_F   ? 
_reflns.observed_criterion_sigma_I   2.0 
_reflns.d_resolution_high            2.2 
_reflns.d_resolution_low             55.56 
_reflns.number_all                   11642 
_reflns.number_obs                   11548 
_reflns.percent_possible_obs         99.19 
_reflns.pdbx_Rmerge_I_obs            0.084 
_reflns.pdbx_Rsym_value              ? 
_reflns.pdbx_netI_over_sigmaI        49.3 
_reflns.B_iso_Wilson_estimate        46.7 
_reflns.pdbx_redundancy              16.8 
_reflns.R_free_details               ? 
_reflns.limit_h_max                  ? 
_reflns.limit_h_min                  ? 
_reflns.limit_k_max                  ? 
_reflns.limit_k_min                  ? 
_reflns.limit_l_max                  ? 
_reflns.limit_l_min                  ? 
_reflns.observed_criterion_F_max     ? 
_reflns.observed_criterion_F_min     ? 
_reflns.pdbx_chi_squared             ? 
_reflns.pdbx_scaling_rejects         ? 
_reflns.pdbx_ordinal                 1 
_reflns.pdbx_diffrn_id               1 
# 
_reflns_shell.d_res_high             2.2 
_reflns_shell.d_res_low              2.257 
_reflns_shell.percent_possible_all   97.60 
_reflns_shell.Rmerge_I_obs           0.58 
_reflns_shell.pdbx_Rsym_value        ? 
_reflns_shell.meanI_over_sigI_obs    1.85 
_reflns_shell.pdbx_redundancy        10.3 
_reflns_shell.percent_possible_obs   ? 
_reflns_shell.number_unique_all      875 
_reflns_shell.number_measured_all    ? 
_reflns_shell.number_measured_obs    ? 
_reflns_shell.number_unique_obs      ? 
_reflns_shell.pdbx_chi_squared       ? 
_reflns_shell.pdbx_ordinal           1 
_reflns_shell.pdbx_diffrn_id         1 
# 
_refine.entry_id                                 2RAE 
_refine.ls_number_reflns_obs                     11548 
_refine.ls_number_reflns_all                     11548 
_refine.pdbx_ls_sigma_I                          0 
_refine.pdbx_ls_sigma_F                          0 
_refine.pdbx_data_cutoff_high_absF               ? 
_refine.pdbx_data_cutoff_low_absF                ? 
_refine.pdbx_data_cutoff_high_rms_absF           ? 
_refine.ls_d_res_low                             55.56 
_refine.ls_d_res_high                            2.20 
_refine.ls_percent_reflns_obs                    99.19 
_refine.ls_R_factor_obs                          0.2339 
_refine.ls_R_factor_all                          0.2339 
_refine.ls_R_factor_R_work                       0.23299 
_refine.ls_R_factor_R_free                       0.25257 
_refine.ls_R_factor_R_free_error                 ? 
_refine.ls_R_factor_R_free_error_details         ? 
_refine.ls_percent_reflns_R_free                 4.8 
_refine.ls_number_reflns_R_free                  580 
_refine.ls_number_parameters                     ? 
_refine.ls_number_restraints                     ? 
_refine.occupancy_min                            ? 
_refine.occupancy_max                            ? 
_refine.correlation_coeff_Fo_to_Fc               0.942 
_refine.correlation_coeff_Fo_to_Fc_free          0.938 
_refine.B_iso_mean                               46.766 
_refine.aniso_B[1][1]                            -0.49 
_refine.aniso_B[2][2]                            -0.49 
_refine.aniso_B[3][3]                            0.98 
_refine.aniso_B[1][2]                            0.00 
_refine.aniso_B[1][3]                            0.00 
_refine.aniso_B[2][3]                            0.00 
_refine.solvent_model_details                    MASK 
_refine.solvent_model_param_ksol                 ? 
_refine.solvent_model_param_bsol                 ? 
_refine.pdbx_solvent_vdw_probe_radii             1.20 
_refine.pdbx_solvent_ion_probe_radii             0.80 
_refine.pdbx_solvent_shrinkage_radii             0.80 
_refine.pdbx_ls_cross_valid_method               THROUGHOUT 
_refine.details                                  'HYDROGENS HAVE BEEN ADDED IN THE RIDING POSITIONS' 
_refine.pdbx_starting_model                      ? 
_refine.pdbx_method_to_determine_struct          SAD 
_refine.pdbx_isotropic_thermal_model             ? 
_refine.pdbx_stereochemistry_target_values       'MAXIMUM LIKELIHOOD WITH PHASES' 
_refine.pdbx_stereochem_target_val_spec_case     ? 
_refine.pdbx_R_Free_selection_details            RANDOM 
_refine.pdbx_overall_ESU_R                       0.279 
_refine.pdbx_overall_ESU_R_Free                  0.207 
_refine.overall_SU_ML                            0.192 
_refine.overall_SU_B                             15.941 
_refine.ls_redundancy_reflns_obs                 ? 
_refine.B_iso_min                                ? 
_refine.B_iso_max                                ? 
_refine.overall_SU_R_Cruickshank_DPI             ? 
_refine.overall_SU_R_free                        ? 
_refine.ls_wR_factor_R_free                      ? 
_refine.ls_wR_factor_R_work                      ? 
_refine.overall_FOM_free_R_set                   ? 
_refine.overall_FOM_work_R_set                   ? 
_refine.pdbx_refine_id                           'X-RAY DIFFRACTION' 
_refine.pdbx_TLS_residual_ADP_flag               'LIKELY RESIDUAL' 
_refine.pdbx_diffrn_id                           1 
_refine.pdbx_overall_phase_error                 ? 
_refine.pdbx_overall_SU_R_free_Cruickshank_DPI   ? 
_refine.pdbx_overall_SU_R_Blow_DPI               ? 
_refine.pdbx_overall_SU_R_free_Blow_DPI          ? 
# 
_refine_hist.pdbx_refine_id                   'X-RAY DIFFRACTION' 
_refine_hist.cycle_id                         LAST 
_refine_hist.pdbx_number_atoms_protein        1498 
_refine_hist.pdbx_number_atoms_nucleic_acid   0 
_refine_hist.pdbx_number_atoms_ligand         0 
_refine_hist.number_atoms_solvent             39 
_refine_hist.number_atoms_total               1537 
_refine_hist.d_res_high                       2.20 
_refine_hist.d_res_low                        55.56 
# 
loop_
_refine_ls_restr.type 
_refine_ls_restr.dev_ideal 
_refine_ls_restr.dev_ideal_target 
_refine_ls_restr.weight 
_refine_ls_restr.number 
_refine_ls_restr.pdbx_refine_id 
_refine_ls_restr.pdbx_restraint_function 
r_bond_refined_d         0.014  0.022  ? 1530 'X-RAY DIFFRACTION' ? 
r_bond_other_d           0.001  0.020  ? 1023 'X-RAY DIFFRACTION' ? 
r_angle_refined_deg      1.370  1.965  ? 2082 'X-RAY DIFFRACTION' ? 
r_angle_other_deg        0.984  3.000  ? 2481 'X-RAY DIFFRACTION' ? 
r_dihedral_angle_1_deg   5.343  5.000  ? 192  'X-RAY DIFFRACTION' ? 
r_dihedral_angle_2_deg   34.526 23.611 ? 72   'X-RAY DIFFRACTION' ? 
r_dihedral_angle_3_deg   16.780 15.000 ? 243  'X-RAY DIFFRACTION' ? 
r_dihedral_angle_4_deg   16.165 15.000 ? 13   'X-RAY DIFFRACTION' ? 
r_chiral_restr           0.078  0.200  ? 233  'X-RAY DIFFRACTION' ? 
r_gen_planes_refined     0.005  0.020  ? 1728 'X-RAY DIFFRACTION' ? 
r_gen_planes_other       0.001  0.020  ? 318  'X-RAY DIFFRACTION' ? 
r_nbd_refined            0.208  0.200  ? 360  'X-RAY DIFFRACTION' ? 
r_nbd_other              0.184  0.200  ? 978  'X-RAY DIFFRACTION' ? 
r_nbtor_refined          0.180  0.200  ? 765  'X-RAY DIFFRACTION' ? 
r_nbtor_other            0.086  0.200  ? 761  'X-RAY DIFFRACTION' ? 
r_xyhbond_nbd_refined    0.181  0.200  ? 35   'X-RAY DIFFRACTION' ? 
r_symmetry_vdw_refined   0.231  0.200  ? 6    'X-RAY DIFFRACTION' ? 
r_symmetry_vdw_other     0.270  0.200  ? 33   'X-RAY DIFFRACTION' ? 
r_symmetry_hbond_refined 0.225  0.200  ? 3    'X-RAY DIFFRACTION' ? 
r_mcbond_it              0.865  1.500  ? 1251 'X-RAY DIFFRACTION' ? 
r_mcbond_other           0.147  1.500  ? 389  'X-RAY DIFFRACTION' ? 
r_mcangle_it             1.032  2.000  ? 1540 'X-RAY DIFFRACTION' ? 
r_scbond_it              1.969  3.000  ? 661  'X-RAY DIFFRACTION' ? 
r_scangle_it             2.700  4.500  ? 542  'X-RAY DIFFRACTION' ? 
# 
_refine_ls_shell.pdbx_total_number_of_bins_used   20 
_refine_ls_shell.d_res_high                       2.200 
_refine_ls_shell.d_res_low                        2.257 
_refine_ls_shell.number_reflns_R_work             815 
_refine_ls_shell.R_factor_R_work                  0.308 
_refine_ls_shell.percent_reflns_obs               97.60 
_refine_ls_shell.R_factor_R_free                  0.322 
_refine_ls_shell.R_factor_R_free_error            ? 
_refine_ls_shell.percent_reflns_R_free            ? 
_refine_ls_shell.number_reflns_R_free             39 
_refine_ls_shell.number_reflns_all                ? 
_refine_ls_shell.R_factor_all                     ? 
_refine_ls_shell.number_reflns_obs                854 
_refine_ls_shell.redundancy_reflns_obs            ? 
_refine_ls_shell.pdbx_refine_id                   'X-RAY DIFFRACTION' 
# 
_struct.entry_id                  2RAE 
_struct.title                     'Crystal structure of a TetR/AcrR family transcriptional regulator from Rhodococcus sp. RHA1' 
_struct.pdbx_model_details        ? 
_struct.pdbx_CASP_flag            ? 
_struct.pdbx_model_type_details   ? 
# 
_struct_keywords.entry_id        2RAE 
_struct_keywords.pdbx_keywords   TRANSCRIPTION 
_struct_keywords.text            
;TetR/AcrR family transcriptional regulator, structural genomics, PSI-2, RHA08332, MCSG, Protein Structure Initiative, Midwest Center for Structural Genomics, DNA-binding, Transcription regulation, TRANSCRIPTION
;
# 
loop_
_struct_asym.id 
_struct_asym.pdbx_blank_PDB_chainid_flag 
_struct_asym.pdbx_modified 
_struct_asym.entity_id 
_struct_asym.details 
A N N 1 ? 
B N N 2 ? 
# 
_struct_ref.id                         1 
_struct_ref.db_name                    UNP 
_struct_ref.db_code                    Q0S3N9_RHOSR 
_struct_ref.pdbx_db_accession          Q0S3N9 
_struct_ref.entity_id                  1 
_struct_ref.pdbx_seq_one_letter_code   
;RSRRKPSSRIGRRPSTTQDRISTVGIELFTEQGFDATSVDEVAEASGIARRTLFRYFPSKNAIPWGDFDAHLAEMRAQLA
AQPDDIPIVDGLTAALLQFNAFPASEEINHRKRMGLILRVPALQAYSVVMYEGWRNVIAEYVASRLGTSPTDHVPRTVGY
LLLGVAMSAYEQWLDDDSLELNELLASGMQSLYDGLSSLGEPDTRT
;
_struct_ref.pdbx_align_begin           2 
_struct_ref.pdbx_db_isoform            ? 
# 
_struct_ref_seq.align_id                      1 
_struct_ref_seq.ref_id                        1 
_struct_ref_seq.pdbx_PDB_id_code              2RAE 
_struct_ref_seq.pdbx_strand_id                A 
_struct_ref_seq.seq_align_beg                 2 
_struct_ref_seq.pdbx_seq_align_beg_ins_code   ? 
_struct_ref_seq.seq_align_end                 207 
_struct_ref_seq.pdbx_seq_align_end_ins_code   ? 
_struct_ref_seq.pdbx_db_accession             Q0S3N9 
_struct_ref_seq.db_align_beg                  2 
_struct_ref_seq.pdbx_db_align_beg_ins_code    ? 
_struct_ref_seq.db_align_end                  207 
_struct_ref_seq.pdbx_db_align_end_ins_code    ? 
_struct_ref_seq.pdbx_auth_seq_align_beg       2 
_struct_ref_seq.pdbx_auth_seq_align_end       207 
# 
_struct_ref_seq_dif.align_id                     1 
_struct_ref_seq_dif.pdbx_pdb_id_code             2RAE 
_struct_ref_seq_dif.mon_id                       LEU 
_struct_ref_seq_dif.pdbx_pdb_strand_id           A 
_struct_ref_seq_dif.seq_num                      1 
_struct_ref_seq_dif.pdbx_pdb_ins_code            ? 
_struct_ref_seq_dif.pdbx_seq_db_name             UNP 
_struct_ref_seq_dif.pdbx_seq_db_accession_code   Q0S3N9 
_struct_ref_seq_dif.db_mon_id                    ? 
_struct_ref_seq_dif.pdbx_seq_db_seq_num          ? 
_struct_ref_seq_dif.details                      'expression tag' 
_struct_ref_seq_dif.pdbx_auth_seq_num            1 
_struct_ref_seq_dif.pdbx_ordinal                 1 
# 
_pdbx_struct_assembly.id                   1 
_pdbx_struct_assembly.details              author_and_software_defined_assembly 
_pdbx_struct_assembly.method_details       PISA 
_pdbx_struct_assembly.oligomeric_details   dimeric 
_pdbx_struct_assembly.oligomeric_count     2 
# 
_pdbx_struct_assembly_prop.biol_id   1 
_pdbx_struct_assembly_prop.type      'ABSA (A^2)' 
_pdbx_struct_assembly_prop.value     3310 
_pdbx_struct_assembly_prop.details   ? 
# 
_pdbx_struct_assembly_gen.assembly_id       1 
_pdbx_struct_assembly_gen.oper_expression   1,2 
_pdbx_struct_assembly_gen.asym_id_list      A,B 
# 
loop_
_pdbx_struct_oper_list.id 
_pdbx_struct_oper_list.type 
_pdbx_struct_oper_list.name 
_pdbx_struct_oper_list.symmetry_operation 
_pdbx_struct_oper_list.matrix[1][1] 
_pdbx_struct_oper_list.matrix[1][2] 
_pdbx_struct_oper_list.matrix[1][3] 
_pdbx_struct_oper_list.vector[1] 
_pdbx_struct_oper_list.matrix[2][1] 
_pdbx_struct_oper_list.matrix[2][2] 
_pdbx_struct_oper_list.matrix[2][3] 
_pdbx_struct_oper_list.vector[2] 
_pdbx_struct_oper_list.matrix[3][1] 
_pdbx_struct_oper_list.matrix[3][2] 
_pdbx_struct_oper_list.matrix[3][3] 
_pdbx_struct_oper_list.vector[3] 
1 'identity operation'         1_555 x,y,z    1.0000000000  0.0000000000  0.0000000000  0.0000000000  0.0000000000  1.0000000000  0.0000000000 0.0000000000   0.0000000000  0.0000000000 1.0000000000 0.0000000000  
2 'crystal symmetry operation' 7_556 y,x,-z+1 -0.8024608838 -0.3095428775 -0.5101369787 15.8789639688 -0.3095428775 -0.5149477490 0.7993822758 -13.7295686627 -0.5101369787 0.7993822758 0.3174086328 14.4796535200 
# 
_struct_biol.id        1 
_struct_biol.details   
;The second part of the biological assembly is generated  
by the operation:  y,x,1-z
;
# 
loop_
_struct_conf.conf_type_id 
_struct_conf.id 
_struct_conf.pdbx_PDB_helix_id 
_struct_conf.beg_label_comp_id 
_struct_conf.beg_label_asym_id 
_struct_conf.beg_label_seq_id 
_struct_conf.pdbx_beg_PDB_ins_code 
_struct_conf.end_label_comp_id 
_struct_conf.end_label_asym_id 
_struct_conf.end_label_seq_id 
_struct_conf.pdbx_end_PDB_ins_code 
_struct_conf.beg_auth_comp_id 
_struct_conf.beg_auth_asym_id 
_struct_conf.beg_auth_seq_id 
_struct_conf.end_auth_comp_id 
_struct_conf.end_auth_asym_id 
_struct_conf.end_auth_seq_id 
_struct_conf.pdbx_PDB_helix_class 
_struct_conf.details 
_struct_conf.pdbx_PDB_helix_length 
HELX_P HELX_P1  1  THR A 17  ? GLY A 34  ? THR A 17  GLY A 34  1 ? 18 
HELX_P HELX_P2  2  SER A 39  ? SER A 47  ? SER A 39  SER A 47  1 ? 9  
HELX_P HELX_P3  3  ALA A 50  ? PHE A 58  ? ALA A 50  PHE A 58  1 ? 9  
HELX_P HELX_P4  4  ALA A 63  ? GLY A 67  ? ALA A 63  GLY A 67  5 ? 5  
HELX_P HELX_P5  5  ASP A 68  ? GLN A 83  ? ASP A 68  GLN A 83  1 ? 16 
HELX_P HELX_P6  6  PRO A 88  ? PHE A 100 ? PRO A 88  PHE A 100 1 ? 13 
HELX_P HELX_P7  7  PRO A 104 ? SER A 106 ? PRO A 104 SER A 106 5 ? 3  
HELX_P HELX_P8  8  GLU A 107 ? VAL A 121 ? GLU A 107 VAL A 121 1 ? 15 
HELX_P HELX_P9  9  VAL A 121 ? GLY A 148 ? VAL A 121 GLY A 148 1 ? 28 
HELX_P HELX_P10 10 ASP A 153 ? ASP A 177 ? ASP A 153 ASP A 177 1 ? 25 
HELX_P HELX_P11 11 GLU A 181 ? GLY A 196 ? GLU A 181 GLY A 196 1 ? 16 
# 
_struct_conf_type.id          HELX_P 
_struct_conf_type.criteria    ? 
_struct_conf_type.reference   ? 
# 
_pdbx_validate_torsion.id              1 
_pdbx_validate_torsion.PDB_model_num   1 
_pdbx_validate_torsion.auth_comp_id    ASP 
_pdbx_validate_torsion.auth_asym_id    A 
_pdbx_validate_torsion.auth_seq_id     178 
_pdbx_validate_torsion.PDB_ins_code    ? 
_pdbx_validate_torsion.label_alt_id    ? 
_pdbx_validate_torsion.phi             -38.71 
_pdbx_validate_torsion.psi             -36.59 
# 
_pdbx_SG_project.id                    1 
_pdbx_SG_project.project_name          'PSI, Protein Structure Initiative' 
_pdbx_SG_project.full_name_of_center   'Midwest Center for Structural Genomics' 
_pdbx_SG_project.initial_of_center     MCSG 
# 
_pdbx_refine_tls.id               1 
_pdbx_refine_tls.details          ? 
_pdbx_refine_tls.method           refined 
_pdbx_refine_tls.origin_x         0.0065 
_pdbx_refine_tls.origin_y         -0.0942 
_pdbx_refine_tls.origin_z         -0.2901 
_pdbx_refine_tls.T[1][1]          -0.0951 
_pdbx_refine_tls.T[2][2]          -0.3155 
_pdbx_refine_tls.T[3][3]          0.0325 
_pdbx_refine_tls.T[1][2]          -0.0372 
_pdbx_refine_tls.T[1][3]          0.0482 
_pdbx_refine_tls.T[2][3]          0.1252 
_pdbx_refine_tls.L[1][1]          2.0753 
_pdbx_refine_tls.L[2][2]          2.2869 
_pdbx_refine_tls.L[3][3]          4.0359 
_pdbx_refine_tls.L[1][2]          0.9037 
_pdbx_refine_tls.L[1][3]          0.9369 
_pdbx_refine_tls.L[2][3]          1.1834 
_pdbx_refine_tls.S[1][1]          -0.0276 
_pdbx_refine_tls.S[1][2]          -0.0666 
_pdbx_refine_tls.S[1][3]          0.2348 
_pdbx_refine_tls.S[2][1]          -0.0638 
_pdbx_refine_tls.S[2][2]          0.0890 
_pdbx_refine_tls.S[2][3]          0.1668 
_pdbx_refine_tls.S[3][1]          -0.2986 
_pdbx_refine_tls.S[3][2]          -0.2972 
_pdbx_refine_tls.S[3][3]          -0.0614 
_pdbx_refine_tls.pdbx_refine_id   'X-RAY DIFFRACTION' 
# 
loop_
_pdbx_refine_tls_group.id 
_pdbx_refine_tls_group.refine_tls_id 
_pdbx_refine_tls_group.beg_auth_asym_id 
_pdbx_refine_tls_group.beg_auth_seq_id 
_pdbx_refine_tls_group.beg_label_asym_id 
_pdbx_refine_tls_group.beg_label_seq_id 
_pdbx_refine_tls_group.end_auth_asym_id 
_pdbx_refine_tls_group.end_auth_seq_id 
_pdbx_refine_tls_group.end_label_asym_id 
_pdbx_refine_tls_group.end_label_seq_id 
_pdbx_refine_tls_group.selection 
_pdbx_refine_tls_group.pdbx_refine_id 
_pdbx_refine_tls_group.selection_details 
1 1 A 11  A 11  A 43  A 43  ? 'X-RAY DIFFRACTION' ? 
2 1 A 44  A 44  A 80  A 80  ? 'X-RAY DIFFRACTION' ? 
3 1 A 81  A 81  A 110 A 110 ? 'X-RAY DIFFRACTION' ? 
4 1 A 111 A 111 A 150 A 150 ? 'X-RAY DIFFRACTION' ? 
5 1 A 151 A 151 A 180 A 180 ? 'X-RAY DIFFRACTION' ? 
6 1 A 181 A 181 A 203 A 203 ? 'X-RAY DIFFRACTION' ? 
# 
loop_
_pdbx_unobs_or_zero_occ_residues.id 
_pdbx_unobs_or_zero_occ_residues.PDB_model_num 
_pdbx_unobs_or_zero_occ_residues.polymer_flag 
_pdbx_unobs_or_zero_occ_residues.occupancy_flag 
_pdbx_unobs_or_zero_occ_residues.auth_asym_id 
_pdbx_unobs_or_zero_occ_residues.auth_comp_id 
_pdbx_unobs_or_zero_occ_residues.auth_seq_id 
_pdbx_unobs_or_zero_occ_residues.PDB_ins_code 
_pdbx_unobs_or_zero_occ_residues.label_asym_id 
_pdbx_unobs_or_zero_occ_residues.label_comp_id 
_pdbx_unobs_or_zero_occ_residues.label_seq_id 
1  1 Y 1 A LEU 1   ? A LEU 1   
2  1 Y 1 A ARG 2   ? A ARG 2   
3  1 Y 1 A SER 3   ? A SER 3   
4  1 Y 1 A ARG 4   ? A ARG 4   
5  1 Y 1 A ARG 5   ? A ARG 5   
6  1 Y 1 A LYS 6   ? A LYS 6   
7  1 Y 1 A PRO 7   ? A PRO 7   
8  1 Y 1 A SER 8   ? A SER 8   
9  1 Y 1 A SER 9   ? A SER 9   
10 1 Y 1 A ARG 10  ? A ARG 10  
11 1 Y 1 A ASP 204 ? A ASP 204 
12 1 Y 1 A THR 205 ? A THR 205 
13 1 Y 1 A ARG 206 ? A ARG 206 
14 1 Y 1 A THR 207 ? A THR 207 
# 
loop_
_chem_comp_atom.comp_id 
_chem_comp_atom.atom_id 
_chem_comp_atom.type_symbol 
_chem_comp_atom.pdbx_aromatic_flag 
_chem_comp_atom.pdbx_stereo_config 
_chem_comp_atom.pdbx_ordinal 
ALA N    N N N 1   
ALA CA   C N S 2   
ALA C    C N N 3   
ALA O    O N N 4   
ALA CB   C N N 5   
ALA OXT  O N N 6   
ALA H    H N N 7   
ALA H2   H N N 8   
ALA HA   H N N 9   
ALA HB1  H N N 10  
ALA HB2  H N N 11  
ALA HB3  H N N 12  
ALA HXT  H N N 13  
ARG N    N N N 14  
ARG CA   C N S 15  
ARG C    C N N 16  
ARG O    O N N 17  
ARG CB   C N N 18  
ARG CG   C N N 19  
ARG CD   C N N 20  
ARG NE   N N N 21  
ARG CZ   C N N 22  
ARG NH1  N N N 23  
ARG NH2  N N N 24  
ARG OXT  O N N 25  
ARG H    H N N 26  
ARG H2   H N N 27  
ARG HA   H N N 28  
ARG HB2  H N N 29  
ARG HB3  H N N 30  
ARG HG2  H N N 31  
ARG HG3  H N N 32  
ARG HD2  H N N 33  
ARG HD3  H N N 34  
ARG HE   H N N 35  
ARG HH11 H N N 36  
ARG HH12 H N N 37  
ARG HH21 H N N 38  
ARG HH22 H N N 39  
ARG HXT  H N N 40  
ASN N    N N N 41  
ASN CA   C N S 42  
ASN C    C N N 43  
ASN O    O N N 44  
ASN CB   C N N 45  
ASN CG   C N N 46  
ASN OD1  O N N 47  
ASN ND2  N N N 48  
ASN OXT  O N N 49  
ASN H    H N N 50  
ASN H2   H N N 51  
ASN HA   H N N 52  
ASN HB2  H N N 53  
ASN HB3  H N N 54  
ASN HD21 H N N 55  
ASN HD22 H N N 56  
ASN HXT  H N N 57  
ASP N    N N N 58  
ASP CA   C N S 59  
ASP C    C N N 60  
ASP O    O N N 61  
ASP CB   C N N 62  
ASP CG   C N N 63  
ASP OD1  O N N 64  
ASP OD2  O N N 65  
ASP OXT  O N N 66  
ASP H    H N N 67  
ASP H2   H N N 68  
ASP HA   H N N 69  
ASP HB2  H N N 70  
ASP HB3  H N N 71  
ASP HD2  H N N 72  
ASP HXT  H N N 73  
GLN N    N N N 74  
GLN CA   C N S 75  
GLN C    C N N 76  
GLN O    O N N 77  
GLN CB   C N N 78  
GLN CG   C N N 79  
GLN CD   C N N 80  
GLN OE1  O N N 81  
GLN NE2  N N N 82  
GLN OXT  O N N 83  
GLN H    H N N 84  
GLN H2   H N N 85  
GLN HA   H N N 86  
GLN HB2  H N N 87  
GLN HB3  H N N 88  
GLN HG2  H N N 89  
GLN HG3  H N N 90  
GLN HE21 H N N 91  
GLN HE22 H N N 92  
GLN HXT  H N N 93  
GLU N    N N N 94  
GLU CA   C N S 95  
GLU C    C N N 96  
GLU O    O N N 97  
GLU CB   C N N 98  
GLU CG   C N N 99  
GLU CD   C N N 100 
GLU OE1  O N N 101 
GLU OE2  O N N 102 
GLU OXT  O N N 103 
GLU H    H N N 104 
GLU H2   H N N 105 
GLU HA   H N N 106 
GLU HB2  H N N 107 
GLU HB3  H N N 108 
GLU HG2  H N N 109 
GLU HG3  H N N 110 
GLU HE2  H N N 111 
GLU HXT  H N N 112 
GLY N    N N N 113 
GLY CA   C N N 114 
GLY C    C N N 115 
GLY O    O N N 116 
GLY OXT  O N N 117 
GLY H    H N N 118 
GLY H2   H N N 119 
GLY HA2  H N N 120 
GLY HA3  H N N 121 
GLY HXT  H N N 122 
HIS N    N N N 123 
HIS CA   C N S 124 
HIS C    C N N 125 
HIS O    O N N 126 
HIS CB   C N N 127 
HIS CG   C Y N 128 
HIS ND1  N Y N 129 
HIS CD2  C Y N 130 
HIS CE1  C Y N 131 
HIS NE2  N Y N 132 
HIS OXT  O N N 133 
HIS H    H N N 134 
HIS H2   H N N 135 
HIS HA   H N N 136 
HIS HB2  H N N 137 
HIS HB3  H N N 138 
HIS HD1  H N N 139 
HIS HD2  H N N 140 
HIS HE1  H N N 141 
HIS HE2  H N N 142 
HIS HXT  H N N 143 
HOH O    O N N 144 
HOH H1   H N N 145 
HOH H2   H N N 146 
ILE N    N N N 147 
ILE CA   C N S 148 
ILE C    C N N 149 
ILE O    O N N 150 
ILE CB   C N S 151 
ILE CG1  C N N 152 
ILE CG2  C N N 153 
ILE CD1  C N N 154 
ILE OXT  O N N 155 
ILE H    H N N 156 
ILE H2   H N N 157 
ILE HA   H N N 158 
ILE HB   H N N 159 
ILE HG12 H N N 160 
ILE HG13 H N N 161 
ILE HG21 H N N 162 
ILE HG22 H N N 163 
ILE HG23 H N N 164 
ILE HD11 H N N 165 
ILE HD12 H N N 166 
ILE HD13 H N N 167 
ILE HXT  H N N 168 
LEU N    N N N 169 
LEU CA   C N S 170 
LEU C    C N N 171 
LEU O    O N N 172 
LEU CB   C N N 173 
LEU CG   C N N 174 
LEU CD1  C N N 175 
LEU CD2  C N N 176 
LEU OXT  O N N 177 
LEU H    H N N 178 
LEU H2   H N N 179 
LEU HA   H N N 180 
LEU HB2  H N N 181 
LEU HB3  H N N 182 
LEU HG   H N N 183 
LEU HD11 H N N 184 
LEU HD12 H N N 185 
LEU HD13 H N N 186 
LEU HD21 H N N 187 
LEU HD22 H N N 188 
LEU HD23 H N N 189 
LEU HXT  H N N 190 
LYS N    N N N 191 
LYS CA   C N S 192 
LYS C    C N N 193 
LYS O    O N N 194 
LYS CB   C N N 195 
LYS CG   C N N 196 
LYS CD   C N N 197 
LYS CE   C N N 198 
LYS NZ   N N N 199 
LYS OXT  O N N 200 
LYS H    H N N 201 
LYS H2   H N N 202 
LYS HA   H N N 203 
LYS HB2  H N N 204 
LYS HB3  H N N 205 
LYS HG2  H N N 206 
LYS HG3  H N N 207 
LYS HD2  H N N 208 
LYS HD3  H N N 209 
LYS HE2  H N N 210 
LYS HE3  H N N 211 
LYS HZ1  H N N 212 
LYS HZ2  H N N 213 
LYS HZ3  H N N 214 
LYS HXT  H N N 215 
MET N    N N N 216 
MET CA   C N S 217 
MET C    C N N 218 
MET O    O N N 219 
MET CB   C N N 220 
MET CG   C N N 221 
MET SD   S N N 222 
MET CE   C N N 223 
MET OXT  O N N 224 
MET H    H N N 225 
MET H2   H N N 226 
MET HA   H N N 227 
MET HB2  H N N 228 
MET HB3  H N N 229 
MET HG2  H N N 230 
MET HG3  H N N 231 
MET HE1  H N N 232 
MET HE2  H N N 233 
MET HE3  H N N 234 
MET HXT  H N N 235 
PHE N    N N N 236 
PHE CA   C N S 237 
PHE C    C N N 238 
PHE O    O N N 239 
PHE CB   C N N 240 
PHE CG   C Y N 241 
PHE CD1  C Y N 242 
PHE CD2  C Y N 243 
PHE CE1  C Y N 244 
PHE CE2  C Y N 245 
PHE CZ   C Y N 246 
PHE OXT  O N N 247 
PHE H    H N N 248 
PHE H2   H N N 249 
PHE HA   H N N 250 
PHE HB2  H N N 251 
PHE HB3  H N N 252 
PHE HD1  H N N 253 
PHE HD2  H N N 254 
PHE HE1  H N N 255 
PHE HE2  H N N 256 
PHE HZ   H N N 257 
PHE HXT  H N N 258 
PRO N    N N N 259 
PRO CA   C N S 260 
PRO C    C N N 261 
PRO O    O N N 262 
PRO CB   C N N 263 
PRO CG   C N N 264 
PRO CD   C N N 265 
PRO OXT  O N N 266 
PRO H    H N N 267 
PRO HA   H N N 268 
PRO HB2  H N N 269 
PRO HB3  H N N 270 
PRO HG2  H N N 271 
PRO HG3  H N N 272 
PRO HD2  H N N 273 
PRO HD3  H N N 274 
PRO HXT  H N N 275 
SER N    N N N 276 
SER CA   C N S 277 
SER C    C N N 278 
SER O    O N N 279 
SER CB   C N N 280 
SER OG   O N N 281 
SER OXT  O N N 282 
SER H    H N N 283 
SER H2   H N N 284 
SER HA   H N N 285 
SER HB2  H N N 286 
SER HB3  H N N 287 
SER HG   H N N 288 
SER HXT  H N N 289 
THR N    N N N 290 
THR CA   C N S 291 
THR C    C N N 292 
THR O    O N N 293 
THR CB   C N R 294 
THR OG1  O N N 295 
THR CG2  C N N 296 
THR OXT  O N N 297 
THR H    H N N 298 
THR H2   H N N 299 
THR HA   H N N 300 
THR HB   H N N 301 
THR HG1  H N N 302 
THR HG21 H N N 303 
THR HG22 H N N 304 
THR HG23 H N N 305 
THR HXT  H N N 306 
TRP N    N N N 307 
TRP CA   C N S 308 
TRP C    C N N 309 
TRP O    O N N 310 
TRP CB   C N N 311 
TRP CG   C Y N 312 
TRP CD1  C Y N 313 
TRP CD2  C Y N 314 
TRP NE1  N Y N 315 
TRP CE2  C Y N 316 
TRP CE3  C Y N 317 
TRP CZ2  C Y N 318 
TRP CZ3  C Y N 319 
TRP CH2  C Y N 320 
TRP OXT  O N N 321 
TRP H    H N N 322 
TRP H2   H N N 323 
TRP HA   H N N 324 
TRP HB2  H N N 325 
TRP HB3  H N N 326 
TRP HD1  H N N 327 
TRP HE1  H N N 328 
TRP HE3  H N N 329 
TRP HZ2  H N N 330 
TRP HZ3  H N N 331 
TRP HH2  H N N 332 
TRP HXT  H N N 333 
TYR N    N N N 334 
TYR CA   C N S 335 
TYR C    C N N 336 
TYR O    O N N 337 
TYR CB   C N N 338 
TYR CG   C Y N 339 
TYR CD1  C Y N 340 
TYR CD2  C Y N 341 
TYR CE1  C Y N 342 
TYR CE2  C Y N 343 
TYR CZ   C Y N 344 
TYR OH   O N N 345 
TYR OXT  O N N 346 
TYR H    H N N 347 
TYR H2   H N N 348 
TYR HA   H N N 349 
TYR HB2  H N N 350 
TYR HB3  H N N 351 
TYR HD1  H N N 352 
TYR HD2  H N N 353 
TYR HE1  H N N 354 
TYR HE2  H N N 355 
TYR HH   H N N 356 
TYR HXT  H N N 357 
VAL N    N N N 358 
VAL CA   C N S 359 
VAL C    C N N 360 
VAL O    O N N 361 
VAL CB   C N N 362 
VAL CG1  C N N 363 
VAL CG2  C N N 364 
VAL OXT  O N N 365 
VAL H    H N N 366 
VAL H2   H N N 367 
VAL HA   H N N 368 
VAL HB   H N N 369 
VAL HG11 H N N 370 
VAL HG12 H N N 371 
VAL HG13 H N N 372 
VAL HG21 H N N 373 
VAL HG22 H N N 374 
VAL HG23 H N N 375 
VAL HXT  H N N 376 
# 
loop_
_chem_comp_bond.comp_id 
_chem_comp_bond.atom_id_1 
_chem_comp_bond.atom_id_2 
_chem_comp_bond.value_order 
_chem_comp_bond.pdbx_aromatic_flag 
_chem_comp_bond.pdbx_stereo_config 
_chem_comp_bond.pdbx_ordinal 
ALA N   CA   sing N N 1   
ALA N   H    sing N N 2   
ALA N   H2   sing N N 3   
ALA CA  C    sing N N 4   
ALA CA  CB   sing N N 5   
ALA CA  HA   sing N N 6   
ALA C   O    doub N N 7   
ALA C   OXT  sing N N 8   
ALA CB  HB1  sing N N 9   
ALA CB  HB2  sing N N 10  
ALA CB  HB3  sing N N 11  
ALA OXT HXT  sing N N 12  
ARG N   CA   sing N N 13  
ARG N   H    sing N N 14  
ARG N   H2   sing N N 15  
ARG CA  C    sing N N 16  
ARG CA  CB   sing N N 17  
ARG CA  HA   sing N N 18  
ARG C   O    doub N N 19  
ARG C   OXT  sing N N 20  
ARG CB  CG   sing N N 21  
ARG CB  HB2  sing N N 22  
ARG CB  HB3  sing N N 23  
ARG CG  CD   sing N N 24  
ARG CG  HG2  sing N N 25  
ARG CG  HG3  sing N N 26  
ARG CD  NE   sing N N 27  
ARG CD  HD2  sing N N 28  
ARG CD  HD3  sing N N 29  
ARG NE  CZ   sing N N 30  
ARG NE  HE   sing N N 31  
ARG CZ  NH1  sing N N 32  
ARG CZ  NH2  doub N N 33  
ARG NH1 HH11 sing N N 34  
ARG NH1 HH12 sing N N 35  
ARG NH2 HH21 sing N N 36  
ARG NH2 HH22 sing N N 37  
ARG OXT HXT  sing N N 38  
ASN N   CA   sing N N 39  
ASN N   H    sing N N 40  
ASN N   H2   sing N N 41  
ASN CA  C    sing N N 42  
ASN CA  CB   sing N N 43  
ASN CA  HA   sing N N 44  
ASN C   O    doub N N 45  
ASN C   OXT  sing N N 46  
ASN CB  CG   sing N N 47  
ASN CB  HB2  sing N N 48  
ASN CB  HB3  sing N N 49  
ASN CG  OD1  doub N N 50  
ASN CG  ND2  sing N N 51  
ASN ND2 HD21 sing N N 52  
ASN ND2 HD22 sing N N 53  
ASN OXT HXT  sing N N 54  
ASP N   CA   sing N N 55  
ASP N   H    sing N N 56  
ASP N   H2   sing N N 57  
ASP CA  C    sing N N 58  
ASP CA  CB   sing N N 59  
ASP CA  HA   sing N N 60  
ASP C   O    doub N N 61  
ASP C   OXT  sing N N 62  
ASP CB  CG   sing N N 63  
ASP CB  HB2  sing N N 64  
ASP CB  HB3  sing N N 65  
ASP CG  OD1  doub N N 66  
ASP CG  OD2  sing N N 67  
ASP OD2 HD2  sing N N 68  
ASP OXT HXT  sing N N 69  
GLN N   CA   sing N N 70  
GLN N   H    sing N N 71  
GLN N   H2   sing N N 72  
GLN CA  C    sing N N 73  
GLN CA  CB   sing N N 74  
GLN CA  HA   sing N N 75  
GLN C   O    doub N N 76  
GLN C   OXT  sing N N 77  
GLN CB  CG   sing N N 78  
GLN CB  HB2  sing N N 79  
GLN CB  HB3  sing N N 80  
GLN CG  CD   sing N N 81  
GLN CG  HG2  sing N N 82  
GLN CG  HG3  sing N N 83  
GLN CD  OE1  doub N N 84  
GLN CD  NE2  sing N N 85  
GLN NE2 HE21 sing N N 86  
GLN NE2 HE22 sing N N 87  
GLN OXT HXT  sing N N 88  
GLU N   CA   sing N N 89  
GLU N   H    sing N N 90  
GLU N   H2   sing N N 91  
GLU CA  C    sing N N 92  
GLU CA  CB   sing N N 93  
GLU CA  HA   sing N N 94  
GLU C   O    doub N N 95  
GLU C   OXT  sing N N 96  
GLU CB  CG   sing N N 97  
GLU CB  HB2  sing N N 98  
GLU CB  HB3  sing N N 99  
GLU CG  CD   sing N N 100 
GLU CG  HG2  sing N N 101 
GLU CG  HG3  sing N N 102 
GLU CD  OE1  doub N N 103 
GLU CD  OE2  sing N N 104 
GLU OE2 HE2  sing N N 105 
GLU OXT HXT  sing N N 106 
GLY N   CA   sing N N 107 
GLY N   H    sing N N 108 
GLY N   H2   sing N N 109 
GLY CA  C    sing N N 110 
GLY CA  HA2  sing N N 111 
GLY CA  HA3  sing N N 112 
GLY C   O    doub N N 113 
GLY C   OXT  sing N N 114 
GLY OXT HXT  sing N N 115 
HIS N   CA   sing N N 116 
HIS N   H    sing N N 117 
HIS N   H2   sing N N 118 
HIS CA  C    sing N N 119 
HIS CA  CB   sing N N 120 
HIS CA  HA   sing N N 121 
HIS C   O    doub N N 122 
HIS C   OXT  sing N N 123 
HIS CB  CG   sing N N 124 
HIS CB  HB2  sing N N 125 
HIS CB  HB3  sing N N 126 
HIS CG  ND1  sing Y N 127 
HIS CG  CD2  doub Y N 128 
HIS ND1 CE1  doub Y N 129 
HIS ND1 HD1  sing N N 130 
HIS CD2 NE2  sing Y N 131 
HIS CD2 HD2  sing N N 132 
HIS CE1 NE2  sing Y N 133 
HIS CE1 HE1  sing N N 134 
HIS NE2 HE2  sing N N 135 
HIS OXT HXT  sing N N 136 
HOH O   H1   sing N N 137 
HOH O   H2   sing N N 138 
ILE N   CA   sing N N 139 
ILE N   H    sing N N 140 
ILE N   H2   sing N N 141 
ILE CA  C    sing N N 142 
ILE CA  CB   sing N N 143 
ILE CA  HA   sing N N 144 
ILE C   O    doub N N 145 
ILE C   OXT  sing N N 146 
ILE CB  CG1  sing N N 147 
ILE CB  CG2  sing N N 148 
ILE CB  HB   sing N N 149 
ILE CG1 CD1  sing N N 150 
ILE CG1 HG12 sing N N 151 
ILE CG1 HG13 sing N N 152 
ILE CG2 HG21 sing N N 153 
ILE CG2 HG22 sing N N 154 
ILE CG2 HG23 sing N N 155 
ILE CD1 HD11 sing N N 156 
ILE CD1 HD12 sing N N 157 
ILE CD1 HD13 sing N N 158 
ILE OXT HXT  sing N N 159 
LEU N   CA   sing N N 160 
LEU N   H    sing N N 161 
LEU N   H2   sing N N 162 
LEU CA  C    sing N N 163 
LEU CA  CB   sing N N 164 
LEU CA  HA   sing N N 165 
LEU C   O    doub N N 166 
LEU C   OXT  sing N N 167 
LEU CB  CG   sing N N 168 
LEU CB  HB2  sing N N 169 
LEU CB  HB3  sing N N 170 
LEU CG  CD1  sing N N 171 
LEU CG  CD2  sing N N 172 
LEU CG  HG   sing N N 173 
LEU CD1 HD11 sing N N 174 
LEU CD1 HD12 sing N N 175 
LEU CD1 HD13 sing N N 176 
LEU CD2 HD21 sing N N 177 
LEU CD2 HD22 sing N N 178 
LEU CD2 HD23 sing N N 179 
LEU OXT HXT  sing N N 180 
LYS N   CA   sing N N 181 
LYS N   H    sing N N 182 
LYS N   H2   sing N N 183 
LYS CA  C    sing N N 184 
LYS CA  CB   sing N N 185 
LYS CA  HA   sing N N 186 
LYS C   O    doub N N 187 
LYS C   OXT  sing N N 188 
LYS CB  CG   sing N N 189 
LYS CB  HB2  sing N N 190 
LYS CB  HB3  sing N N 191 
LYS CG  CD   sing N N 192 
LYS CG  HG2  sing N N 193 
LYS CG  HG3  sing N N 194 
LYS CD  CE   sing N N 195 
LYS CD  HD2  sing N N 196 
LYS CD  HD3  sing N N 197 
LYS CE  NZ   sing N N 198 
LYS CE  HE2  sing N N 199 
LYS CE  HE3  sing N N 200 
LYS NZ  HZ1  sing N N 201 
LYS NZ  HZ2  sing N N 202 
LYS NZ  HZ3  sing N N 203 
LYS OXT HXT  sing N N 204 
MET N   CA   sing N N 205 
MET N   H    sing N N 206 
MET N   H2   sing N N 207 
MET CA  C    sing N N 208 
MET CA  CB   sing N N 209 
MET CA  HA   sing N N 210 
MET C   O    doub N N 211 
MET C   OXT  sing N N 212 
MET CB  CG   sing N N 213 
MET CB  HB2  sing N N 214 
MET CB  HB3  sing N N 215 
MET CG  SD   sing N N 216 
MET CG  HG2  sing N N 217 
MET CG  HG3  sing N N 218 
MET SD  CE   sing N N 219 
MET CE  HE1  sing N N 220 
MET CE  HE2  sing N N 221 
MET CE  HE3  sing N N 222 
MET OXT HXT  sing N N 223 
PHE N   CA   sing N N 224 
PHE N   H    sing N N 225 
PHE N   H2   sing N N 226 
PHE CA  C    sing N N 227 
PHE CA  CB   sing N N 228 
PHE CA  HA   sing N N 229 
PHE C   O    doub N N 230 
PHE C   OXT  sing N N 231 
PHE CB  CG   sing N N 232 
PHE CB  HB2  sing N N 233 
PHE CB  HB3  sing N N 234 
PHE CG  CD1  doub Y N 235 
PHE CG  CD2  sing Y N 236 
PHE CD1 CE1  sing Y N 237 
PHE CD1 HD1  sing N N 238 
PHE CD2 CE2  doub Y N 239 
PHE CD2 HD2  sing N N 240 
PHE CE1 CZ   doub Y N 241 
PHE CE1 HE1  sing N N 242 
PHE CE2 CZ   sing Y N 243 
PHE CE2 HE2  sing N N 244 
PHE CZ  HZ   sing N N 245 
PHE OXT HXT  sing N N 246 
PRO N   CA   sing N N 247 
PRO N   CD   sing N N 248 
PRO N   H    sing N N 249 
PRO CA  C    sing N N 250 
PRO CA  CB   sing N N 251 
PRO CA  HA   sing N N 252 
PRO C   O    doub N N 253 
PRO C   OXT  sing N N 254 
PRO CB  CG   sing N N 255 
PRO CB  HB2  sing N N 256 
PRO CB  HB3  sing N N 257 
PRO CG  CD   sing N N 258 
PRO CG  HG2  sing N N 259 
PRO CG  HG3  sing N N 260 
PRO CD  HD2  sing N N 261 
PRO CD  HD3  sing N N 262 
PRO OXT HXT  sing N N 263 
SER N   CA   sing N N 264 
SER N   H    sing N N 265 
SER N   H2   sing N N 266 
SER CA  C    sing N N 267 
SER CA  CB   sing N N 268 
SER CA  HA   sing N N 269 
SER C   O    doub N N 270 
SER C   OXT  sing N N 271 
SER CB  OG   sing N N 272 
SER CB  HB2  sing N N 273 
SER CB  HB3  sing N N 274 
SER OG  HG   sing N N 275 
SER OXT HXT  sing N N 276 
THR N   CA   sing N N 277 
THR N   H    sing N N 278 
THR N   H2   sing N N 279 
THR CA  C    sing N N 280 
THR CA  CB   sing N N 281 
THR CA  HA   sing N N 282 
THR C   O    doub N N 283 
THR C   OXT  sing N N 284 
THR CB  OG1  sing N N 285 
THR CB  CG2  sing N N 286 
THR CB  HB   sing N N 287 
THR OG1 HG1  sing N N 288 
THR CG2 HG21 sing N N 289 
THR CG2 HG22 sing N N 290 
THR CG2 HG23 sing N N 291 
THR OXT HXT  sing N N 292 
TRP N   CA   sing N N 293 
TRP N   H    sing N N 294 
TRP N   H2   sing N N 295 
TRP CA  C    sing N N 296 
TRP CA  CB   sing N N 297 
TRP CA  HA   sing N N 298 
TRP C   O    doub N N 299 
TRP C   OXT  sing N N 300 
TRP CB  CG   sing N N 301 
TRP CB  HB2  sing N N 302 
TRP CB  HB3  sing N N 303 
TRP CG  CD1  doub Y N 304 
TRP CG  CD2  sing Y N 305 
TRP CD1 NE1  sing Y N 306 
TRP CD1 HD1  sing N N 307 
TRP CD2 CE2  doub Y N 308 
TRP CD2 CE3  sing Y N 309 
TRP NE1 CE2  sing Y N 310 
TRP NE1 HE1  sing N N 311 
TRP CE2 CZ2  sing Y N 312 
TRP CE3 CZ3  doub Y N 313 
TRP CE3 HE3  sing N N 314 
TRP CZ2 CH2  doub Y N 315 
TRP CZ2 HZ2  sing N N 316 
TRP CZ3 CH2  sing Y N 317 
TRP CZ3 HZ3  sing N N 318 
TRP CH2 HH2  sing N N 319 
TRP OXT HXT  sing N N 320 
TYR N   CA   sing N N 321 
TYR N   H    sing N N 322 
TYR N   H2   sing N N 323 
TYR CA  C    sing N N 324 
TYR CA  CB   sing N N 325 
TYR CA  HA   sing N N 326 
TYR C   O    doub N N 327 
TYR C   OXT  sing N N 328 
TYR CB  CG   sing N N 329 
TYR CB  HB2  sing N N 330 
TYR CB  HB3  sing N N 331 
TYR CG  CD1  doub Y N 332 
TYR CG  CD2  sing Y N 333 
TYR CD1 CE1  sing Y N 334 
TYR CD1 HD1  sing N N 335 
TYR CD2 CE2  doub Y N 336 
TYR CD2 HD2  sing N N 337 
TYR CE1 CZ   doub Y N 338 
TYR CE1 HE1  sing N N 339 
TYR CE2 CZ   sing Y N 340 
TYR CE2 HE2  sing N N 341 
TYR CZ  OH   sing N N 342 
TYR OH  HH   sing N N 343 
TYR OXT HXT  sing N N 344 
VAL N   CA   sing N N 345 
VAL N   H    sing N N 346 
VAL N   H2   sing N N 347 
VAL CA  C    sing N N 348 
VAL CA  CB   sing N N 349 
VAL CA  HA   sing N N 350 
VAL C   O    doub N N 351 
VAL C   OXT  sing N N 352 
VAL CB  CG1  sing N N 353 
VAL CB  CG2  sing N N 354 
VAL CB  HB   sing N N 355 
VAL CG1 HG11 sing N N 356 
VAL CG1 HG12 sing N N 357 
VAL CG1 HG13 sing N N 358 
VAL CG2 HG21 sing N N 359 
VAL CG2 HG22 sing N N 360 
VAL CG2 HG23 sing N N 361 
VAL OXT HXT  sing N N 362 
# 
_atom_sites.entry_id                    2RAE 
_atom_sites.fract_transf_matrix[1][1]   0.00641691 
_atom_sites.fract_transf_matrix[1][2]   0.00423634 
_atom_sites.fract_transf_matrix[1][3]   0.01329570 
_atom_sites.fract_transf_matrix[2][1]   -0.01324327 
_atom_sites.fract_transf_matrix[2][2]   0.00646055 
_atom_sites.fract_transf_matrix[2][3]   0.00433312 
_atom_sites.fract_transf_matrix[3][1]   -0.00268504 
_atom_sites.fract_transf_matrix[3][2]   -0.00810526 
_atom_sites.fract_transf_matrix[3][3]   0.00387842 
_atom_sites.fract_transf_vector[1]      0.231942 
_atom_sites.fract_transf_vector[2]      0.468190 
_atom_sites.fract_transf_vector[3]      0.437572 
# 
loop_
_atom_type.symbol 
C 
N 
O 
S 
# 
loop_
_atom_site.group_PDB 
_atom_site.id 
_atom_site.type_symbol 
_atom_site.label_atom_id 
_atom_site.label_alt_id 
_atom_site.label_comp_id 
_atom_site.label_asym_id 
_atom_site.label_entity_id 
_atom_site.label_seq_id 
_atom_site.pdbx_PDB_ins_code 
_atom_site.Cartn_x 
_atom_site.Cartn_y 
_atom_site.Cartn_z 
_atom_site.occupancy 
_atom_site.B_iso_or_equiv 
_atom_site.pdbx_formal_charge 
_atom_site.auth_seq_id 
_atom_site.auth_comp_id 
_atom_site.auth_asym_id 
_atom_site.auth_atom_id 
_atom_site.pdbx_PDB_model_num 
ATOM   1    N N   . ILE A 1 11  ? -6.340  3.970   -3.625  1.00 77.98 ? 11  ILE A N   1 
ATOM   2    C CA  . ILE A 1 11  ? -7.252  5.150   -3.667  1.00 77.88 ? 11  ILE A CA  1 
ATOM   3    C C   . ILE A 1 11  ? -8.311  5.019   -4.803  1.00 77.85 ? 11  ILE A C   1 
ATOM   4    O O   . ILE A 1 11  ? -9.507  5.034   -4.523  1.00 78.02 ? 11  ILE A O   1 
ATOM   5    C CB  . ILE A 1 11  ? -6.442  6.523   -3.691  1.00 77.99 ? 11  ILE A CB  1 
ATOM   6    C CG1 . ILE A 1 11  ? -6.244  7.064   -2.263  1.00 78.39 ? 11  ILE A CG1 1 
ATOM   7    C CG2 . ILE A 1 11  ? -7.151  7.589   -4.496  1.00 77.68 ? 11  ILE A CG2 1 
ATOM   8    C CD1 . ILE A 1 11  ? -5.478  8.389   -2.164  1.00 77.83 ? 11  ILE A CD1 1 
ATOM   9    N N   . GLY A 1 12  ? -7.887  4.861   -6.059  1.00 77.73 ? 12  GLY A N   1 
ATOM   10   C CA  . GLY A 1 12  ? -8.823  4.830   -7.199  1.00 77.69 ? 12  GLY A CA  1 
ATOM   11   C C   . GLY A 1 12  ? -9.517  6.158   -7.551  1.00 77.64 ? 12  GLY A C   1 
ATOM   12   O O   . GLY A 1 12  ? -10.572 6.154   -8.190  1.00 77.17 ? 12  GLY A O   1 
ATOM   13   N N   . ARG A 1 13  ? -8.916  7.289   -7.175  1.00 77.71 ? 13  ARG A N   1 
ATOM   14   C CA  . ARG A 1 13  ? -9.586  8.611   -7.261  1.00 78.00 ? 13  ARG A CA  1 
ATOM   15   C C   . ARG A 1 13  ? -9.530  9.257   -8.643  1.00 77.96 ? 13  ARG A C   1 
ATOM   16   O O   . ARG A 1 13  ? -10.540 9.759   -9.144  1.00 78.17 ? 13  ARG A O   1 
ATOM   17   C CB  . ARG A 1 13  ? -8.989  9.601   -6.241  1.00 78.01 ? 13  ARG A CB  1 
ATOM   18   C CG  . ARG A 1 13  ? -9.303  11.074  -6.528  1.00 78.05 ? 13  ARG A CG  1 
ATOM   19   C CD  . ARG A 1 13  ? -9.189  11.944  -5.278  1.00 78.15 ? 13  ARG A CD  1 
ATOM   20   N NE  . ARG A 1 13  ? -9.704  13.303  -5.494  1.00 78.19 ? 13  ARG A NE  1 
ATOM   21   C CZ  . ARG A 1 13  ? -10.993 13.619  -5.606  1.00 78.12 ? 13  ARG A CZ  1 
ATOM   22   N NH1 . ARG A 1 13  ? -11.934 12.680  -5.528  1.00 78.76 ? 13  ARG A NH1 1 
ATOM   23   N NH2 . ARG A 1 13  ? -11.351 14.883  -5.798  1.00 77.11 ? 13  ARG A NH2 1 
ATOM   24   N N   . ARG A 1 14  ? -8.338  9.259   -9.232  1.00 77.96 ? 14  ARG A N   1 
ATOM   25   C CA  . ARG A 1 14  ? -8.061  10.053  -10.418 1.00 77.89 ? 14  ARG A CA  1 
ATOM   26   C C   . ARG A 1 14  ? -8.368  9.302   -11.719 1.00 77.49 ? 14  ARG A C   1 
ATOM   27   O O   . ARG A 1 14  ? -8.536  8.084   -11.703 1.00 77.06 ? 14  ARG A O   1 
ATOM   28   C CB  . ARG A 1 14  ? -6.604  10.525  -10.381 1.00 78.48 ? 14  ARG A CB  1 
ATOM   29   C CG  . ARG A 1 14  ? -6.318  11.537  -9.268  1.00 80.14 ? 14  ARG A CG  1 
ATOM   30   C CD  . ARG A 1 14  ? -4.854  11.973  -9.241  1.00 82.36 ? 14  ARG A CD  1 
ATOM   31   N NE  . ARG A 1 14  ? -4.546  12.928  -8.166  1.00 83.71 ? 14  ARG A NE  1 
ATOM   32   C CZ  . ARG A 1 14  ? -3.331  13.419  -7.869  1.00 84.35 ? 14  ARG A CZ  1 
ATOM   33   N NH1 . ARG A 1 14  ? -3.214  14.289  -6.858  1.00 84.12 ? 14  ARG A NH1 1 
ATOM   34   N NH2 . ARG A 1 14  ? -2.236  13.061  -8.555  1.00 82.91 ? 14  ARG A NH2 1 
ATOM   35   N N   . PRO A 1 15  ? -8.473  10.035  -12.853 1.00 77.02 ? 15  PRO A N   1 
ATOM   36   C CA  . PRO A 1 15  ? -8.711  9.374   -14.147 1.00 76.65 ? 15  PRO A CA  1 
ATOM   37   C C   . PRO A 1 15  ? -7.625  8.359   -14.492 1.00 76.20 ? 15  PRO A C   1 
ATOM   38   O O   . PRO A 1 15  ? -6.452  8.589   -14.181 1.00 76.07 ? 15  PRO A O   1 
ATOM   39   C CB  . PRO A 1 15  ? -8.718  10.549  -15.140 1.00 76.73 ? 15  PRO A CB  1 
ATOM   40   C CG  . PRO A 1 15  ? -9.086  11.739  -14.316 1.00 76.48 ? 15  PRO A CG  1 
ATOM   41   C CD  . PRO A 1 15  ? -8.412  11.503  -13.001 1.00 76.81 ? 15  PRO A CD  1 
ATOM   42   N N   . SER A 1 16  ? -8.007  7.236   -15.102 1.00 75.86 ? 16  SER A N   1 
ATOM   43   C CA  . SER A 1 16  ? -7.059  6.122   -15.280 1.00 75.60 ? 16  SER A CA  1 
ATOM   44   C C   . SER A 1 16  ? -6.013  6.446   -16.352 1.00 75.14 ? 16  SER A C   1 
ATOM   45   O O   . SER A 1 16  ? -6.320  7.050   -17.382 1.00 75.07 ? 16  SER A O   1 
ATOM   46   C CB  . SER A 1 16  ? -7.761  4.785   -15.583 1.00 75.76 ? 16  SER A CB  1 
ATOM   47   O OG  . SER A 1 16  ? -8.068  4.638   -16.961 1.00 76.37 ? 16  SER A OG  1 
ATOM   48   N N   . THR A 1 17  ? -4.774  6.053   -16.067 1.00 74.58 ? 17  THR A N   1 
ATOM   49   C CA  . THR A 1 17  ? -3.640  6.248   -16.962 1.00 73.68 ? 17  THR A CA  1 
ATOM   50   C C   . THR A 1 17  ? -3.438  4.942   -17.739 1.00 73.31 ? 17  THR A C   1 
ATOM   51   O O   . THR A 1 17  ? -4.098  3.924   -17.441 1.00 73.10 ? 17  THR A O   1 
ATOM   52   C CB  . THR A 1 17  ? -2.351  6.619   -16.154 1.00 73.91 ? 17  THR A CB  1 
ATOM   53   O OG1 . THR A 1 17  ? -1.887  5.485   -15.403 1.00 72.23 ? 17  THR A OG1 1 
ATOM   54   C CG2 . THR A 1 17  ? -2.640  7.763   -15.188 1.00 72.76 ? 17  THR A CG2 1 
ATOM   55   N N   . THR A 1 18  ? -2.552  4.955   -18.736 1.00 72.21 ? 18  THR A N   1 
ATOM   56   C CA  . THR A 1 18  ? -2.203  3.708   -19.418 1.00 71.55 ? 18  THR A CA  1 
ATOM   57   C C   . THR A 1 18  ? -1.627  2.690   -18.407 1.00 70.69 ? 18  THR A C   1 
ATOM   58   O O   . THR A 1 18  ? -2.036  1.525   -18.412 1.00 70.92 ? 18  THR A O   1 
ATOM   59   C CB  . THR A 1 18  ? -1.231  3.941   -20.595 1.00 71.89 ? 18  THR A CB  1 
ATOM   60   O OG1 . THR A 1 18  ? -1.720  5.012   -21.418 1.00 71.33 ? 18  THR A OG1 1 
ATOM   61   C CG2 . THR A 1 18  ? -1.089  2.671   -21.444 1.00 71.90 ? 18  THR A CG2 1 
ATOM   62   N N   . GLN A 1 19  ? -0.730  3.147   -17.526 1.00 69.31 ? 19  GLN A N   1 
ATOM   63   C CA  . GLN A 1 19  ? -0.024  2.279   -16.568 1.00 68.74 ? 19  GLN A CA  1 
ATOM   64   C C   . GLN A 1 19  ? -0.968  1.665   -15.511 1.00 68.09 ? 19  GLN A C   1 
ATOM   65   O O   . GLN A 1 19  ? -0.859  0.476   -15.141 1.00 67.39 ? 19  GLN A O   1 
ATOM   66   C CB  . GLN A 1 19  ? 1.134   3.047   -15.889 1.00 68.04 ? 19  GLN A CB  1 
ATOM   67   C CG  . GLN A 1 19  ? 1.595   2.466   -14.555 1.00 69.22 ? 19  GLN A CG  1 
ATOM   68   C CD  . GLN A 1 19  ? 3.061   2.718   -14.197 1.00 68.79 ? 19  GLN A CD  1 
ATOM   69   O OE1 . GLN A 1 19  ? 3.690   3.629   -14.701 1.00 73.42 ? 19  GLN A OE1 1 
ATOM   70   N NE2 . GLN A 1 19  ? 3.600   1.893   -13.315 1.00 70.13 ? 19  GLN A NE2 1 
ATOM   71   N N   . ASP A 1 20  ? -1.882  2.488   -15.018 1.00 67.19 ? 20  ASP A N   1 
ATOM   72   C CA  . ASP A 1 20  ? -2.757  2.050   -13.966 1.00 66.87 ? 20  ASP A CA  1 
ATOM   73   C C   . ASP A 1 20  ? -3.900  1.238   -14.598 1.00 66.16 ? 20  ASP A C   1 
ATOM   74   O O   . ASP A 1 20  ? -4.428  0.311   -13.962 1.00 65.93 ? 20  ASP A O   1 
ATOM   75   C CB  . ASP A 1 20  ? -3.198  3.233   -13.079 1.00 67.47 ? 20  ASP A CB  1 
ATOM   76   C CG  . ASP A 1 20  ? -2.358  3.361   -11.744 1.00 69.08 ? 20  ASP A CG  1 
ATOM   77   O OD1 . ASP A 1 20  ? -1.777  2.351   -11.220 1.00 69.82 ? 20  ASP A OD1 1 
ATOM   78   O OD2 . ASP A 1 20  ? -2.326  4.486   -11.182 1.00 71.51 ? 20  ASP A OD2 1 
ATOM   79   N N   . ARG A 1 21  ? -4.217  1.511   -15.864 1.00 64.31 ? 21  ARG A N   1 
ATOM   80   C CA  . ARG A 1 21  ? -5.109  0.619   -16.629 1.00 63.21 ? 21  ARG A CA  1 
ATOM   81   C C   . ARG A 1 21  ? -4.484  -0.754  -17.021 1.00 61.52 ? 21  ARG A C   1 
ATOM   82   O O   . ARG A 1 21  ? -5.207  -1.754  -17.142 1.00 61.29 ? 21  ARG A O   1 
ATOM   83   C CB  . ARG A 1 21  ? -5.653  1.331   -17.870 1.00 63.62 ? 21  ARG A CB  1 
ATOM   84   C CG  . ARG A 1 21  ? -6.796  0.606   -18.574 1.00 64.57 ? 21  ARG A CG  1 
ATOM   85   C CD  . ARG A 1 21  ? -7.367  1.414   -19.729 1.00 66.19 ? 21  ARG A CD  1 
ATOM   86   N NE  . ARG A 1 21  ? -6.345  1.770   -20.724 1.00 69.62 ? 21  ARG A NE  1 
ATOM   87   C CZ  . ARG A 1 21  ? -5.756  0.905   -21.558 1.00 70.18 ? 21  ARG A CZ  1 
ATOM   88   N NH1 . ARG A 1 21  ? -4.838  1.353   -22.413 1.00 70.32 ? 21  ARG A NH1 1 
ATOM   89   N NH2 . ARG A 1 21  ? -6.067  -0.402  -21.544 1.00 69.42 ? 21  ARG A NH2 1 
ATOM   90   N N   . ILE A 1 22  ? -3.168  -0.819  -17.214 1.00 59.15 ? 22  ILE A N   1 
ATOM   91   C CA  . ILE A 1 22  ? -2.502  -2.107  -17.464 1.00 57.80 ? 22  ILE A CA  1 
ATOM   92   C C   . ILE A 1 22  ? -2.534  -2.938  -16.180 1.00 56.05 ? 22  ILE A C   1 
ATOM   93   O O   . ILE A 1 22  ? -2.825  -4.140  -16.194 1.00 54.90 ? 22  ILE A O   1 
ATOM   94   C CB  . ILE A 1 22  ? -1.028  -1.932  -17.914 1.00 57.86 ? 22  ILE A CB  1 
ATOM   95   C CG1 . ILE A 1 22  ? -0.939  -1.189  -19.274 1.00 58.47 ? 22  ILE A CG1 1 
ATOM   96   C CG2 . ILE A 1 22  ? -0.330  -3.292  -17.982 1.00 57.63 ? 22  ILE A CG2 1 
ATOM   97   C CD1 . ILE A 1 22  ? 0.394   -0.531  -19.541 1.00 57.05 ? 22  ILE A CD1 1 
ATOM   98   N N   . SER A 1 23  ? -2.219  -2.275  -15.078 1.00 54.30 ? 23  SER A N   1 
ATOM   99   C CA  . SER A 1 23  ? -2.236  -2.886  -13.785 1.00 53.91 ? 23  SER A CA  1 
ATOM   100  C C   . SER A 1 23  ? -3.600  -3.521  -13.493 1.00 53.17 ? 23  SER A C   1 
ATOM   101  O O   . SER A 1 23  ? -3.670  -4.702  -13.129 1.00 51.62 ? 23  SER A O   1 
ATOM   102  C CB  . SER A 1 23  ? -1.859  -1.864  -12.741 1.00 53.20 ? 23  SER A CB  1 
ATOM   103  O OG  . SER A 1 23  ? -1.775  -2.421  -11.477 1.00 54.71 ? 23  SER A OG  1 
ATOM   104  N N   . THR A 1 24  ? -4.666  -2.751  -13.711 1.00 52.23 ? 24  THR A N   1 
ATOM   105  C CA  . THR A 1 24  ? -6.018  -3.205  -13.455 1.00 52.35 ? 24  THR A CA  1 
ATOM   106  C C   . THR A 1 24  ? -6.414  -4.405  -14.329 1.00 51.96 ? 24  THR A C   1 
ATOM   107  O O   . THR A 1 24  ? -6.913  -5.396  -13.798 1.00 51.29 ? 24  THR A O   1 
ATOM   108  C CB  . THR A 1 24  ? -7.043  -2.046  -13.586 1.00 53.11 ? 24  THR A CB  1 
ATOM   109  O OG1 . THR A 1 24  ? -6.671  -0.982  -12.700 1.00 52.99 ? 24  THR A OG1 1 
ATOM   110  C CG2 . THR A 1 24  ? -8.465  -2.523  -13.268 1.00 53.03 ? 24  THR A CG2 1 
ATOM   111  N N   . VAL A 1 25  ? -6.142  -4.374  -15.635 1.00 51.43 ? 25  VAL A N   1 
ATOM   112  C CA  . VAL A 1 25  ? -6.503  -5.544  -16.462 1.00 51.60 ? 25  VAL A CA  1 
ATOM   113  C C   . VAL A 1 25  ? -5.642  -6.769  -16.061 1.00 50.95 ? 25  VAL A C   1 
ATOM   114  O O   . VAL A 1 25  ? -6.123  -7.884  -16.062 1.00 49.77 ? 25  VAL A O   1 
ATOM   115  C CB  . VAL A 1 25  ? -6.496  -5.297  -18.029 1.00 51.71 ? 25  VAL A CB  1 
ATOM   116  C CG1 . VAL A 1 25  ? -6.688  -3.786  -18.402 1.00 52.45 ? 25  VAL A CG1 1 
ATOM   117  C CG2 . VAL A 1 25  ? -5.263  -5.900  -18.710 1.00 52.25 ? 25  VAL A CG2 1 
ATOM   118  N N   . GLY A 1 26  ? -4.378  -6.514  -15.715 1.00 51.08 ? 26  GLY A N   1 
ATOM   119  C CA  . GLY A 1 26  ? -3.452  -7.526  -15.210 1.00 50.81 ? 26  GLY A CA  1 
ATOM   120  C C   . GLY A 1 26  ? -3.995  -8.217  -13.985 1.00 50.72 ? 26  GLY A C   1 
ATOM   121  O O   . GLY A 1 26  ? -4.084  -9.443  -13.946 1.00 50.65 ? 26  GLY A O   1 
ATOM   122  N N   . ILE A 1 27  ? -4.370  -7.426  -12.989 1.00 50.86 ? 27  ILE A N   1 
ATOM   123  C CA  . ILE A 1 27  ? -4.946  -7.964  -11.745 1.00 51.07 ? 27  ILE A CA  1 
ATOM   124  C C   . ILE A 1 27  ? -6.197  -8.803  -11.986 1.00 51.72 ? 27  ILE A C   1 
ATOM   125  O O   . ILE A 1 27  ? -6.359  -9.895  -11.358 1.00 51.50 ? 27  ILE A O   1 
ATOM   126  C CB  . ILE A 1 27  ? -5.238  -6.852  -10.746 1.00 50.84 ? 27  ILE A CB  1 
ATOM   127  C CG1 . ILE A 1 27  ? -3.927  -6.233  -10.230 1.00 50.56 ? 27  ILE A CG1 1 
ATOM   128  C CG2 . ILE A 1 27  ? -6.049  -7.348  -9.605  1.00 49.82 ? 27  ILE A CG2 1 
ATOM   129  C CD1 . ILE A 1 27  ? -4.158  -4.913  -9.517  1.00 49.88 ? 27  ILE A CD1 1 
ATOM   130  N N   . GLU A 1 28  ? -7.062  -8.323  -12.887 1.00 52.24 ? 28  GLU A N   1 
ATOM   131  C CA  . GLU A 1 28  ? -8.270  -9.053  -13.241 1.00 52.76 ? 28  GLU A CA  1 
ATOM   132  C C   . GLU A 1 28  ? -7.895  -10.379 -13.922 1.00 53.22 ? 28  GLU A C   1 
ATOM   133  O O   . GLU A 1 28  ? -8.455  -11.438 -13.583 1.00 52.78 ? 28  GLU A O   1 
ATOM   134  C CB  . GLU A 1 28  ? -9.230  -8.197  -14.079 1.00 53.54 ? 28  GLU A CB  1 
ATOM   135  C CG  . GLU A 1 28  ? -10.476 -8.940  -14.668 1.00 53.99 ? 28  GLU A CG  1 
ATOM   136  C CD  . GLU A 1 28  ? -11.445 -9.575  -13.610 1.00 61.13 ? 28  GLU A CD  1 
ATOM   137  O OE1 . GLU A 1 28  ? -11.279 -9.292  -12.384 1.00 63.47 ? 28  GLU A OE1 1 
ATOM   138  O OE2 . GLU A 1 28  ? -12.370 -10.371 -14.022 1.00 58.76 ? 28  GLU A OE2 1 
ATOM   139  N N   . LEU A 1 29  ? -6.913  -10.339 -14.829 1.00 53.52 ? 29  LEU A N   1 
ATOM   140  C CA  . LEU A 1 29  ? -6.402  -11.582 -15.449 1.00 53.78 ? 29  LEU A CA  1 
ATOM   141  C C   . LEU A 1 29  ? -5.853  -12.556 -14.433 1.00 53.88 ? 29  LEU A C   1 
ATOM   142  O O   . LEU A 1 29  ? -6.265  -13.720 -14.402 1.00 54.63 ? 29  LEU A O   1 
ATOM   143  C CB  . LEU A 1 29  ? -5.328  -11.317 -16.500 1.00 54.03 ? 29  LEU A CB  1 
ATOM   144  C CG  . LEU A 1 29  ? -5.791  -11.350 -17.949 1.00 54.82 ? 29  LEU A CG  1 
ATOM   145  C CD1 . LEU A 1 29  ? -4.572  -11.302 -18.841 1.00 55.78 ? 29  LEU A CD1 1 
ATOM   146  C CD2 . LEU A 1 29  ? -6.646  -12.599 -18.249 1.00 54.99 ? 29  LEU A CD2 1 
ATOM   147  N N   . PHE A 1 30  ? -4.940  -12.072 -13.602 1.00 53.64 ? 30  PHE A N   1 
ATOM   148  C CA  . PHE A 1 30  ? -4.279  -12.903 -12.597 1.00 53.69 ? 30  PHE A CA  1 
ATOM   149  C C   . PHE A 1 30  ? -5.272  -13.540 -11.633 1.00 53.93 ? 30  PHE A C   1 
ATOM   150  O O   . PHE A 1 30  ? -5.068  -14.661 -11.147 1.00 53.23 ? 30  PHE A O   1 
ATOM   151  C CB  . PHE A 1 30  ? -3.311  -12.068 -11.741 1.00 53.76 ? 30  PHE A CB  1 
ATOM   152  C CG  . PHE A 1 30  ? -2.196  -11.422 -12.495 1.00 53.47 ? 30  PHE A CG  1 
ATOM   153  C CD1 . PHE A 1 30  ? -1.584  -12.046 -13.571 1.00 53.60 ? 30  PHE A CD1 1 
ATOM   154  C CD2 . PHE A 1 30  ? -1.710  -10.186 -12.081 1.00 54.64 ? 30  PHE A CD2 1 
ATOM   155  C CE1 . PHE A 1 30  ? -0.521  -11.431 -14.238 1.00 54.72 ? 30  PHE A CE1 1 
ATOM   156  C CE2 . PHE A 1 30  ? -0.653  -9.561  -12.735 1.00 53.22 ? 30  PHE A CE2 1 
ATOM   157  C CZ  . PHE A 1 30  ? -0.049  -10.185 -13.811 1.00 54.65 ? 30  PHE A CZ  1 
ATOM   158  N N   . THR A 1 31  ? -6.321  -12.790 -11.310 1.00 54.31 ? 31  THR A N   1 
ATOM   159  C CA  . THR A 1 31  ? -7.352  -13.263 -10.409 1.00 54.26 ? 31  THR A CA  1 
ATOM   160  C C   . THR A 1 31  ? -8.188  -14.377 -11.057 1.00 54.68 ? 31  THR A C   1 
ATOM   161  O O   . THR A 1 31  ? -8.414  -15.424 -10.424 1.00 54.46 ? 31  THR A O   1 
ATOM   162  C CB  . THR A 1 31  ? -8.291  -12.121 -9.967  1.00 54.92 ? 31  THR A CB  1 
ATOM   163  O OG1 . THR A 1 31  ? -7.533  -11.112 -9.281  1.00 53.75 ? 31  THR A OG1 1 
ATOM   164  C CG2 . THR A 1 31  ? -9.390  -12.688 -9.047  1.00 54.24 ? 31  THR A CG2 1 
ATOM   165  N N   . GLU A 1 32  ? -8.625  -14.150 -12.303 1.00 54.10 ? 32  GLU A N   1 
ATOM   166  C CA  . GLU A 1 32  ? -9.433  -15.123 -13.038 1.00 54.01 ? 32  GLU A CA  1 
ATOM   167  C C   . GLU A 1 32  ? -8.660  -16.381 -13.436 1.00 53.32 ? 32  GLU A C   1 
ATOM   168  O O   . GLU A 1 32  ? -9.185  -17.481 -13.302 1.00 51.34 ? 32  GLU A O   1 
ATOM   169  C CB  . GLU A 1 32  ? -10.064 -14.491 -14.294 1.00 54.64 ? 32  GLU A CB  1 
ATOM   170  C CG  . GLU A 1 32  ? -11.443 -13.839 -14.047 1.00 57.68 ? 32  GLU A CG  1 
ATOM   171  C CD  . GLU A 1 32  ? -12.603 -14.830 -14.066 1.00 61.79 ? 32  GLU A CD  1 
ATOM   172  O OE1 . GLU A 1 32  ? -12.967 -15.342 -15.162 1.00 64.04 ? 32  GLU A OE1 1 
ATOM   173  O OE2 . GLU A 1 32  ? -13.170 -15.096 -12.976 1.00 65.87 ? 32  GLU A OE2 1 
ATOM   174  N N   . GLN A 1 33  ? -7.427  -16.222 -13.937 1.00 52.70 ? 33  GLN A N   1 
ATOM   175  C CA  . GLN A 1 33  ? -6.652  -17.377 -14.457 1.00 52.62 ? 33  GLN A CA  1 
ATOM   176  C C   . GLN A 1 33  ? -5.572  -17.890 -13.512 1.00 51.18 ? 33  GLN A C   1 
ATOM   177  O O   . GLN A 1 33  ? -4.998  -18.968 -13.723 1.00 49.85 ? 33  GLN A O   1 
ATOM   178  C CB  . GLN A 1 33  ? -5.937  -16.998 -15.743 1.00 53.16 ? 33  GLN A CB  1 
ATOM   179  C CG  . GLN A 1 33  ? -6.783  -16.379 -16.838 1.00 55.26 ? 33  GLN A CG  1 
ATOM   180  C CD  . GLN A 1 33  ? -5.919  -16.026 -18.021 1.00 55.44 ? 33  GLN A CD  1 
ATOM   181  O OE1 . GLN A 1 33  ? -4.728  -15.794 -17.858 1.00 59.91 ? 33  GLN A OE1 1 
ATOM   182  N NE2 . GLN A 1 33  ? -6.502  -15.997 -19.217 1.00 60.05 ? 33  GLN A NE2 1 
ATOM   183  N N   . GLY A 1 34  ? -5.252  -17.081 -12.511 1.00 50.45 ? 34  GLY A N   1 
ATOM   184  C CA  . GLY A 1 34  ? -4.147  -17.363 -11.609 1.00 50.25 ? 34  GLY A CA  1 
ATOM   185  C C   . GLY A 1 34  ? -2.913  -16.614 -12.054 1.00 49.28 ? 34  GLY A C   1 
ATOM   186  O O   . GLY A 1 34  ? -2.701  -16.410 -13.238 1.00 48.95 ? 34  GLY A O   1 
ATOM   187  N N   . PHE A 1 35  ? -2.079  -16.250 -11.094 1.00 49.08 ? 35  PHE A N   1 
ATOM   188  C CA  . PHE A 1 35  ? -0.916  -15.397 -11.372 1.00 48.78 ? 35  PHE A CA  1 
ATOM   189  C C   . PHE A 1 35  ? 0.121   -16.087 -12.256 1.00 48.01 ? 35  PHE A C   1 
ATOM   190  O O   . PHE A 1 35  ? 0.546   -15.533 -13.266 1.00 46.06 ? 35  PHE A O   1 
ATOM   191  C CB  . PHE A 1 35  ? -0.261  -14.951 -10.060 1.00 49.17 ? 35  PHE A CB  1 
ATOM   192  C CG  . PHE A 1 35  ? 0.924   -14.037 -10.262 1.00 50.22 ? 35  PHE A CG  1 
ATOM   193  C CD1 . PHE A 1 35  ? 0.726   -12.719 -10.625 1.00 49.14 ? 35  PHE A CD1 1 
ATOM   194  C CD2 . PHE A 1 35  ? 2.216   -14.510 -10.104 1.00 50.04 ? 35  PHE A CD2 1 
ATOM   195  C CE1 . PHE A 1 35  ? 1.788   -11.863 -10.812 1.00 50.65 ? 35  PHE A CE1 1 
ATOM   196  C CE2 . PHE A 1 35  ? 3.273   -13.685 -10.300 1.00 49.92 ? 35  PHE A CE2 1 
ATOM   197  C CZ  . PHE A 1 35  ? 3.068   -12.350 -10.653 1.00 50.94 ? 35  PHE A CZ  1 
ATOM   198  N N   . ASP A 1 36  ? 0.512   -17.309 -11.874 1.00 47.42 ? 36  ASP A N   1 
ATOM   199  C CA  . ASP A 1 36  ? 1.579   -17.997 -12.575 1.00 47.64 ? 36  ASP A CA  1 
ATOM   200  C C   . ASP A 1 36  ? 1.095   -18.485 -13.917 1.00 47.52 ? 36  ASP A C   1 
ATOM   201  O O   . ASP A 1 36  ? 1.885   -18.549 -14.832 1.00 48.14 ? 36  ASP A O   1 
ATOM   202  C CB  . ASP A 1 36  ? 2.128   -19.145 -11.761 1.00 48.47 ? 36  ASP A CB  1 
ATOM   203  C CG  . ASP A 1 36  ? 2.770   -18.689 -10.474 1.00 49.08 ? 36  ASP A CG  1 
ATOM   204  O OD1 . ASP A 1 36  ? 3.675   -17.855 -10.537 1.00 51.55 ? 36  ASP A OD1 1 
ATOM   205  O OD2 . ASP A 1 36  ? 2.376   -19.181 -9.396  1.00 53.40 ? 36  ASP A OD2 1 
ATOM   206  N N   . ALA A 1 37  ? -0.206  -18.770 -14.041 1.00 47.27 ? 37  ALA A N   1 
ATOM   207  C CA  . ALA A 1 37  ? -0.811  -19.169 -15.318 1.00 47.32 ? 37  ALA A CA  1 
ATOM   208  C C   . ALA A 1 37  ? -0.916  -18.048 -16.376 1.00 47.28 ? 37  ALA A C   1 
ATOM   209  O O   . ALA A 1 37  ? -1.044  -18.338 -17.542 1.00 48.35 ? 37  ALA A O   1 
ATOM   210  C CB  . ALA A 1 37  ? -2.221  -19.853 -15.079 1.00 46.66 ? 37  ALA A CB  1 
ATOM   211  N N   . THR A 1 38  ? -0.824  -16.784 -15.978 1.00 47.36 ? 38  THR A N   1 
ATOM   212  C CA  . THR A 1 38  ? -0.915  -15.653 -16.894 1.00 47.07 ? 38  THR A CA  1 
ATOM   213  C C   . THR A 1 38  ? 0.466   -15.129 -17.281 1.00 47.21 ? 38  THR A C   1 
ATOM   214  O O   . THR A 1 38  ? 1.282   -14.872 -16.423 1.00 46.95 ? 38  THR A O   1 
ATOM   215  C CB  . THR A 1 38  ? -1.671  -14.527 -16.232 1.00 47.19 ? 38  THR A CB  1 
ATOM   216  O OG1 . THR A 1 38  ? -2.899  -15.042 -15.710 1.00 44.85 ? 38  THR A OG1 1 
ATOM   217  C CG2 . THR A 1 38  ? -1.938  -13.373 -17.218 1.00 46.29 ? 38  THR A CG2 1 
ATOM   218  N N   . SER A 1 39  ? 0.722   -14.993 -18.574 1.00 47.26 ? 39  SER A N   1 
ATOM   219  C CA  . SER A 1 39  ? 2.007   -14.520 -19.072 1.00 48.43 ? 39  SER A CA  1 
ATOM   220  C C   . SER A 1 39  ? 1.991   -12.999 -19.199 1.00 48.28 ? 39  SER A C   1 
ATOM   221  O O   . SER A 1 39  ? 0.930   -12.380 -19.199 1.00 47.46 ? 39  SER A O   1 
ATOM   222  C CB  . SER A 1 39  ? 2.315   -15.130 -20.429 1.00 48.27 ? 39  SER A CB  1 
ATOM   223  O OG  . SER A 1 39  ? 1.448   -14.589 -21.396 1.00 50.04 ? 39  SER A OG  1 
ATOM   224  N N   . VAL A 1 40  ? 3.171   -12.390 -19.283 1.00 49.49 ? 40  VAL A N   1 
ATOM   225  C CA  . VAL A 1 40  ? 3.220   -10.942 -19.491 1.00 49.62 ? 40  VAL A CA  1 
ATOM   226  C C   . VAL A 1 40  ? 2.621   -10.606 -20.857 1.00 49.58 ? 40  VAL A C   1 
ATOM   227  O O   . VAL A 1 40  ? 2.018   -9.559  -21.014 1.00 48.87 ? 40  VAL A O   1 
ATOM   228  C CB  . VAL A 1 40  ? 4.633   -10.291 -19.221 1.00 50.29 ? 40  VAL A CB  1 
ATOM   229  C CG1 . VAL A 1 40  ? 5.032   -10.517 -17.764 1.00 49.95 ? 40  VAL A CG1 1 
ATOM   230  C CG2 . VAL A 1 40  ? 5.731   -10.794 -20.185 1.00 50.40 ? 40  VAL A CG2 1 
ATOM   231  N N   . ASP A 1 41  ? 2.718   -11.519 -21.820 1.00 50.52 ? 41  ASP A N   1 
ATOM   232  C CA  . ASP A 1 41  ? 2.153   -11.263 -23.155 1.00 51.99 ? 41  ASP A CA  1 
ATOM   233  C C   . ASP A 1 41  ? 0.618   -11.210 -23.136 1.00 52.34 ? 41  ASP A C   1 
ATOM   234  O O   . ASP A 1 41  ? 0.020   -10.443 -23.874 1.00 52.79 ? 41  ASP A O   1 
ATOM   235  C CB  . ASP A 1 41  ? 2.655   -12.274 -24.200 1.00 52.68 ? 41  ASP A CB  1 
ATOM   236  C CG  . ASP A 1 41  ? 4.163   -12.161 -24.464 1.00 56.11 ? 41  ASP A CG  1 
ATOM   237  O OD1 . ASP A 1 41  ? 4.647   -11.015 -24.707 1.00 59.41 ? 41  ASP A OD1 1 
ATOM   238  O OD2 . ASP A 1 41  ? 4.863   -13.219 -24.383 1.00 58.54 ? 41  ASP A OD2 1 
ATOM   239  N N   . GLU A 1 42  ? -0.015  -11.997 -22.272 1.00 52.91 ? 42  GLU A N   1 
ATOM   240  C CA  . GLU A 1 42  ? -1.474  -11.972 -22.126 1.00 53.81 ? 42  GLU A CA  1 
ATOM   241  C C   . GLU A 1 42  ? -1.954  -10.668 -21.521 1.00 53.52 ? 42  GLU A C   1 
ATOM   242  O O   . GLU A 1 42  ? -2.984  -10.135 -21.916 1.00 53.86 ? 42  GLU A O   1 
ATOM   243  C CB  . GLU A 1 42  ? -1.960  -13.134 -21.244 1.00 54.07 ? 42  GLU A CB  1 
ATOM   244  C CG  . GLU A 1 42  ? -1.659  -14.491 -21.816 1.00 55.71 ? 42  GLU A CG  1 
ATOM   245  C CD  . GLU A 1 42  ? -2.266  -15.607 -21.000 1.00 56.96 ? 42  GLU A CD  1 
ATOM   246  O OE1 . GLU A 1 42  ? -3.510  -15.755 -21.085 1.00 63.69 ? 42  GLU A OE1 1 
ATOM   247  O OE2 . GLU A 1 42  ? -1.515  -16.333 -20.291 1.00 59.47 ? 42  GLU A OE2 1 
ATOM   248  N N   . VAL A 1 43  ? -1.213  -10.171 -20.543 1.00 53.73 ? 43  VAL A N   1 
ATOM   249  C CA  . VAL A 1 43  ? -1.508  -8.881  -19.941 1.00 54.04 ? 43  VAL A CA  1 
ATOM   250  C C   . VAL A 1 43  ? -1.369  -7.791  -20.992 1.00 54.78 ? 43  VAL A C   1 
ATOM   251  O O   . VAL A 1 43  ? -2.253  -6.959  -21.106 1.00 55.04 ? 43  VAL A O   1 
ATOM   252  C CB  . VAL A 1 43  ? -0.625  -8.597  -18.678 1.00 53.45 ? 43  VAL A CB  1 
ATOM   253  C CG1 . VAL A 1 43  ? -0.925  -7.231  -18.099 1.00 52.25 ? 43  VAL A CG1 1 
ATOM   254  C CG2 . VAL A 1 43  ? -0.831  -9.709  -17.601 1.00 53.73 ? 43  VAL A CG2 1 
ATOM   255  N N   . ALA A 1 44  ? -0.284  -7.809  -21.771 1.00 55.30 ? 44  ALA A N   1 
ATOM   256  C CA  . ALA A 1 44  ? -0.099  -6.833  -22.841 1.00 56.34 ? 44  ALA A CA  1 
ATOM   257  C C   . ALA A 1 44  ? -1.264  -6.868  -23.823 1.00 56.83 ? 44  ALA A C   1 
ATOM   258  O O   . ALA A 1 44  ? -1.909  -5.854  -24.044 1.00 57.27 ? 44  ALA A O   1 
ATOM   259  C CB  . ALA A 1 44  ? 1.250   -7.044  -23.582 1.00 55.57 ? 44  ALA A CB  1 
ATOM   260  N N   . GLU A 1 45  ? -1.535  -8.030  -24.403 1.00 58.13 ? 45  GLU A N   1 
ATOM   261  C CA  . GLU A 1 45  ? -2.621  -8.171  -25.391 1.00 59.20 ? 45  GLU A CA  1 
ATOM   262  C C   . GLU A 1 45  ? -3.981  -7.795  -24.803 1.00 59.08 ? 45  GLU A C   1 
ATOM   263  O O   . GLU A 1 45  ? -4.691  -6.972  -25.370 1.00 59.22 ? 45  GLU A O   1 
ATOM   264  C CB  . GLU A 1 45  ? -2.648  -9.579  -25.995 1.00 59.57 ? 45  GLU A CB  1 
ATOM   265  C CG  . GLU A 1 45  ? -1.407  -9.863  -26.883 1.00 62.33 ? 45  GLU A CG  1 
ATOM   266  C CD  . GLU A 1 45  ? -1.374  -11.298 -27.467 1.00 62.79 ? 45  GLU A CD  1 
ATOM   267  O OE1 . GLU A 1 45  ? -2.298  -12.089 -27.147 1.00 67.02 ? 45  GLU A OE1 1 
ATOM   268  O OE2 . GLU A 1 45  ? -0.439  -11.623 -28.251 1.00 66.91 ? 45  GLU A OE2 1 
ATOM   269  N N   . ALA A 1 46  ? -4.321  -8.359  -23.645 1.00 59.16 ? 46  ALA A N   1 
ATOM   270  C CA  . ALA A 1 46  ? -5.521  -7.941  -22.922 1.00 58.88 ? 46  ALA A CA  1 
ATOM   271  C C   . ALA A 1 46  ? -5.586  -6.410  -22.716 1.00 58.85 ? 46  ALA A C   1 
ATOM   272  O O   . ALA A 1 46  ? -6.676  -5.853  -22.608 1.00 58.92 ? 46  ALA A O   1 
ATOM   273  C CB  . ALA A 1 46  ? -5.604  -8.661  -21.594 1.00 58.84 ? 46  ALA A CB  1 
ATOM   274  N N   . SER A 1 47  ? -4.430  -5.743  -22.684 1.00 58.79 ? 47  SER A N   1 
ATOM   275  C CA  . SER A 1 47  ? -4.337  -4.285  -22.475 1.00 58.89 ? 47  SER A CA  1 
ATOM   276  C C   . SER A 1 47  ? -4.273  -3.489  -23.784 1.00 58.85 ? 47  SER A C   1 
ATOM   277  O O   . SER A 1 47  ? -4.207  -2.253  -23.753 1.00 58.64 ? 47  SER A O   1 
ATOM   278  C CB  . SER A 1 47  ? -3.094  -3.936  -21.636 1.00 58.71 ? 47  SER A CB  1 
ATOM   279  O OG  . SER A 1 47  ? -3.119  -4.533  -20.334 1.00 60.35 ? 47  SER A OG  1 
ATOM   280  N N   . GLY A 1 48  ? -4.276  -4.185  -24.919 1.00 59.04 ? 48  GLY A N   1 
ATOM   281  C CA  . GLY A 1 48  ? -4.186  -3.540  -26.238 1.00 59.56 ? 48  GLY A CA  1 
ATOM   282  C C   . GLY A 1 48  ? -2.889  -2.783  -26.482 1.00 59.84 ? 48  GLY A C   1 
ATOM   283  O O   . GLY A 1 48  ? -2.890  -1.741  -27.133 1.00 60.54 ? 48  GLY A O   1 
ATOM   284  N N   . ILE A 1 49  ? -1.784  -3.304  -25.947 1.00 60.17 ? 49  ILE A N   1 
ATOM   285  C CA  . ILE A 1 49  ? -0.447  -2.720  -26.127 1.00 60.06 ? 49  ILE A CA  1 
ATOM   286  C C   . ILE A 1 49  ? 0.587   -3.806  -26.455 1.00 60.47 ? 49  ILE A C   1 
ATOM   287  O O   . ILE A 1 49  ? 0.333   -5.012  -26.306 1.00 60.21 ? 49  ILE A O   1 
ATOM   288  C CB  . ILE A 1 49  ? 0.005   -1.924  -24.891 1.00 59.55 ? 49  ILE A CB  1 
ATOM   289  C CG1 . ILE A 1 49  ? 0.102   -2.821  -23.648 1.00 60.05 ? 49  ILE A CG1 1 
ATOM   290  C CG2 . ILE A 1 49  ? -0.962  -0.794  -24.630 1.00 59.57 ? 49  ILE A CG2 1 
ATOM   291  C CD1 . ILE A 1 49  ? 0.810   -2.198  -22.468 1.00 59.38 ? 49  ILE A CD1 1 
ATOM   292  N N   . ALA A 1 50  ? 1.744   -3.361  -26.924 1.00 61.35 ? 50  ALA A N   1 
ATOM   293  C CA  . ALA A 1 50  ? 2.857   -4.243  -27.243 1.00 62.00 ? 50  ALA A CA  1 
ATOM   294  C C   . ALA A 1 50  ? 3.603   -4.518  -25.959 1.00 62.53 ? 50  ALA A C   1 
ATOM   295  O O   . ALA A 1 50  ? 3.532   -3.727  -25.016 1.00 62.20 ? 50  ALA A O   1 
ATOM   296  C CB  . ALA A 1 50  ? 3.791   -3.587  -28.280 1.00 62.38 ? 50  ALA A CB  1 
ATOM   297  N N   . ARG A 1 51  ? 4.318   -5.640  -25.920 1.00 63.43 ? 51  ARG A N   1 
ATOM   298  C CA  . ARG A 1 51  ? 5.102   -6.003  -24.736 1.00 64.14 ? 51  ARG A CA  1 
ATOM   299  C C   . ARG A 1 51  ? 6.219   -4.991  -24.486 1.00 64.20 ? 51  ARG A C   1 
ATOM   300  O O   . ARG A 1 51  ? 6.659   -4.829  -23.355 1.00 64.69 ? 51  ARG A O   1 
ATOM   301  C CB  . ARG A 1 51  ? 5.631   -7.459  -24.812 1.00 64.50 ? 51  ARG A CB  1 
ATOM   302  C CG  . ARG A 1 51  ? 6.617   -7.739  -25.952 1.00 65.63 ? 51  ARG A CG  1 
ATOM   303  C CD  . ARG A 1 51  ? 7.067   -9.213  -25.995 1.00 65.82 ? 51  ARG A CD  1 
ATOM   304  N NE  . ARG A 1 51  ? 8.384   -9.412  -25.370 1.00 67.41 ? 51  ARG A NE  1 
ATOM   305  C CZ  . ARG A 1 51  ? 8.616   -10.068 -24.228 1.00 67.24 ? 51  ARG A CZ  1 
ATOM   306  N NH1 . ARG A 1 51  ? 7.617   -10.636 -23.539 1.00 65.99 ? 51  ARG A NH1 1 
ATOM   307  N NH2 . ARG A 1 51  ? 9.876   -10.158 -23.777 1.00 66.21 ? 51  ARG A NH2 1 
ATOM   308  N N   . ARG A 1 52  ? 6.647   -4.290  -25.536 1.00 64.38 ? 52  ARG A N   1 
ATOM   309  C CA  . ARG A 1 52  ? 7.556   -3.164  -25.383 1.00 64.13 ? 52  ARG A CA  1 
ATOM   310  C C   . ARG A 1 52  ? 6.870   -2.048  -24.599 1.00 63.68 ? 52  ARG A C   1 
ATOM   311  O O   . ARG A 1 52  ? 7.467   -1.455  -23.702 1.00 63.66 ? 52  ARG A O   1 
ATOM   312  C CB  . ARG A 1 52  ? 8.021   -2.647  -26.761 1.00 64.45 ? 52  ARG A CB  1 
ATOM   313  C CG  . ARG A 1 52  ? 9.054   -1.492  -26.712 1.00 64.69 ? 52  ARG A CG  1 
ATOM   314  C CD  . ARG A 1 52  ? 9.557   -1.071  -28.113 1.00 65.39 ? 52  ARG A CD  1 
ATOM   315  N NE  . ARG A 1 52  ? 10.518  0.043   -28.094 1.00 66.75 ? 52  ARG A NE  1 
ATOM   316  C CZ  . ARG A 1 52  ? 11.092  0.602   -29.169 1.00 66.63 ? 52  ARG A CZ  1 
ATOM   317  N NH1 . ARG A 1 52  ? 10.818  0.179   -30.406 1.00 66.58 ? 52  ARG A NH1 1 
ATOM   318  N NH2 . ARG A 1 52  ? 11.950  1.607   -29.007 1.00 66.65 ? 52  ARG A NH2 1 
ATOM   319  N N   . THR A 1 53  ? 5.626   -1.740  -24.947 1.00 63.17 ? 53  THR A N   1 
ATOM   320  C CA  . THR A 1 53  ? 4.916   -0.684  -24.241 1.00 62.81 ? 53  THR A CA  1 
ATOM   321  C C   . THR A 1 53  ? 4.717   -1.074  -22.772 1.00 62.61 ? 53  THR A C   1 
ATOM   322  O O   . THR A 1 53  ? 4.836   -0.227  -21.893 1.00 62.40 ? 53  THR A O   1 
ATOM   323  C CB  . THR A 1 53  ? 3.548   -0.345  -24.885 1.00 63.12 ? 53  THR A CB  1 
ATOM   324  O OG1 . THR A 1 53  ? 3.648   -0.313  -26.323 1.00 62.19 ? 53  THR A OG1 1 
ATOM   325  C CG2 . THR A 1 53  ? 3.044   1.009   -24.372 1.00 63.46 ? 53  THR A CG2 1 
ATOM   326  N N   . LEU A 1 54  ? 4.436   -2.355  -22.509 1.00 61.92 ? 54  LEU A N   1 
ATOM   327  C CA  . LEU A 1 54  ? 4.237   -2.840  -21.144 1.00 61.90 ? 54  LEU A CA  1 
ATOM   328  C C   . LEU A 1 54  ? 5.519   -2.769  -20.312 1.00 61.69 ? 54  LEU A C   1 
ATOM   329  O O   . LEU A 1 54  ? 5.485   -2.396  -19.131 1.00 60.94 ? 54  LEU A O   1 
ATOM   330  C CB  . LEU A 1 54  ? 3.684   -4.283  -21.132 1.00 61.65 ? 54  LEU A CB  1 
ATOM   331  C CG  . LEU A 1 54  ? 3.418   -4.884  -19.740 1.00 61.32 ? 54  LEU A CG  1 
ATOM   332  C CD1 . LEU A 1 54  ? 2.175   -5.762  -19.707 1.00 61.41 ? 54  LEU A CD1 1 
ATOM   333  C CD2 . LEU A 1 54  ? 4.622   -5.671  -19.224 1.00 60.53 ? 54  LEU A CD2 1 
ATOM   334  N N   . PHE A 1 55  ? 6.642   -3.142  -20.920 1.00 61.88 ? 55  PHE A N   1 
ATOM   335  C CA  . PHE A 1 55  ? 7.908   -3.196  -20.183 1.00 62.25 ? 55  PHE A CA  1 
ATOM   336  C C   . PHE A 1 55  ? 8.465   -1.800  -19.946 1.00 62.51 ? 55  PHE A C   1 
ATOM   337  O O   . PHE A 1 55  ? 9.288   -1.599  -19.053 1.00 63.18 ? 55  PHE A O   1 
ATOM   338  C CB  . PHE A 1 55  ? 8.939   -4.120  -20.858 1.00 61.81 ? 55  PHE A CB  1 
ATOM   339  C CG  . PHE A 1 55  ? 8.766   -5.560  -20.487 1.00 60.88 ? 55  PHE A CG  1 
ATOM   340  C CD1 . PHE A 1 55  ? 8.829   -5.945  -19.167 1.00 60.34 ? 55  PHE A CD1 1 
ATOM   341  C CD2 . PHE A 1 55  ? 8.507   -6.524  -21.446 1.00 60.75 ? 55  PHE A CD2 1 
ATOM   342  C CE1 . PHE A 1 55  ? 8.637   -7.260  -18.800 1.00 60.50 ? 55  PHE A CE1 1 
ATOM   343  C CE2 . PHE A 1 55  ? 8.325   -7.845  -21.075 1.00 60.57 ? 55  PHE A CE2 1 
ATOM   344  C CZ  . PHE A 1 55  ? 8.396   -8.200  -19.745 1.00 60.32 ? 55  PHE A CZ  1 
ATOM   345  N N   . ARG A 1 56  ? 7.978   -0.836  -20.710 1.00 62.69 ? 56  ARG A N   1 
ATOM   346  C CA  . ARG A 1 56  ? 8.237   0.556   -20.407 1.00 62.78 ? 56  ARG A CA  1 
ATOM   347  C C   . ARG A 1 56  ? 7.654   0.943   -19.053 1.00 62.31 ? 56  ARG A C   1 
ATOM   348  O O   . ARG A 1 56  ? 8.280   1.723   -18.317 1.00 62.63 ? 56  ARG A O   1 
ATOM   349  C CB  . ARG A 1 56  ? 7.641   1.438   -21.487 1.00 63.17 ? 56  ARG A CB  1 
ATOM   350  C CG  . ARG A 1 56  ? 7.848   2.912   -21.268 1.00 64.09 ? 56  ARG A CG  1 
ATOM   351  C CD  . ARG A 1 56  ? 7.779   3.608   -22.598 1.00 66.34 ? 56  ARG A CD  1 
ATOM   352  N NE  . ARG A 1 56  ? 7.318   4.996   -22.520 1.00 69.99 ? 56  ARG A NE  1 
ATOM   353  C CZ  . ARG A 1 56  ? 6.083   5.417   -22.802 1.00 71.29 ? 56  ARG A CZ  1 
ATOM   354  N NH1 . ARG A 1 56  ? 5.124   4.555   -23.167 1.00 71.62 ? 56  ARG A NH1 1 
ATOM   355  N NH2 . ARG A 1 56  ? 5.809   6.724   -22.730 1.00 71.84 ? 56  ARG A NH2 1 
ATOM   356  N N   . TYR A 1 57  ? 6.471   0.401   -18.732 1.00 60.99 ? 57  TYR A N   1 
ATOM   357  C CA  . TYR A 1 57  ? 5.749   0.746   -17.496 1.00 60.01 ? 57  TYR A CA  1 
ATOM   358  C C   . TYR A 1 57  ? 6.055   -0.201  -16.332 1.00 58.89 ? 57  TYR A C   1 
ATOM   359  O O   . TYR A 1 57  ? 6.016   0.200   -15.183 1.00 58.24 ? 57  TYR A O   1 
ATOM   360  C CB  . TYR A 1 57  ? 4.233   0.805   -17.750 1.00 60.22 ? 57  TYR A CB  1 
ATOM   361  C CG  . TYR A 1 57  ? 3.811   1.916   -18.691 1.00 60.44 ? 57  TYR A CG  1 
ATOM   362  C CD1 . TYR A 1 57  ? 4.100   3.241   -18.404 1.00 61.27 ? 57  TYR A CD1 1 
ATOM   363  C CD2 . TYR A 1 57  ? 3.119   1.644   -19.860 1.00 60.52 ? 57  TYR A CD2 1 
ATOM   364  C CE1 . TYR A 1 57  ? 3.723   4.263   -19.264 1.00 60.24 ? 57  TYR A CE1 1 
ATOM   365  C CE2 . TYR A 1 57  ? 2.735   2.662   -20.728 1.00 61.08 ? 57  TYR A CE2 1 
ATOM   366  C CZ  . TYR A 1 57  ? 3.037   3.968   -20.425 1.00 60.71 ? 57  TYR A CZ  1 
ATOM   367  O OH  . TYR A 1 57  ? 2.663   4.995   -21.291 1.00 62.40 ? 57  TYR A OH  1 
ATOM   368  N N   . PHE A 1 58  ? 6.350   -1.462  -16.621 1.00 57.93 ? 58  PHE A N   1 
ATOM   369  C CA  . PHE A 1 58  ? 6.714   -2.402  -15.567 1.00 57.60 ? 58  PHE A CA  1 
ATOM   370  C C   . PHE A 1 58  ? 8.016   -3.120  -15.908 1.00 57.68 ? 58  PHE A C   1 
ATOM   371  O O   . PHE A 1 58  ? 8.178   -3.572  -17.030 1.00 59.43 ? 58  PHE A O   1 
ATOM   372  C CB  . PHE A 1 58  ? 5.571   -3.388  -15.365 1.00 56.15 ? 58  PHE A CB  1 
ATOM   373  C CG  . PHE A 1 58  ? 4.262   -2.723  -15.074 1.00 54.83 ? 58  PHE A CG  1 
ATOM   374  C CD1 . PHE A 1 58  ? 3.947   -2.322  -13.792 1.00 53.88 ? 58  PHE A CD1 1 
ATOM   375  C CD2 . PHE A 1 58  ? 3.366   -2.456  -16.085 1.00 53.55 ? 58  PHE A CD2 1 
ATOM   376  C CE1 . PHE A 1 58  ? 2.739   -1.704  -13.512 1.00 53.41 ? 58  PHE A CE1 1 
ATOM   377  C CE2 . PHE A 1 58  ? 2.166   -1.820  -15.816 1.00 54.06 ? 58  PHE A CE2 1 
ATOM   378  C CZ  . PHE A 1 58  ? 1.853   -1.448  -14.526 1.00 53.77 ? 58  PHE A CZ  1 
ATOM   379  N N   . PRO A 1 59  ? 8.973   -3.182  -14.967 1.00 57.10 ? 59  PRO A N   1 
ATOM   380  C CA  . PRO A 1 59  ? 10.186  -3.965  -15.246 1.00 56.79 ? 59  PRO A CA  1 
ATOM   381  C C   . PRO A 1 59  ? 9.967   -5.480  -15.248 1.00 56.87 ? 59  PRO A C   1 
ATOM   382  O O   . PRO A 1 59  ? 10.811  -6.235  -15.778 1.00 56.78 ? 59  PRO A O   1 
ATOM   383  C CB  . PRO A 1 59  ? 11.124  -3.595  -14.088 1.00 56.96 ? 59  PRO A CB  1 
ATOM   384  C CG  . PRO A 1 59  ? 10.211  -3.185  -12.970 1.00 57.23 ? 59  PRO A CG  1 
ATOM   385  C CD  . PRO A 1 59  ? 9.037   -2.512  -13.655 1.00 57.08 ? 59  PRO A CD  1 
ATOM   386  N N   . SER A 1 60  ? 8.871   -5.925  -14.637 1.00 56.06 ? 60  SER A N   1 
ATOM   387  C CA  . SER A 1 60  ? 8.623   -7.355  -14.480 1.00 55.82 ? 60  SER A CA  1 
ATOM   388  C C   . SER A 1 60  ? 7.147   -7.649  -14.314 1.00 55.12 ? 60  SER A C   1 
ATOM   389  O O   . SER A 1 60  ? 6.327   -6.718  -14.202 1.00 55.29 ? 60  SER A O   1 
ATOM   390  C CB  . SER A 1 60  ? 9.344   -7.860  -13.229 1.00 56.34 ? 60  SER A CB  1 
ATOM   391  O OG  . SER A 1 60  ? 8.739   -7.317  -12.059 1.00 59.41 ? 60  SER A OG  1 
ATOM   392  N N   . LYS A 1 61  ? 6.832   -8.944  -14.264 1.00 53.39 ? 61  LYS A N   1 
ATOM   393  C CA  . LYS A 1 61  ? 5.488   -9.410  -14.019 1.00 52.75 ? 61  LYS A CA  1 
ATOM   394  C C   . LYS A 1 61  ? 5.107   -9.108  -12.580 1.00 51.99 ? 61  LYS A C   1 
ATOM   395  O O   . LYS A 1 61  ? 3.974   -8.741  -12.289 1.00 51.59 ? 61  LYS A O   1 
ATOM   396  C CB  . LYS A 1 61  ? 5.416   -10.928 -14.280 1.00 52.35 ? 61  LYS A CB  1 
ATOM   397  C CG  . LYS A 1 61  ? 4.022   -11.501 -14.349 1.00 52.12 ? 61  LYS A CG  1 
ATOM   398  C CD  . LYS A 1 61  ? 4.074   -13.042 -14.534 1.00 52.35 ? 61  LYS A CD  1 
ATOM   399  C CE  . LYS A 1 61  ? 2.801   -13.715 -14.117 1.00 50.80 ? 61  LYS A CE  1 
ATOM   400  N NZ  . LYS A 1 61  ? 2.950   -15.223 -14.175 1.00 50.64 ? 61  LYS A NZ  1 
ATOM   401  N N   . ASN A 1 62  ? 6.063   -9.282  -11.671 1.00 51.83 ? 62  ASN A N   1 
ATOM   402  C CA  . ASN A 1 62  ? 5.806   -9.015  -10.257 1.00 51.75 ? 62  ASN A CA  1 
ATOM   403  C C   . ASN A 1 62  ? 5.471   -7.546  -9.945  1.00 51.20 ? 62  ASN A C   1 
ATOM   404  O O   . ASN A 1 62  ? 4.815   -7.290  -8.930  1.00 51.66 ? 62  ASN A O   1 
ATOM   405  C CB  . ASN A 1 62  ? 6.973   -9.478  -9.376  1.00 51.50 ? 62  ASN A CB  1 
ATOM   406  C CG  . ASN A 1 62  ? 7.196   -10.957 -9.426  1.00 53.10 ? 62  ASN A CG  1 
ATOM   407  O OD1 . ASN A 1 62  ? 6.265   -11.744 -9.673  1.00 55.95 ? 62  ASN A OD1 1 
ATOM   408  N ND2 . ASN A 1 62  ? 8.446   -11.365 -9.198  1.00 51.72 ? 62  ASN A ND2 1 
ATOM   409  N N   . ALA A 1 63  ? 5.906   -6.612  -10.790 1.00 50.07 ? 63  ALA A N   1 
ATOM   410  C CA  . ALA A 1 63  ? 5.538   -5.190  -10.627 1.00 50.86 ? 63  ALA A CA  1 
ATOM   411  C C   . ALA A 1 63  ? 4.073   -4.889  -10.989 1.00 50.65 ? 63  ALA A C   1 
ATOM   412  O O   . ALA A 1 63  ? 3.488   -3.951  -10.465 1.00 50.14 ? 63  ALA A O   1 
ATOM   413  C CB  . ALA A 1 63  ? 6.517   -4.238  -11.463 1.00 49.50 ? 63  ALA A CB  1 
ATOM   414  N N   . ILE A 1 64  ? 3.461   -5.687  -11.864 1.00 51.10 ? 64  ILE A N   1 
ATOM   415  C CA  . ILE A 1 64  ? 2.163   -5.312  -12.424 1.00 51.20 ? 64  ILE A CA  1 
ATOM   416  C C   . ILE A 1 64  ? 1.105   -5.088  -11.347 1.00 51.43 ? 64  ILE A C   1 
ATOM   417  O O   . ILE A 1 64  ? 0.379   -4.121  -11.413 1.00 51.87 ? 64  ILE A O   1 
ATOM   418  C CB  . ILE A 1 64  ? 1.683   -6.282  -13.527 1.00 51.22 ? 64  ILE A CB  1 
ATOM   419  C CG1 . ILE A 1 64  ? 2.681   -6.260  -14.696 1.00 51.37 ? 64  ILE A CG1 1 
ATOM   420  C CG2 . ILE A 1 64  ? 0.263   -5.897  -14.034 1.00 50.17 ? 64  ILE A CG2 1 
ATOM   421  C CD1 . ILE A 1 64  ? 2.443   -7.314  -15.763 1.00 51.15 ? 64  ILE A CD1 1 
ATOM   422  N N   . PRO A 1 65  ? 1.008   -5.973  -10.344 1.00 52.31 ? 65  PRO A N   1 
ATOM   423  C CA  . PRO A 1 65  ? 0.012   -5.699  -9.284  1.00 52.45 ? 65  PRO A CA  1 
ATOM   424  C C   . PRO A 1 65  ? 0.209   -4.415  -8.476  1.00 52.25 ? 65  PRO A C   1 
ATOM   425  O O   . PRO A 1 65  ? -0.729  -3.950  -7.863  1.00 51.83 ? 65  PRO A O   1 
ATOM   426  C CB  . PRO A 1 65  ? 0.172   -6.892  -8.342  1.00 52.43 ? 65  PRO A CB  1 
ATOM   427  C CG  . PRO A 1 65  ? 0.724   -7.995  -9.223  1.00 53.16 ? 65  PRO A CG  1 
ATOM   428  C CD  . PRO A 1 65  ? 1.674   -7.280  -10.139 1.00 52.48 ? 65  PRO A CD  1 
ATOM   429  N N   . TRP A 1 66  ? 1.428   -3.918  -8.403  1.00 52.42 ? 66  TRP A N   1 
ATOM   430  C CA  . TRP A 1 66  ? 1.723   -2.752  -7.578  1.00 53.56 ? 66  TRP A CA  1 
ATOM   431  C C   . TRP A 1 66  ? 1.321   -1.442  -8.271  1.00 54.06 ? 66  TRP A C   1 
ATOM   432  O O   . TRP A 1 66  ? 1.152   -0.416  -7.606  1.00 54.98 ? 66  TRP A O   1 
ATOM   433  C CB  . TRP A 1 66  ? 3.199   -2.749  -7.171  1.00 54.32 ? 66  TRP A CB  1 
ATOM   434  C CG  . TRP A 1 66  ? 3.475   -3.575  -5.933  1.00 53.95 ? 66  TRP A CG  1 
ATOM   435  C CD1 . TRP A 1 66  ? 3.976   -4.848  -5.871  1.00 55.78 ? 66  TRP A CD1 1 
ATOM   436  C CD2 . TRP A 1 66  ? 3.235   -3.176  -4.587  1.00 54.36 ? 66  TRP A CD2 1 
ATOM   437  N NE1 . TRP A 1 66  ? 4.081   -5.259  -4.547  1.00 54.94 ? 66  TRP A NE1 1 
ATOM   438  C CE2 . TRP A 1 66  ? 3.634   -4.243  -3.746  1.00 54.39 ? 66  TRP A CE2 1 
ATOM   439  C CE3 . TRP A 1 66  ? 2.734   -2.005  -4.003  1.00 56.10 ? 66  TRP A CE3 1 
ATOM   440  C CZ2 . TRP A 1 66  ? 3.528   -4.179  -2.375  1.00 55.11 ? 66  TRP A CZ2 1 
ATOM   441  C CZ3 . TRP A 1 66  ? 2.641   -1.944  -2.634  1.00 56.01 ? 66  TRP A CZ3 1 
ATOM   442  C CH2 . TRP A 1 66  ? 3.035   -3.026  -1.835  1.00 55.84 ? 66  TRP A CH2 1 
ATOM   443  N N   . GLY A 1 67  ? 1.142   -1.490  -9.592  1.00 53.82 ? 67  GLY A N   1 
ATOM   444  C CA  . GLY A 1 67  ? 0.694   -0.347  -10.357 1.00 53.95 ? 67  GLY A CA  1 
ATOM   445  C C   . GLY A 1 67  ? 1.749   0.738   -10.374 1.00 54.11 ? 67  GLY A C   1 
ATOM   446  O O   . GLY A 1 67  ? 2.945   0.454   -10.418 1.00 54.50 ? 67  GLY A O   1 
ATOM   447  N N   . ASP A 1 68  ? 1.310   1.987   -10.348 1.00 54.33 ? 68  ASP A N   1 
ATOM   448  C CA  . ASP A 1 68  ? 2.232   3.115   -10.260 1.00 54.27 ? 68  ASP A CA  1 
ATOM   449  C C   . ASP A 1 68  ? 2.423   3.488   -8.794  1.00 54.40 ? 68  ASP A C   1 
ATOM   450  O O   . ASP A 1 68  ? 1.911   4.495   -8.318  1.00 54.30 ? 68  ASP A O   1 
ATOM   451  C CB  . ASP A 1 68  ? 1.722   4.312   -11.080 1.00 54.44 ? 68  ASP A CB  1 
ATOM   452  C CG  . ASP A 1 68  ? 2.803   5.355   -11.327 1.00 53.49 ? 68  ASP A CG  1 
ATOM   453  O OD1 . ASP A 1 68  ? 3.865   5.258   -10.696 1.00 52.46 ? 68  ASP A OD1 1 
ATOM   454  O OD2 . ASP A 1 68  ? 2.600   6.263   -12.156 1.00 53.47 ? 68  ASP A OD2 1 
ATOM   455  N N   . PHE A 1 69  ? 3.184   2.663   -8.088  1.00 54.55 ? 69  PHE A N   1 
ATOM   456  C CA  . PHE A 1 69  ? 3.341   2.826   -6.658  1.00 54.39 ? 69  PHE A CA  1 
ATOM   457  C C   . PHE A 1 69  ? 4.138   4.065   -6.333  1.00 53.75 ? 69  PHE A C   1 
ATOM   458  O O   . PHE A 1 69  ? 3.914   4.667   -5.295  1.00 52.79 ? 69  PHE A O   1 
ATOM   459  C CB  . PHE A 1 69  ? 4.019   1.618   -6.037  1.00 54.51 ? 69  PHE A CB  1 
ATOM   460  C CG  . PHE A 1 69  ? 3.907   1.553   -4.533  1.00 54.33 ? 69  PHE A CG  1 
ATOM   461  C CD1 . PHE A 1 69  ? 2.665   1.501   -3.917  1.00 55.58 ? 69  PHE A CD1 1 
ATOM   462  C CD2 . PHE A 1 69  ? 5.044   1.522   -3.738  1.00 54.70 ? 69  PHE A CD2 1 
ATOM   463  C CE1 . PHE A 1 69  ? 2.551   1.412   -2.528  1.00 54.93 ? 69  PHE A CE1 1 
ATOM   464  C CE2 . PHE A 1 69  ? 4.947   1.445   -2.358  1.00 54.71 ? 69  PHE A CE2 1 
ATOM   465  C CZ  . PHE A 1 69  ? 3.693   1.394   -1.747  1.00 54.12 ? 69  PHE A CZ  1 
ATOM   466  N N   . ASP A 1 70  ? 5.088   4.411   -7.190  1.00 53.62 ? 70  ASP A N   1 
ATOM   467  C CA  . ASP A 1 70  ? 5.821   5.655   -7.030  1.00 54.59 ? 70  ASP A CA  1 
ATOM   468  C C   . ASP A 1 70  ? 4.896   6.880   -6.956  1.00 53.58 ? 70  ASP A C   1 
ATOM   469  O O   . ASP A 1 70  ? 5.148   7.769   -6.183  1.00 53.52 ? 70  ASP A O   1 
ATOM   470  C CB  . ASP A 1 70  ? 6.835   5.863   -8.167  1.00 55.29 ? 70  ASP A CB  1 
ATOM   471  C CG  . ASP A 1 70  ? 8.053   4.937   -8.059  1.00 59.27 ? 70  ASP A CG  1 
ATOM   472  O OD1 . ASP A 1 70  ? 8.144   4.167   -7.094  1.00 61.14 ? 70  ASP A OD1 1 
ATOM   473  O OD2 . ASP A 1 70  ? 8.946   5.014   -8.938  1.00 67.97 ? 70  ASP A OD2 1 
ATOM   474  N N   . ALA A 1 71  ? 3.848   6.912   -7.769  1.00 53.24 ? 71  ALA A N   1 
ATOM   475  C CA  . ALA A 1 71  ? 2.933   8.052   -7.810  1.00 53.63 ? 71  ALA A CA  1 
ATOM   476  C C   . ALA A 1 71  ? 2.125   8.095   -6.511  1.00 53.45 ? 71  ALA A C   1 
ATOM   477  O O   . ALA A 1 71  ? 1.936   9.169   -5.935  1.00 52.93 ? 71  ALA A O   1 
ATOM   478  C CB  . ALA A 1 71  ? 2.024   7.974   -9.017  1.00 52.45 ? 71  ALA A CB  1 
ATOM   479  N N   . HIS A 1 72  ? 1.685   6.928   -6.050  1.00 54.30 ? 72  HIS A N   1 
ATOM   480  C CA  . HIS A 1 72  ? 0.984   6.763   -4.756  1.00 54.20 ? 72  HIS A CA  1 
ATOM   481  C C   . HIS A 1 72  ? 1.878   7.267   -3.652  1.00 53.55 ? 72  HIS A C   1 
ATOM   482  O O   . HIS A 1 72  ? 1.440   8.050   -2.819  1.00 53.34 ? 72  HIS A O   1 
ATOM   483  C CB  . HIS A 1 72  ? 0.672   5.268   -4.515  1.00 55.73 ? 72  HIS A CB  1 
ATOM   484  C CG  . HIS A 1 72  ? -0.137  4.939   -3.270  1.00 58.18 ? 72  HIS A CG  1 
ATOM   485  N ND1 . HIS A 1 72  ? 0.449   4.565   -2.065  1.00 65.48 ? 72  HIS A ND1 1 
ATOM   486  C CD2 . HIS A 1 72  ? -1.476  4.754   -3.098  1.00 62.23 ? 72  HIS A CD2 1 
ATOM   487  C CE1 . HIS A 1 72  ? -0.497  4.249   -1.190  1.00 62.77 ? 72  HIS A CE1 1 
ATOM   488  N NE2 . HIS A 1 72  ? -1.673  4.363   -1.790  1.00 63.19 ? 72  HIS A NE2 1 
ATOM   489  N N   . LEU A 1 73  ? 3.132   6.815   -3.648  1.00 52.35 ? 73  LEU A N   1 
ATOM   490  C CA  . LEU A 1 73  ? 4.066   7.248   -2.612  1.00 51.98 ? 73  LEU A CA  1 
ATOM   491  C C   . LEU A 1 73  ? 4.312   8.742   -2.629  1.00 49.61 ? 73  LEU A C   1 
ATOM   492  O O   . LEU A 1 73  ? 4.519   9.316   -1.590  1.00 49.25 ? 73  LEU A O   1 
ATOM   493  C CB  . LEU A 1 73  ? 5.427   6.545   -2.695  1.00 52.07 ? 73  LEU A CB  1 
ATOM   494  C CG  . LEU A 1 73  ? 5.514   5.119   -2.203  1.00 53.30 ? 73  LEU A CG  1 
ATOM   495  C CD1 . LEU A 1 73  ? 6.966   4.718   -2.361  1.00 53.72 ? 73  LEU A CD1 1 
ATOM   496  C CD2 . LEU A 1 73  ? 4.995   4.934   -0.746  1.00 55.19 ? 73  LEU A CD2 1 
ATOM   497  N N   . ALA A 1 74  ? 4.340   9.348   -3.798  1.00 49.33 ? 74  ALA A N   1 
ATOM   498  C CA  . ALA A 1 74  ? 4.531   10.810  -3.901  1.00 49.49 ? 74  ALA A CA  1 
ATOM   499  C C   . ALA A 1 74  ? 3.311   11.605  -3.363  1.00 49.23 ? 74  ALA A C   1 
ATOM   500  O O   . ALA A 1 74  ? 3.477   12.701  -2.816  1.00 50.39 ? 74  ALA A O   1 
ATOM   501  C CB  . ALA A 1 74  ? 4.856   11.198  -5.338  1.00 48.21 ? 74  ALA A CB  1 
ATOM   502  N N   . GLU A 1 75  ? 2.090   11.076  -3.533  1.00 49.05 ? 75  GLU A N   1 
ATOM   503  C CA  . GLU A 1 75  ? 0.908   11.688  -2.930  1.00 49.46 ? 75  GLU A CA  1 
ATOM   504  C C   . GLU A 1 75  ? 0.962   11.597  -1.413  1.00 48.38 ? 75  GLU A C   1 
ATOM   505  O O   . GLU A 1 75  ? 0.679   12.552  -0.736  1.00 48.05 ? 75  GLU A O   1 
ATOM   506  C CB  . GLU A 1 75  ? -0.389  11.031  -3.385  1.00 49.22 ? 75  GLU A CB  1 
ATOM   507  C CG  . GLU A 1 75  ? -0.780  11.201  -4.799  1.00 51.84 ? 75  GLU A CG  1 
ATOM   508  C CD  . GLU A 1 75  ? -2.074  10.445  -5.132  1.00 53.52 ? 75  GLU A CD  1 
ATOM   509  O OE1 . GLU A 1 75  ? -2.629  9.757   -4.242  1.00 61.00 ? 75  GLU A OE1 1 
ATOM   510  O OE2 . GLU A 1 75  ? -2.570  10.538  -6.274  1.00 61.45 ? 75  GLU A OE2 1 
ATOM   511  N N   . MET A 1 76  ? 1.292   10.434  -0.870  1.00 48.50 ? 76  MET A N   1 
ATOM   512  C CA  . MET A 1 76  ? 1.336   10.296  0.583   1.00 48.41 ? 76  MET A CA  1 
ATOM   513  C C   . MET A 1 76  ? 2.341   11.268  1.175   1.00 49.08 ? 76  MET A C   1 
ATOM   514  O O   . MET A 1 76  ? 2.071   11.902  2.176   1.00 49.10 ? 76  MET A O   1 
ATOM   515  C CB  . MET A 1 76  ? 1.700   8.886   0.994   1.00 48.00 ? 76  MET A CB  1 
ATOM   516  C CG  . MET A 1 76  ? 1.443   8.595   2.496   1.00 48.72 ? 76  MET A CG  1 
ATOM   517  S SD  . MET A 1 76  ? 1.550   6.826   2.954   1.00 44.94 ? 76  MET A SD  1 
ATOM   518  C CE  . MET A 1 76  ? 3.212   6.484   2.454   1.00 51.28 ? 76  MET A CE  1 
ATOM   519  N N   . ARG A 1 77  ? 3.498   11.377  0.530   1.00 49.79 ? 77  ARG A N   1 
ATOM   520  C CA  . ARG A 1 77  ? 4.587   12.198  0.987   1.00 50.19 ? 77  ARG A CA  1 
ATOM   521  C C   . ARG A 1 77  ? 4.164   13.674  0.958   1.00 50.28 ? 77  ARG A C   1 
ATOM   522  O O   . ARG A 1 77  ? 4.421   14.426  1.915   1.00 50.54 ? 77  ARG A O   1 
ATOM   523  C CB  . ARG A 1 77  ? 5.800   11.919  0.084   1.00 50.40 ? 77  ARG A CB  1 
ATOM   524  C CG  . ARG A 1 77  ? 7.051   12.716  0.398   1.00 51.77 ? 77  ARG A CG  1 
ATOM   525  C CD  . ARG A 1 77  ? 8.258   12.348  -0.502  1.00 54.59 ? 77  ARG A CD  1 
ATOM   526  N NE  . ARG A 1 77  ? 9.372   13.272  -0.214  1.00 58.08 ? 77  ARG A NE  1 
ATOM   527  C CZ  . ARG A 1 77  ? 10.279  13.726  -1.093  1.00 60.56 ? 77  ARG A CZ  1 
ATOM   528  N NH1 . ARG A 1 77  ? 10.259  13.373  -2.379  1.00 62.64 ? 77  ARG A NH1 1 
ATOM   529  N NH2 . ARG A 1 77  ? 11.229  14.562  -0.681  1.00 61.28 ? 77  ARG A NH2 1 
ATOM   530  N N   . ALA A 1 78  ? 3.518   14.099  -0.133  1.00 49.96 ? 78  ALA A N   1 
ATOM   531  C CA  . ALA A 1 78  ? 3.040   15.491  -0.241  1.00 50.20 ? 78  ALA A CA  1 
ATOM   532  C C   . ALA A 1 78  ? 1.942   15.748  0.796   1.00 50.09 ? 78  ALA A C   1 
ATOM   533  O O   . ALA A 1 78  ? 1.889   16.827  1.359   1.00 50.23 ? 78  ALA A O   1 
ATOM   534  C CB  . ALA A 1 78  ? 2.556   15.838  -1.676  1.00 49.07 ? 78  ALA A CB  1 
ATOM   535  N N   . GLN A 1 79  ? 1.068   14.765  1.039   1.00 50.37 ? 79  GLN A N   1 
ATOM   536  C CA  . GLN A 1 79  ? 0.053   14.911  2.080   1.00 50.88 ? 79  GLN A CA  1 
ATOM   537  C C   . GLN A 1 79  ? 0.736   15.143  3.420   1.00 50.70 ? 79  GLN A C   1 
ATOM   538  O O   . GLN A 1 79  ? 0.460   16.113  4.109   1.00 51.03 ? 79  GLN A O   1 
ATOM   539  C CB  . GLN A 1 79  ? -0.887  13.697  2.150   1.00 51.39 ? 79  GLN A CB  1 
ATOM   540  C CG  . GLN A 1 79  ? -1.439  13.387  3.594   1.00 52.39 ? 79  GLN A CG  1 
ATOM   541  C CD  . GLN A 1 79  ? -2.895  12.991  3.612   1.00 53.03 ? 79  GLN A CD  1 
ATOM   542  O OE1 . GLN A 1 79  ? -3.687  13.478  2.804   1.00 57.36 ? 79  GLN A OE1 1 
ATOM   543  N NE2 . GLN A 1 79  ? -3.261  12.111  4.534   1.00 56.28 ? 79  GLN A NE2 1 
ATOM   544  N N   . LEU A 1 80  ? 1.642   14.244  3.785   1.00 51.19 ? 80  LEU A N   1 
ATOM   545  C CA  . LEU A 1 80  ? 2.323   14.351  5.071   1.00 51.13 ? 80  LEU A CA  1 
ATOM   546  C C   . LEU A 1 80  ? 3.059   15.696  5.208   1.00 50.72 ? 80  LEU A C   1 
ATOM   547  O O   . LEU A 1 80  ? 3.048   16.275  6.273   1.00 49.49 ? 80  LEU A O   1 
ATOM   548  C CB  . LEU A 1 80  ? 3.270   13.177  5.296   1.00 50.49 ? 80  LEU A CB  1 
ATOM   549  C CG  . LEU A 1 80  ? 2.552   11.879  5.637   1.00 50.70 ? 80  LEU A CG  1 
ATOM   550  C CD1 . LEU A 1 80  ? 3.469   10.668  5.428   1.00 47.62 ? 80  LEU A CD1 1 
ATOM   551  C CD2 . LEU A 1 80  ? 2.013   11.954  7.067   1.00 50.73 ? 80  LEU A CD2 1 
ATOM   552  N N   . ALA A 1 81  ? 3.653   16.169  4.114   1.00 51.33 ? 81  ALA A N   1 
ATOM   553  C CA  . ALA A 1 81  ? 4.432   17.402  4.093   1.00 51.96 ? 81  ALA A CA  1 
ATOM   554  C C   . ALA A 1 81  ? 3.526   18.645  4.081   1.00 52.55 ? 81  ALA A C   1 
ATOM   555  O O   . ALA A 1 81  ? 3.942   19.718  4.504   1.00 51.19 ? 81  ALA A O   1 
ATOM   556  C CB  . ALA A 1 81  ? 5.364   17.416  2.890   1.00 51.48 ? 81  ALA A CB  1 
ATOM   557  N N   . ALA A 1 82  ? 2.288   18.487  3.609   1.00 53.74 ? 82  ALA A N   1 
ATOM   558  C CA  . ALA A 1 82  ? 1.319   19.596  3.578   1.00 54.34 ? 82  ALA A CA  1 
ATOM   559  C C   . ALA A 1 82  ? 0.492   19.693  4.857   1.00 55.26 ? 82  ALA A C   1 
ATOM   560  O O   . ALA A 1 82  ? -0.191  20.701  5.054   1.00 55.83 ? 82  ALA A O   1 
ATOM   561  C CB  . ALA A 1 82  ? 0.392   19.470  2.382   1.00 54.29 ? 82  ALA A CB  1 
ATOM   562  N N   . GLN A 1 83  ? 0.515   18.666  5.716   1.00 56.04 ? 83  GLN A N   1 
ATOM   563  C CA  . GLN A 1 83  ? -0.188  18.772  7.010   1.00 56.50 ? 83  GLN A CA  1 
ATOM   564  C C   . GLN A 1 83  ? 0.464   19.860  7.868   1.00 56.44 ? 83  GLN A C   1 
ATOM   565  O O   . GLN A 1 83  ? 1.694   19.928  7.971   1.00 56.47 ? 83  GLN A O   1 
ATOM   566  C CB  . GLN A 1 83  ? -0.271  17.430  7.770   1.00 56.44 ? 83  GLN A CB  1 
ATOM   567  C CG  . GLN A 1 83  ? -1.494  16.595  7.324   1.00 58.18 ? 83  GLN A CG  1 
ATOM   568  C CD  . GLN A 1 83  ? -1.822  15.386  8.213   1.00 58.39 ? 83  GLN A CD  1 
ATOM   569  O OE1 . GLN A 1 83  ? -2.181  14.319  7.704   1.00 63.55 ? 83  GLN A OE1 1 
ATOM   570  N NE2 . GLN A 1 83  ? -1.721  15.553  9.532   1.00 60.67 ? 83  GLN A NE2 1 
ATOM   571  N N   . PRO A 1 84  ? -0.358  20.758  8.437   1.00 56.82 ? 84  PRO A N   1 
ATOM   572  C CA  . PRO A 1 84  ? 0.180   21.773  9.349   1.00 56.48 ? 84  PRO A CA  1 
ATOM   573  C C   . PRO A 1 84  ? 1.015   21.162  10.482  1.00 56.17 ? 84  PRO A C   1 
ATOM   574  O O   . PRO A 1 84  ? 0.690   20.073  10.977  1.00 55.97 ? 84  PRO A O   1 
ATOM   575  C CB  . PRO A 1 84  ? -1.080  22.472  9.875   1.00 56.48 ? 84  PRO A CB  1 
ATOM   576  C CG  . PRO A 1 84  ? -2.101  22.288  8.790   1.00 56.26 ? 84  PRO A CG  1 
ATOM   577  C CD  . PRO A 1 84  ? -1.812  20.928  8.218   1.00 57.05 ? 84  PRO A CD  1 
ATOM   578  N N   . ASP A 1 85  ? 2.088   21.863  10.853  1.00 55.97 ? 85  ASP A N   1 
ATOM   579  C CA  . ASP A 1 85  ? 3.076   21.382  11.830  1.00 56.44 ? 85  ASP A CA  1 
ATOM   580  C C   . ASP A 1 85  ? 2.649   21.592  13.285  1.00 56.04 ? 85  ASP A C   1 
ATOM   581  O O   . ASP A 1 85  ? 3.314   21.138  14.214  1.00 55.89 ? 85  ASP A O   1 
ATOM   582  C CB  . ASP A 1 85  ? 4.488   21.968  11.575  1.00 56.92 ? 85  ASP A CB  1 
ATOM   583  C CG  . ASP A 1 85  ? 4.523   23.496  11.580  1.00 59.48 ? 85  ASP A CG  1 
ATOM   584  O OD1 . ASP A 1 85  ? 4.061   24.095  12.588  1.00 63.49 ? 85  ASP A OD1 1 
ATOM   585  O OD2 . ASP A 1 85  ? 5.003   24.109  10.592  1.00 61.95 ? 85  ASP A OD2 1 
ATOM   586  N N   . ASP A 1 86  ? 1.515   22.254  13.468  1.00 55.83 ? 86  ASP A N   1 
ATOM   587  C CA  . ASP A 1 86  ? 0.888   22.369  14.776  1.00 55.75 ? 86  ASP A CA  1 
ATOM   588  C C   . ASP A 1 86  ? 0.033   21.124  15.118  1.00 55.26 ? 86  ASP A C   1 
ATOM   589  O O   . ASP A 1 86  ? -0.786  21.173  16.014  1.00 55.86 ? 86  ASP A O   1 
ATOM   590  C CB  . ASP A 1 86  ? 0.076   23.695  14.882  1.00 55.65 ? 86  ASP A CB  1 
ATOM   591  C CG  . ASP A 1 86  ? -1.102  23.791  13.870  1.00 56.56 ? 86  ASP A CG  1 
ATOM   592  O OD1 . ASP A 1 86  ? -1.346  22.847  13.083  1.00 58.30 ? 86  ASP A OD1 1 
ATOM   593  O OD2 . ASP A 1 86  ? -1.787  24.820  13.829  1.00 60.65 ? 86  ASP A OD2 1 
ATOM   594  N N   . ILE A 1 87  ? 0.236   20.016  14.414  1.00 54.78 ? 87  ILE A N   1 
ATOM   595  C CA  . ILE A 1 87  ? -0.596  18.820  14.555  1.00 54.48 ? 87  ILE A CA  1 
ATOM   596  C C   . ILE A 1 87  ? 0.288   17.665  15.061  1.00 54.21 ? 87  ILE A C   1 
ATOM   597  O O   . ILE A 1 87  ? 1.396   17.490  14.578  1.00 54.32 ? 87  ILE A O   1 
ATOM   598  C CB  . ILE A 1 87  ? -1.239  18.445  13.183  1.00 54.70 ? 87  ILE A CB  1 
ATOM   599  C CG1 . ILE A 1 87  ? -2.262  19.519  12.764  1.00 54.32 ? 87  ILE A CG1 1 
ATOM   600  C CG2 . ILE A 1 87  ? -1.844  17.030  13.204  1.00 54.06 ? 87  ILE A CG2 1 
ATOM   601  C CD1 . ILE A 1 87  ? -2.568  19.528  11.285  1.00 53.96 ? 87  ILE A CD1 1 
ATOM   602  N N   . PRO A 1 88  ? -0.195  16.881  16.032  1.00 53.43 ? 88  PRO A N   1 
ATOM   603  C CA  . PRO A 1 88  ? 0.649   15.829  16.573  1.00 53.58 ? 88  PRO A CA  1 
ATOM   604  C C   . PRO A 1 88  ? 1.087   14.832  15.495  1.00 53.44 ? 88  PRO A C   1 
ATOM   605  O O   . PRO A 1 88  ? 0.349   14.586  14.538  1.00 53.69 ? 88  PRO A O   1 
ATOM   606  C CB  . PRO A 1 88  ? -0.264  15.124  17.589  1.00 53.51 ? 88  PRO A CB  1 
ATOM   607  C CG  . PRO A 1 88  ? -1.354  16.056  17.867  1.00 53.42 ? 88  PRO A CG  1 
ATOM   608  C CD  . PRO A 1 88  ? -1.530  16.885  16.641  1.00 53.70 ? 88  PRO A CD  1 
ATOM   609  N N   . ILE A 1 89  ? 2.269   14.250  15.670  1.00 53.14 ? 89  ILE A N   1 
ATOM   610  C CA  . ILE A 1 89  ? 2.869   13.390  14.662  1.00 52.64 ? 89  ILE A CA  1 
ATOM   611  C C   . ILE A 1 89  ? 2.004   12.128  14.452  1.00 53.14 ? 89  ILE A C   1 
ATOM   612  O O   . ILE A 1 89  ? 1.785   11.685  13.312  1.00 52.66 ? 89  ILE A O   1 
ATOM   613  C CB  . ILE A 1 89  ? 4.323   13.018  15.037  1.00 52.18 ? 89  ILE A CB  1 
ATOM   614  C CG1 . ILE A 1 89  ? 5.201   14.275  15.087  1.00 51.91 ? 89  ILE A CG1 1 
ATOM   615  C CG2 . ILE A 1 89  ? 4.890   12.018  14.027  1.00 52.17 ? 89  ILE A CG2 1 
ATOM   616  C CD1 . ILE A 1 89  ? 6.636   14.048  15.503  1.00 51.51 ? 89  ILE A CD1 1 
ATOM   617  N N   . VAL A 1 90  ? 1.500   11.575  15.553  1.00 53.11 ? 90  VAL A N   1 
ATOM   618  C CA  . VAL A 1 90  ? 0.677   10.375  15.503  1.00 53.16 ? 90  VAL A CA  1 
ATOM   619  C C   . VAL A 1 90  ? -0.590  10.601  14.664  1.00 53.34 ? 90  VAL A C   1 
ATOM   620  O O   . VAL A 1 90  ? -1.008  9.698   13.950  1.00 53.17 ? 90  VAL A O   1 
ATOM   621  C CB  . VAL A 1 90  ? 0.290   9.898   16.916  1.00 53.20 ? 90  VAL A CB  1 
ATOM   622  C CG1 . VAL A 1 90  ? -0.740  10.839  17.543  1.00 52.24 ? 90  VAL A CG1 1 
ATOM   623  C CG2 . VAL A 1 90  ? -0.216  8.453   16.866  1.00 53.23 ? 90  VAL A CG2 1 
ATOM   624  N N   . ASP A 1 91  ? -1.173  11.801  14.745  1.00 53.13 ? 91  ASP A N   1 
ATOM   625  C CA  . ASP A 1 91  ? -2.365  12.125  13.979  1.00 53.59 ? 91  ASP A CA  1 
ATOM   626  C C   . ASP A 1 91  ? -2.023  12.225  12.499  1.00 53.81 ? 91  ASP A C   1 
ATOM   627  O O   . ASP A 1 91  ? -2.784  11.784  11.639  1.00 54.04 ? 91  ASP A O   1 
ATOM   628  C CB  . ASP A 1 91  ? -3.000  13.438  14.462  1.00 54.64 ? 91  ASP A CB  1 
ATOM   629  C CG  . ASP A 1 91  ? -3.671  13.315  15.837  1.00 55.24 ? 91  ASP A CG  1 
ATOM   630  O OD1 . ASP A 1 91  ? -3.422  12.324  16.562  1.00 57.84 ? 91  ASP A OD1 1 
ATOM   631  O OD2 . ASP A 1 91  ? -4.450  14.224  16.193  1.00 57.05 ? 91  ASP A OD2 1 
ATOM   632  N N   . GLY A 1 92  ? -0.864  12.795  12.196  1.00 53.82 ? 92  GLY A N   1 
ATOM   633  C CA  . GLY A 1 92  ? -0.350  12.758  10.834  1.00 53.31 ? 92  GLY A CA  1 
ATOM   634  C C   . GLY A 1 92  ? -0.269  11.340  10.322  1.00 53.13 ? 92  GLY A C   1 
ATOM   635  O O   . GLY A 1 92  ? -0.725  11.041  9.223   1.00 53.25 ? 92  GLY A O   1 
ATOM   636  N N   . LEU A 1 93  ? 0.319   10.463  11.132  1.00 52.78 ? 93  LEU A N   1 
ATOM   637  C CA  . LEU A 1 93  ? 0.527   9.080   10.764  1.00 52.44 ? 93  LEU A CA  1 
ATOM   638  C C   . LEU A 1 93  ? -0.808  8.348   10.544  1.00 52.09 ? 93  LEU A C   1 
ATOM   639  O O   . LEU A 1 93  ? -0.983  7.662   9.554   1.00 51.37 ? 93  LEU A O   1 
ATOM   640  C CB  . LEU A 1 93  ? 1.362   8.374   11.835  1.00 52.20 ? 93  LEU A CB  1 
ATOM   641  C CG  . LEU A 1 93  ? 2.812   8.847   11.973  1.00 52.15 ? 93  LEU A CG  1 
ATOM   642  C CD1 . LEU A 1 93  ? 3.473   8.036   13.092  1.00 50.50 ? 93  LEU A CD1 1 
ATOM   643  C CD2 . LEU A 1 93  ? 3.596   8.751   10.656  1.00 50.97 ? 93  LEU A CD2 1 
ATOM   644  N N   . THR A 1 94  ? -1.751  8.541   11.452  1.00 52.20 ? 94  THR A N   1 
ATOM   645  C CA  . THR A 1 94  ? -3.089  7.994   11.312  1.00 53.07 ? 94  THR A CA  1 
ATOM   646  C C   . THR A 1 94  ? -3.814  8.444   10.036  1.00 53.91 ? 94  THR A C   1 
ATOM   647  O O   . THR A 1 94  ? -4.375  7.602   9.319   1.00 53.55 ? 94  THR A O   1 
ATOM   648  C CB  . THR A 1 94  ? -3.926  8.355   12.536  1.00 52.63 ? 94  THR A CB  1 
ATOM   649  O OG1 . THR A 1 94  ? -3.215  7.942   13.705  1.00 52.67 ? 94  THR A OG1 1 
ATOM   650  C CG2 . THR A 1 94  ? -5.278  7.667   12.497  1.00 52.27 ? 94  THR A CG2 1 
ATOM   651  N N   . ALA A 1 95  ? -3.794  9.753   9.754   1.00 54.88 ? 95  ALA A N   1 
ATOM   652  C CA  . ALA A 1 95  ? -4.453  10.312  8.580   1.00 55.99 ? 95  ALA A CA  1 
ATOM   653  C C   . ALA A 1 95  ? -3.940  9.682   7.286   1.00 57.50 ? 95  ALA A C   1 
ATOM   654  O O   . ALA A 1 95  ? -4.737  9.264   6.437   1.00 58.30 ? 95  ALA A O   1 
ATOM   655  C CB  . ALA A 1 95  ? -4.260  11.820  8.537   1.00 55.93 ? 95  ALA A CB  1 
ATOM   656  N N   . ALA A 1 96  ? -2.613  9.612   7.145   1.00 58.64 ? 96  ALA A N   1 
ATOM   657  C CA  . ALA A 1 96  ? -1.962  8.961   6.005   1.00 59.17 ? 96  ALA A CA  1 
ATOM   658  C C   . ALA A 1 96  ? -2.307  7.461   5.884   1.00 60.38 ? 96  ALA A C   1 
ATOM   659  O O   . ALA A 1 96  ? -2.605  6.943   4.801   1.00 61.25 ? 96  ALA A O   1 
ATOM   660  C CB  . ALA A 1 96  ? -0.468  9.126   6.124   1.00 59.35 ? 96  ALA A CB  1 
ATOM   661  N N   . LEU A 1 97  ? -2.237  6.750   6.994   1.00 60.80 ? 97  LEU A N   1 
ATOM   662  C CA  . LEU A 1 97  ? -2.565  5.327   6.998   1.00 60.92 ? 97  LEU A CA  1 
ATOM   663  C C   . LEU A 1 97  ? -4.000  5.119   6.448   1.00 61.15 ? 97  LEU A C   1 
ATOM   664  O O   . LEU A 1 97  ? -4.256  4.221   5.635   1.00 61.14 ? 97  LEU A O   1 
ATOM   665  C CB  . LEU A 1 97  ? -2.467  4.776   8.432   1.00 60.95 ? 97  LEU A CB  1 
ATOM   666  C CG  . LEU A 1 97  ? -2.418  3.275   8.717   1.00 61.34 ? 97  LEU A CG  1 
ATOM   667  C CD1 . LEU A 1 97  ? -1.439  2.600   7.743   1.00 60.53 ? 97  LEU A CD1 1 
ATOM   668  C CD2 . LEU A 1 97  ? -2.100  2.961   10.159  1.00 63.11 ? 97  LEU A CD2 1 
ATOM   669  N N   . LEU A 1 98  ? -4.916  5.972   6.890   1.00 61.35 ? 98  LEU A N   1 
ATOM   670  C CA  . LEU A 1 98  ? -6.334  5.785   6.631   1.00 61.89 ? 98  LEU A CA  1 
ATOM   671  C C   . LEU A 1 98  ? -6.705  6.247   5.233   1.00 62.49 ? 98  LEU A C   1 
ATOM   672  O O   . LEU A 1 98  ? -7.461  5.565   4.530   1.00 62.87 ? 98  LEU A O   1 
ATOM   673  C CB  . LEU A 1 98  ? -7.174  6.519   7.684   1.00 61.69 ? 98  LEU A CB  1 
ATOM   674  C CG  . LEU A 1 98  ? -7.780  5.722   8.843   1.00 61.43 ? 98  LEU A CG  1 
ATOM   675  C CD1 . LEU A 1 98  ? -7.033  4.438   9.181   1.00 61.76 ? 98  LEU A CD1 1 
ATOM   676  C CD2 . LEU A 1 98  ? -7.903  6.613   10.060  1.00 61.71 ? 98  LEU A CD2 1 
ATOM   677  N N   . GLN A 1 99  ? -6.169  7.399   4.837   1.00 62.73 ? 99  GLN A N   1 
ATOM   678  C CA  . GLN A 1 99  ? -6.415  7.958   3.506   1.00 62.82 ? 99  GLN A CA  1 
ATOM   679  C C   . GLN A 1 99  ? -5.876  7.100   2.382   1.00 62.57 ? 99  GLN A C   1 
ATOM   680  O O   . GLN A 1 99  ? -6.580  6.828   1.411   1.00 62.13 ? 99  GLN A O   1 
ATOM   681  C CB  . GLN A 1 99  ? -5.786  9.341   3.388   1.00 62.54 ? 99  GLN A CB  1 
ATOM   682  C CG  . GLN A 1 99  ? -6.554  10.371  4.146   1.00 63.85 ? 99  GLN A CG  1 
ATOM   683  C CD  . GLN A 1 99  ? -6.402  11.771  3.578   1.00 64.09 ? 99  GLN A CD  1 
ATOM   684  O OE1 . GLN A 1 99  ? -6.447  12.736  4.330   1.00 67.09 ? 99  GLN A OE1 1 
ATOM   685  N NE2 . GLN A 1 99  ? -6.239  11.890  2.248   1.00 64.38 ? 99  GLN A NE2 1 
ATOM   686  N N   . PHE A 1 100 ? -4.619  6.681   2.511   1.00 62.72 ? 100 PHE A N   1 
ATOM   687  C CA  . PHE A 1 100 ? -3.947  6.011   1.414   1.00 62.97 ? 100 PHE A CA  1 
ATOM   688  C C   . PHE A 1 100 ? -4.207  4.529   1.340   1.00 63.86 ? 100 PHE A C   1 
ATOM   689  O O   . PHE A 1 100 ? -3.673  3.846   0.483   1.00 64.37 ? 100 PHE A O   1 
ATOM   690  C CB  . PHE A 1 100 ? -2.480  6.408   1.377   1.00 62.85 ? 100 PHE A CB  1 
ATOM   691  C CG  . PHE A 1 100 ? -2.320  7.831   0.949   1.00 62.79 ? 100 PHE A CG  1 
ATOM   692  C CD1 . PHE A 1 100 ? -2.282  8.153   -0.410  1.00 62.91 ? 100 PHE A CD1 1 
ATOM   693  C CD2 . PHE A 1 100 ? -2.357  8.858   1.888   1.00 62.51 ? 100 PHE A CD2 1 
ATOM   694  C CE1 . PHE A 1 100 ? -2.201  9.496   -0.827  1.00 62.89 ? 100 PHE A CE1 1 
ATOM   695  C CE2 . PHE A 1 100 ? -2.284  10.206  1.484   1.00 62.44 ? 100 PHE A CE2 1 
ATOM   696  C CZ  . PHE A 1 100 ? -2.208  10.521  0.127   1.00 62.36 ? 100 PHE A CZ  1 
ATOM   697  N N   . ASN A 1 101 ? -5.085  4.055   2.207   1.00 64.21 ? 101 ASN A N   1 
ATOM   698  C CA  . ASN A 1 101 ? -5.705  2.776   2.018   1.00 65.25 ? 101 ASN A CA  1 
ATOM   699  C C   . ASN A 1 101 ? -7.217  2.920   1.854   1.00 65.46 ? 101 ASN A C   1 
ATOM   700  O O   . ASN A 1 101 ? -7.940  1.952   1.920   1.00 65.90 ? 101 ASN A O   1 
ATOM   701  C CB  . ASN A 1 101 ? -5.318  1.880   3.186   1.00 64.80 ? 101 ASN A CB  1 
ATOM   702  C CG  . ASN A 1 101 ? -3.825  1.766   3.324   1.00 63.82 ? 101 ASN A CG  1 
ATOM   703  O OD1 . ASN A 1 101 ? -3.202  2.455   4.130   1.00 63.20 ? 101 ASN A OD1 1 
ATOM   704  N ND2 . ASN A 1 101 ? -3.235  0.946   2.488   1.00 62.02 ? 101 ASN A ND2 1 
ATOM   705  N N   . ALA A 1 102 ? -7.671  4.136   1.589   1.00 66.29 ? 102 ALA A N   1 
ATOM   706  C CA  . ALA A 1 102 ? -9.096  4.431   1.454   1.00 66.86 ? 102 ALA A CA  1 
ATOM   707  C C   . ALA A 1 102 ? -9.502  4.468   -0.024  1.00 67.36 ? 102 ALA A C   1 
ATOM   708  O O   . ALA A 1 102 ? -8.944  5.237   -0.815  1.00 67.27 ? 102 ALA A O   1 
ATOM   709  C CB  . ALA A 1 102 ? -9.454  5.768   2.145   1.00 66.37 ? 102 ALA A CB  1 
ATOM   710  N N   . PHE A 1 103 ? -10.494 3.639   -0.357  1.00 67.60 ? 103 PHE A N   1 
ATOM   711  C CA  . PHE A 1 103 ? -11.062 3.528   -1.698  1.00 67.72 ? 103 PHE A CA  1 
ATOM   712  C C   . PHE A 1 103 ? -12.567 3.846   -1.648  1.00 68.00 ? 103 PHE A C   1 
ATOM   713  O O   . PHE A 1 103 ? -13.222 3.618   -0.618  1.00 67.97 ? 103 PHE A O   1 
ATOM   714  C CB  . PHE A 1 103 ? -10.846 2.102   -2.234  1.00 67.69 ? 103 PHE A CB  1 
ATOM   715  C CG  . PHE A 1 103 ? -11.126 1.021   -1.219  1.00 67.82 ? 103 PHE A CG  1 
ATOM   716  C CD1 . PHE A 1 103 ? -12.439 0.588   -0.974  1.00 67.82 ? 103 PHE A CD1 1 
ATOM   717  C CD2 . PHE A 1 103 ? -10.084 0.451   -0.488  1.00 67.63 ? 103 PHE A CD2 1 
ATOM   718  C CE1 . PHE A 1 103 ? -12.709 -0.416  -0.018  1.00 67.47 ? 103 PHE A CE1 1 
ATOM   719  C CE2 . PHE A 1 103 ? -10.338 -0.550  0.460   1.00 67.92 ? 103 PHE A CE2 1 
ATOM   720  C CZ  . PHE A 1 103 ? -11.658 -0.985  0.699   1.00 67.35 ? 103 PHE A CZ  1 
ATOM   721  N N   . PRO A 1 104 ? -13.126 4.383   -2.752  1.00 68.28 ? 104 PRO A N   1 
ATOM   722  C CA  . PRO A 1 104 ? -14.589 4.375   -2.899  1.00 68.35 ? 104 PRO A CA  1 
ATOM   723  C C   . PRO A 1 104 ? -15.163 2.950   -2.894  1.00 68.37 ? 104 PRO A C   1 
ATOM   724  O O   . PRO A 1 104 ? -14.459 2.006   -3.256  1.00 68.36 ? 104 PRO A O   1 
ATOM   725  C CB  . PRO A 1 104 ? -14.812 5.028   -4.272  1.00 68.53 ? 104 PRO A CB  1 
ATOM   726  C CG  . PRO A 1 104 ? -13.562 5.785   -4.565  1.00 68.45 ? 104 PRO A CG  1 
ATOM   727  C CD  . PRO A 1 104 ? -12.456 5.044   -3.888  1.00 68.22 ? 104 PRO A CD  1 
ATOM   728  N N   . ALA A 1 105 ? -16.426 2.801   -2.492  1.00 68.62 ? 105 ALA A N   1 
ATOM   729  C CA  . ALA A 1 105 ? -17.120 1.499   -2.525  1.00 68.63 ? 105 ALA A CA  1 
ATOM   730  C C   . ALA A 1 105 ? -16.940 0.851   -3.901  1.00 68.75 ? 105 ALA A C   1 
ATOM   731  O O   . ALA A 1 105 ? -16.748 -0.367  -4.011  1.00 68.66 ? 105 ALA A O   1 
ATOM   732  C CB  . ALA A 1 105 ? -18.607 1.665   -2.196  1.00 68.44 ? 105 ALA A CB  1 
ATOM   733  N N   . SER A 1 106 ? -16.996 1.703   -4.927  1.00 68.77 ? 106 SER A N   1 
ATOM   734  C CA  . SER A 1 106 ? -16.712 1.361   -6.323  1.00 68.78 ? 106 SER A CA  1 
ATOM   735  C C   . SER A 1 106 ? -15.415 0.568   -6.534  1.00 69.05 ? 106 SER A C   1 
ATOM   736  O O   . SER A 1 106 ? -15.389 -0.382  -7.322  1.00 69.28 ? 106 SER A O   1 
ATOM   737  C CB  . SER A 1 106 ? -16.654 2.664   -7.143  1.00 68.83 ? 106 SER A CB  1 
ATOM   738  O OG  . SER A 1 106 ? -16.187 2.449   -8.463  1.00 68.76 ? 106 SER A OG  1 
ATOM   739  N N   . GLU A 1 107 ? -14.348 0.956   -5.832  1.00 68.93 ? 107 GLU A N   1 
ATOM   740  C CA  . GLU A 1 107 ? -13.015 0.397   -6.057  1.00 68.58 ? 107 GLU A CA  1 
ATOM   741  C C   . GLU A 1 107 ? -12.642 -0.775  -5.142  1.00 68.20 ? 107 GLU A C   1 
ATOM   742  O O   . GLU A 1 107 ? -11.535 -1.300  -5.260  1.00 67.87 ? 107 GLU A O   1 
ATOM   743  C CB  . GLU A 1 107 ? -11.964 1.502   -5.911  1.00 69.04 ? 107 GLU A CB  1 
ATOM   744  C CG  . GLU A 1 107 ? -11.994 2.550   -7.028  1.00 70.65 ? 107 GLU A CG  1 
ATOM   745  C CD  . GLU A 1 107 ? -11.523 2.008   -8.378  1.00 72.38 ? 107 GLU A CD  1 
ATOM   746  O OE1 . GLU A 1 107 ? -10.578 1.175   -8.427  1.00 73.47 ? 107 GLU A OE1 1 
ATOM   747  O OE2 . GLU A 1 107 ? -12.111 2.425   -9.394  1.00 72.33 ? 107 GLU A OE2 1 
ATOM   748  N N   . GLU A 1 108 ? -13.545 -1.193  -4.249  1.00 67.76 ? 108 GLU A N   1 
ATOM   749  C CA  . GLU A 1 108 ? -13.217 -2.240  -3.269  1.00 67.20 ? 108 GLU A CA  1 
ATOM   750  C C   . GLU A 1 108 ? -12.855 -3.573  -3.918  1.00 66.21 ? 108 GLU A C   1 
ATOM   751  O O   . GLU A 1 108 ? -11.817 -4.137  -3.601  1.00 65.66 ? 108 GLU A O   1 
ATOM   752  C CB  . GLU A 1 108 ? -14.335 -2.469  -2.230  1.00 67.30 ? 108 GLU A CB  1 
ATOM   753  C CG  . GLU A 1 108 ? -13.870 -3.429  -1.086  1.00 68.20 ? 108 GLU A CG  1 
ATOM   754  C CD  . GLU A 1 108 ? -14.958 -3.840  -0.108  1.00 68.86 ? 108 GLU A CD  1 
ATOM   755  O OE1 . GLU A 1 108 ? -15.842 -2.998  0.207   1.00 70.00 ? 108 GLU A OE1 1 
ATOM   756  O OE2 . GLU A 1 108 ? -14.904 -5.016  0.348   1.00 70.16 ? 108 GLU A OE2 1 
ATOM   757  N N   . ILE A 1 109 ? -13.717 -4.076  -4.800  1.00 65.62 ? 109 ILE A N   1 
ATOM   758  C CA  . ILE A 1 109 ? -13.478 -5.364  -5.472  1.00 65.23 ? 109 ILE A CA  1 
ATOM   759  C C   . ILE A 1 109 ? -12.086 -5.361  -6.145  1.00 64.04 ? 109 ILE A C   1 
ATOM   760  O O   . ILE A 1 109 ? -11.279 -6.250  -5.901  1.00 63.58 ? 109 ILE A O   1 
ATOM   761  C CB  . ILE A 1 109 ? -14.648 -5.749  -6.473  1.00 65.44 ? 109 ILE A CB  1 
ATOM   762  C CG1 . ILE A 1 109 ? -15.932 -6.124  -5.709  1.00 65.99 ? 109 ILE A CG1 1 
ATOM   763  C CG2 . ILE A 1 109 ? -14.263 -6.917  -7.378  1.00 65.49 ? 109 ILE A CG2 1 
ATOM   764  C CD1 . ILE A 1 109 ? -15.857 -7.483  -4.939  1.00 66.24 ? 109 ILE A CD1 1 
ATOM   765  N N   . ASN A 1 110 ? -11.772 -4.338  -6.927  1.00 63.36 ? 110 ASN A N   1 
ATOM   766  C CA  . ASN A 1 110 ? -10.436 -4.265  -7.534  1.00 62.81 ? 110 ASN A CA  1 
ATOM   767  C C   . ASN A 1 110 ? -9.264  -4.146  -6.529  1.00 61.64 ? 110 ASN A C   1 
ATOM   768  O O   . ASN A 1 110 ? -8.192  -4.696  -6.763  1.00 61.00 ? 110 ASN A O   1 
ATOM   769  C CB  . ASN A 1 110 ? -10.352 -3.122  -8.551  1.00 63.34 ? 110 ASN A CB  1 
ATOM   770  C CG  . ASN A 1 110 ? -11.312 -3.299  -9.734  1.00 64.95 ? 110 ASN A CG  1 
ATOM   771  O OD1 . ASN A 1 110 ? -11.902 -4.376  -9.929  1.00 68.06 ? 110 ASN A OD1 1 
ATOM   772  N ND2 . ASN A 1 110 ? -11.478 -2.230  -10.525 1.00 63.43 ? 110 ASN A ND2 1 
ATOM   773  N N   . HIS A 1 111 ? -9.446  -3.412  -5.436  1.00 60.44 ? 111 HIS A N   1 
ATOM   774  C CA  . HIS A 1 111 ? -8.370  -3.251  -4.458  1.00 60.02 ? 111 HIS A CA  1 
ATOM   775  C C   . HIS A 1 111 ? -8.129  -4.541  -3.631  1.00 59.55 ? 111 HIS A C   1 
ATOM   776  O O   . HIS A 1 111 ? -6.993  -4.912  -3.288  1.00 58.65 ? 111 HIS A O   1 
ATOM   777  C CB  . HIS A 1 111 ? -8.693  -2.135  -3.503  1.00 59.65 ? 111 HIS A CB  1 
ATOM   778  C CG  . HIS A 1 111 ? -7.602  -1.885  -2.528  1.00 60.49 ? 111 HIS A CG  1 
ATOM   779  N ND1 . HIS A 1 111 ? -6.324  -1.554  -2.924  1.00 61.46 ? 111 HIS A ND1 1 
ATOM   780  C CD2 . HIS A 1 111 ? -7.570  -1.970  -1.179  1.00 61.06 ? 111 HIS A CD2 1 
ATOM   781  C CE1 . HIS A 1 111 ? -5.562  -1.403  -1.858  1.00 61.24 ? 111 HIS A CE1 1 
ATOM   782  N NE2 . HIS A 1 111 ? -6.290  -1.658  -0.786  1.00 60.94 ? 111 HIS A NE2 1 
ATOM   783  N N   . ARG A 1 112 ? -9.225  -5.196  -3.306  1.00 58.81 ? 112 ARG A N   1 
ATOM   784  C CA  . ARG A 1 112 ? -9.194  -6.492  -2.690  1.00 59.10 ? 112 ARG A CA  1 
ATOM   785  C C   . ARG A 1 112 ? -8.527  -7.531  -3.597  1.00 58.70 ? 112 ARG A C   1 
ATOM   786  O O   . ARG A 1 112 ? -7.730  -8.332  -3.124  1.00 58.55 ? 112 ARG A O   1 
ATOM   787  C CB  . ARG A 1 112 ? -10.624 -6.896  -2.341  1.00 59.04 ? 112 ARG A CB  1 
ATOM   788  C CG  . ARG A 1 112 ? -10.722 -8.165  -1.622  1.00 58.69 ? 112 ARG A CG  1 
ATOM   789  C CD  . ARG A 1 112 ? -12.095 -8.361  -0.990  1.00 59.46 ? 112 ARG A CD  1 
ATOM   790  N NE  . ARG A 1 112 ? -11.894 -9.379  0.025   1.00 61.38 ? 112 ARG A NE  1 
ATOM   791  C CZ  . ARG A 1 112 ? -11.854 -9.183  1.339   1.00 59.82 ? 112 ARG A CZ  1 
ATOM   792  N NH1 . ARG A 1 112 ? -12.118 -8.005  1.893   1.00 57.44 ? 112 ARG A NH1 1 
ATOM   793  N NH2 . ARG A 1 112 ? -11.615 -10.235 2.104   1.00 62.66 ? 112 ARG A NH2 1 
ATOM   794  N N   . LYS A 1 113 ? -8.829  -7.501  -4.893  1.00 58.55 ? 113 LYS A N   1 
ATOM   795  C CA  . LYS A 1 113 ? -8.062  -8.285  -5.867  1.00 58.68 ? 113 LYS A CA  1 
ATOM   796  C C   . LYS A 1 113 ? -6.554  -7.998  -5.800  1.00 57.75 ? 113 LYS A C   1 
ATOM   797  O O   . LYS A 1 113 ? -5.744  -8.922  -5.760  1.00 57.42 ? 113 LYS A O   1 
ATOM   798  C CB  . LYS A 1 113 ? -8.567  -8.033  -7.292  1.00 59.10 ? 113 LYS A CB  1 
ATOM   799  C CG  . LYS A 1 113 ? -9.904  -8.645  -7.558  1.00 60.43 ? 113 LYS A CG  1 
ATOM   800  C CD  . LYS A 1 113 ? -10.401 -8.390  -8.980  1.00 60.49 ? 113 LYS A CD  1 
ATOM   801  C CE  . LYS A 1 113 ? -11.721 -9.167  -9.192  1.00 61.99 ? 113 LYS A CE  1 
ATOM   802  N NZ  . LYS A 1 113 ? -12.468 -8.689  -10.402 1.00 63.30 ? 113 LYS A NZ  1 
ATOM   803  N N   . ARG A 1 114 ? -6.189  -6.718  -5.769  1.00 57.10 ? 114 ARG A N   1 
ATOM   804  C CA  . ARG A 1 114 ? -4.779  -6.307  -5.740  1.00 56.46 ? 114 ARG A CA  1 
ATOM   805  C C   . ARG A 1 114 ? -4.069  -6.890  -4.521  1.00 55.73 ? 114 ARG A C   1 
ATOM   806  O O   . ARG A 1 114 ? -3.008  -7.492  -4.637  1.00 54.64 ? 114 ARG A O   1 
ATOM   807  C CB  . ARG A 1 114 ? -4.654  -4.783  -5.718  1.00 56.46 ? 114 ARG A CB  1 
ATOM   808  C CG  . ARG A 1 114 ? -3.213  -4.268  -5.789  1.00 56.78 ? 114 ARG A CG  1 
ATOM   809  C CD  . ARG A 1 114 ? -3.108  -2.747  -5.815  1.00 57.78 ? 114 ARG A CD  1 
ATOM   810  N NE  . ARG A 1 114 ? -4.018  -2.187  -6.815  1.00 59.97 ? 114 ARG A NE  1 
ATOM   811  C CZ  . ARG A 1 114 ? -3.695  -1.807  -8.057  1.00 60.88 ? 114 ARG A CZ  1 
ATOM   812  N NH1 . ARG A 1 114 ? -2.452  -1.891  -8.525  1.00 60.89 ? 114 ARG A NH1 1 
ATOM   813  N NH2 . ARG A 1 114 ? -4.642  -1.321  -8.851  1.00 60.86 ? 114 ARG A NH2 1 
ATOM   814  N N   . MET A 1 115 ? -4.664  -6.691  -3.350  1.00 55.47 ? 115 MET A N   1 
ATOM   815  C CA  . MET A 1 115 ? -4.004  -7.018  -2.094  1.00 55.04 ? 115 MET A CA  1 
ATOM   816  C C   . MET A 1 115 ? -4.014  -8.534  -1.883  1.00 54.76 ? 115 MET A C   1 
ATOM   817  O O   . MET A 1 115 ? -3.100  -9.078  -1.286  1.00 55.03 ? 115 MET A O   1 
ATOM   818  C CB  . MET A 1 115 ? -4.615  -6.221  -0.936  1.00 54.59 ? 115 MET A CB  1 
ATOM   819  C CG  . MET A 1 115 ? -4.434  -4.651  -1.091  1.00 56.74 ? 115 MET A CG  1 
ATOM   820  S SD  . MET A 1 115 ? -2.730  -4.162  -1.453  1.00 51.31 ? 115 MET A SD  1 
ATOM   821  C CE  . MET A 1 115 ? -2.691  -2.381  -1.351  1.00 59.66 ? 115 MET A CE  1 
ATOM   822  N N   . GLY A 1 116 ? -5.011  -9.210  -2.442  1.00 54.35 ? 116 GLY A N   1 
ATOM   823  C CA  . GLY A 1 116 ? -5.026  -10.664 -2.507  1.00 54.43 ? 116 GLY A CA  1 
ATOM   824  C C   . GLY A 1 116 ? -3.824  -11.281 -3.192  1.00 54.20 ? 116 GLY A C   1 
ATOM   825  O O   . GLY A 1 116 ? -3.228  -12.216 -2.670  1.00 55.01 ? 116 GLY A O   1 
ATOM   826  N N   . LEU A 1 117 ? -3.493  -10.785 -4.376  1.00 53.81 ? 117 LEU A N   1 
ATOM   827  C CA  . LEU A 1 117 ? -2.260  -11.151 -5.057  1.00 54.01 ? 117 LEU A CA  1 
ATOM   828  C C   . LEU A 1 117 ? -1.023  -10.794 -4.210  1.00 54.45 ? 117 LEU A C   1 
ATOM   829  O O   . LEU A 1 117 ? -0.210  -11.665 -3.891  1.00 54.68 ? 117 LEU A O   1 
ATOM   830  C CB  . LEU A 1 117 ? -2.168  -10.458 -6.420  1.00 53.29 ? 117 LEU A CB  1 
ATOM   831  C CG  . LEU A 1 117 ? -3.234  -10.927 -7.421  1.00 53.52 ? 117 LEU A CG  1 
ATOM   832  C CD1 . LEU A 1 117 ? -3.288  -10.058 -8.660  1.00 47.98 ? 117 LEU A CD1 1 
ATOM   833  C CD2 . LEU A 1 117 ? -3.061  -12.404 -7.790  1.00 49.78 ? 117 LEU A CD2 1 
ATOM   834  N N   . ILE A 1 118 ? -0.895  -9.523  -3.822  1.00 54.22 ? 118 ILE A N   1 
ATOM   835  C CA  . ILE A 1 118 ? 0.318   -9.052  -3.146  1.00 54.37 ? 118 ILE A CA  1 
ATOM   836  C C   . ILE A 1 118 ? 0.609   -9.778  -1.828  1.00 54.29 ? 118 ILE A C   1 
ATOM   837  O O   . ILE A 1 118 ? 1.760   -10.068 -1.541  1.00 53.93 ? 118 ILE A O   1 
ATOM   838  C CB  . ILE A 1 118 ? 0.280   -7.526  -2.908  1.00 54.45 ? 118 ILE A CB  1 
ATOM   839  C CG1 . ILE A 1 118 ? 0.346   -6.772  -4.242  1.00 54.75 ? 118 ILE A CG1 1 
ATOM   840  C CG2 . ILE A 1 118 ? 1.388   -7.086  -1.960  1.00 54.01 ? 118 ILE A CG2 1 
ATOM   841  C CD1 . ILE A 1 118 ? -0.050  -5.261  -4.145  1.00 54.04 ? 118 ILE A CD1 1 
ATOM   842  N N   . LEU A 1 119 ? -0.417  -10.055 -1.034  1.00 55.07 ? 119 LEU A N   1 
ATOM   843  C CA  . LEU A 1 119 ? -0.232  -10.692 0.286   1.00 56.20 ? 119 LEU A CA  1 
ATOM   844  C C   . LEU A 1 119 ? -0.157  -12.204 0.260   1.00 56.16 ? 119 LEU A C   1 
ATOM   845  O O   . LEU A 1 119 ? 0.371   -12.773 1.193   1.00 56.84 ? 119 LEU A O   1 
ATOM   846  C CB  . LEU A 1 119 ? -1.327  -10.283 1.293   1.00 56.84 ? 119 LEU A CB  1 
ATOM   847  C CG  . LEU A 1 119 ? -1.230  -8.846  1.883   1.00 60.38 ? 119 LEU A CG  1 
ATOM   848  C CD1 . LEU A 1 119 ? -2.561  -8.445  2.513   1.00 62.76 ? 119 LEU A CD1 1 
ATOM   849  C CD2 . LEU A 1 119 ? -0.121  -8.728  2.927   1.00 62.88 ? 119 LEU A CD2 1 
ATOM   850  N N   . ARG A 1 120 ? -0.639  -12.855 -0.798  1.00 56.57 ? 120 ARG A N   1 
ATOM   851  C CA  . ARG A 1 120 ? -0.791  -14.329 -0.790  1.00 56.74 ? 120 ARG A CA  1 
ATOM   852  C C   . ARG A 1 120 ? -0.065  -15.079 -1.875  1.00 56.09 ? 120 ARG A C   1 
ATOM   853  O O   . ARG A 1 120 ? -0.040  -16.282 -1.795  1.00 55.91 ? 120 ARG A O   1 
ATOM   854  C CB  . ARG A 1 120 ? -2.263  -14.712 -0.906  1.00 58.17 ? 120 ARG A CB  1 
ATOM   855  C CG  . ARG A 1 120 ? -3.165  -14.104 0.146   1.00 61.84 ? 120 ARG A CG  1 
ATOM   856  C CD  . ARG A 1 120 ? -3.232  -14.983 1.337   1.00 66.79 ? 120 ARG A CD  1 
ATOM   857  N NE  . ARG A 1 120 ? -4.060  -14.450 2.431   1.00 69.66 ? 120 ARG A NE  1 
ATOM   858  C CZ  . ARG A 1 120 ? -3.621  -13.666 3.431   1.00 71.71 ? 120 ARG A CZ  1 
ATOM   859  N NH1 . ARG A 1 120 ? -2.348  -13.284 3.485   1.00 72.30 ? 120 ARG A NH1 1 
ATOM   860  N NH2 . ARG A 1 120 ? -4.471  -13.264 4.390   1.00 71.38 ? 120 ARG A NH2 1 
ATOM   861  N N   . VAL A 1 121 ? 0.437   -14.422 -2.933  1.00 55.44 ? 121 VAL A N   1 
ATOM   862  C CA  . VAL A 1 121 ? 1.294   -15.104 -3.903  1.00 55.04 ? 121 VAL A CA  1 
ATOM   863  C C   . VAL A 1 121 ? 2.708   -15.023 -3.372  1.00 55.33 ? 121 VAL A C   1 
ATOM   864  O O   . VAL A 1 121 ? 3.252   -13.933 -3.254  1.00 56.76 ? 121 VAL A O   1 
ATOM   865  C CB  . VAL A 1 121 ? 1.230   -14.481 -5.317  1.00 55.48 ? 121 VAL A CB  1 
ATOM   866  C CG1 . VAL A 1 121 ? 2.291   -15.122 -6.255  1.00 52.82 ? 121 VAL A CG1 1 
ATOM   867  C CG2 . VAL A 1 121 ? -0.191  -14.591 -5.895  1.00 54.40 ? 121 VAL A CG2 1 
ATOM   868  N N   . PRO A 1 122 ? 3.327   -16.164 -3.044  1.00 55.91 ? 122 PRO A N   1 
ATOM   869  C CA  . PRO A 1 122 ? 4.647   -16.064 -2.420  1.00 55.88 ? 122 PRO A CA  1 
ATOM   870  C C   . PRO A 1 122 ? 5.709   -15.242 -3.175  1.00 55.66 ? 122 PRO A C   1 
ATOM   871  O O   . PRO A 1 122 ? 6.429   -14.481 -2.526  1.00 56.15 ? 122 PRO A O   1 
ATOM   872  C CB  . PRO A 1 122 ? 5.072   -17.524 -2.218  1.00 55.58 ? 122 PRO A CB  1 
ATOM   873  C CG  . PRO A 1 122 ? 3.782   -18.283 -2.169  1.00 57.26 ? 122 PRO A CG  1 
ATOM   874  C CD  . PRO A 1 122 ? 2.870   -17.561 -3.142  1.00 56.03 ? 122 PRO A CD  1 
ATOM   875  N N   . ALA A 1 123 ? 5.814   -15.351 -4.497  1.00 55.65 ? 123 ALA A N   1 
ATOM   876  C CA  . ALA A 1 123 ? 6.794   -14.524 -5.240  1.00 55.71 ? 123 ALA A CA  1 
ATOM   877  C C   . ALA A 1 123 ? 6.503   -13.003 -5.145  1.00 56.09 ? 123 ALA A C   1 
ATOM   878  O O   . ALA A 1 123 ? 7.407   -12.188 -5.223  1.00 56.50 ? 123 ALA A O   1 
ATOM   879  C CB  . ALA A 1 123 ? 6.868   -14.952 -6.686  1.00 55.49 ? 123 ALA A CB  1 
ATOM   880  N N   . LEU A 1 124 ? 5.246   -12.621 -4.961  1.00 56.33 ? 124 LEU A N   1 
ATOM   881  C CA  . LEU A 1 124 ? 4.909   -11.212 -4.777  1.00 56.51 ? 124 LEU A CA  1 
ATOM   882  C C   . LEU A 1 124 ? 5.181   -10.787 -3.332  1.00 57.02 ? 124 LEU A C   1 
ATOM   883  O O   . LEU A 1 124 ? 5.637   -9.690  -3.111  1.00 56.82 ? 124 LEU A O   1 
ATOM   884  C CB  . LEU A 1 124 ? 3.451   -10.905 -5.172  1.00 56.34 ? 124 LEU A CB  1 
ATOM   885  C CG  . LEU A 1 124 ? 3.012   -11.063 -6.648  1.00 55.09 ? 124 LEU A CG  1 
ATOM   886  C CD1 . LEU A 1 124 ? 1.489   -10.831 -6.811  1.00 50.64 ? 124 LEU A CD1 1 
ATOM   887  C CD2 . LEU A 1 124 ? 3.799   -10.182 -7.597  1.00 52.68 ? 124 LEU A CD2 1 
ATOM   888  N N   . GLN A 1 125 ? 4.941   -11.671 -2.357  1.00 57.85 ? 125 GLN A N   1 
ATOM   889  C CA  . GLN A 1 125 ? 5.344   -11.392 -0.968  1.00 57.68 ? 125 GLN A CA  1 
ATOM   890  C C   . GLN A 1 125 ? 6.846   -11.106 -0.870  1.00 57.93 ? 125 GLN A C   1 
ATOM   891  O O   . GLN A 1 125 ? 7.259   -10.113 -0.244  1.00 57.43 ? 125 GLN A O   1 
ATOM   892  C CB  . GLN A 1 125 ? 4.983   -12.524 -0.044  1.00 57.49 ? 125 GLN A CB  1 
ATOM   893  C CG  . GLN A 1 125 ? 3.517   -12.636 0.244   1.00 58.01 ? 125 GLN A CG  1 
ATOM   894  C CD  . GLN A 1 125 ? 3.223   -13.875 1.049   1.00 58.57 ? 125 GLN A CD  1 
ATOM   895  O OE1 . GLN A 1 125 ? 3.218   -14.986 0.517   1.00 58.41 ? 125 GLN A OE1 1 
ATOM   896  N NE2 . GLN A 1 125 ? 3.018   -13.703 2.347   1.00 59.42 ? 125 GLN A NE2 1 
ATOM   897  N N   . ALA A 1 126 ? 7.640   -11.962 -1.511  1.00 57.35 ? 126 ALA A N   1 
ATOM   898  C CA  . ALA A 1 126 ? 9.087   -11.777 -1.578  1.00 57.49 ? 126 ALA A CA  1 
ATOM   899  C C   . ALA A 1 126 ? 9.437   -10.446 -2.247  1.00 57.45 ? 126 ALA A C   1 
ATOM   900  O O   . ALA A 1 126 ? 10.154  -9.648  -1.680  1.00 57.10 ? 126 ALA A O   1 
ATOM   901  C CB  . ALA A 1 126 ? 9.763   -12.952 -2.308  1.00 57.32 ? 126 ALA A CB  1 
ATOM   902  N N   . TYR A 1 127 ? 8.887   -10.193 -3.426  1.00 57.80 ? 127 TYR A N   1 
ATOM   903  C CA  . TYR A 1 127 ? 9.189   -8.964  -4.192  1.00 57.83 ? 127 TYR A CA  1 
ATOM   904  C C   . TYR A 1 127 ? 8.725   -7.661  -3.508  1.00 57.63 ? 127 TYR A C   1 
ATOM   905  O O   . TYR A 1 127 ? 9.235   -6.562  -3.737  1.00 56.70 ? 127 TYR A O   1 
ATOM   906  C CB  . TYR A 1 127 ? 8.544   -9.088  -5.576  1.00 58.41 ? 127 TYR A CB  1 
ATOM   907  C CG  . TYR A 1 127 ? 8.698   -7.886  -6.477  1.00 58.05 ? 127 TYR A CG  1 
ATOM   908  C CD1 . TYR A 1 127 ? 9.744   -7.802  -7.375  1.00 58.62 ? 127 TYR A CD1 1 
ATOM   909  C CD2 . TYR A 1 127 ? 7.762   -6.850  -6.452  1.00 57.80 ? 127 TYR A CD2 1 
ATOM   910  C CE1 . TYR A 1 127 ? 9.877   -6.686  -8.227  1.00 59.25 ? 127 TYR A CE1 1 
ATOM   911  C CE2 . TYR A 1 127 ? 7.886   -5.754  -7.284  1.00 58.67 ? 127 TYR A CE2 1 
ATOM   912  C CZ  . TYR A 1 127 ? 8.945   -5.677  -8.165  1.00 58.42 ? 127 TYR A CZ  1 
ATOM   913  O OH  . TYR A 1 127 ? 9.061   -4.580  -8.986  1.00 60.62 ? 127 TYR A OH  1 
ATOM   914  N N   . SER A 1 128 ? 7.745   -7.763  -2.644  1.00 57.37 ? 128 SER A N   1 
ATOM   915  C CA  . SER A 1 128 ? 7.157   -6.546  -2.167  1.00 56.99 ? 128 SER A CA  1 
ATOM   916  C C   . SER A 1 128 ? 7.977   -5.917  -0.982  1.00 56.21 ? 128 SER A C   1 
ATOM   917  O O   . SER A 1 128 ? 7.659   -4.837  -0.513  1.00 54.15 ? 128 SER A O   1 
ATOM   918  C CB  . SER A 1 128 ? 5.695   -6.820  -1.841  1.00 56.46 ? 128 SER A CB  1 
ATOM   919  O OG  . SER A 1 128 ? 5.628   -7.240  -0.507  1.00 61.16 ? 128 SER A OG  1 
ATOM   920  N N   . VAL A 1 129 ? 9.032   -6.597  -0.511  1.00 56.37 ? 129 VAL A N   1 
ATOM   921  C CA  . VAL A 1 129 ? 9.894   -6.044  0.553   1.00 55.95 ? 129 VAL A CA  1 
ATOM   922  C C   . VAL A 1 129 ? 10.483  -4.696  0.119   1.00 55.02 ? 129 VAL A C   1 
ATOM   923  O O   . VAL A 1 129 ? 10.550  -3.771  0.916   1.00 53.98 ? 129 VAL A O   1 
ATOM   924  C CB  . VAL A 1 129 ? 11.027  -7.050  1.056   1.00 57.09 ? 129 VAL A CB  1 
ATOM   925  C CG1 . VAL A 1 129 ? 11.740  -7.734  -0.100  1.00 59.28 ? 129 VAL A CG1 1 
ATOM   926  C CG2 . VAL A 1 129 ? 12.090  -6.336  1.926   1.00 56.44 ? 129 VAL A CG2 1 
ATOM   927  N N   . VAL A 1 130 ? 10.877  -4.585  -1.140  1.00 54.09 ? 130 VAL A N   1 
ATOM   928  C CA  . VAL A 1 130 ? 11.396  -3.322  -1.667  1.00 53.73 ? 130 VAL A CA  1 
ATOM   929  C C   . VAL A 1 130 ? 10.292  -2.241  -1.807  1.00 53.36 ? 130 VAL A C   1 
ATOM   930  O O   . VAL A 1 130 ? 10.527  -1.098  -1.522  1.00 51.88 ? 130 VAL A O   1 
ATOM   931  C CB  . VAL A 1 130 ? 12.143  -3.539  -2.990  1.00 54.06 ? 130 VAL A CB  1 
ATOM   932  C CG1 . VAL A 1 130 ? 12.632  -2.210  -3.574  1.00 50.90 ? 130 VAL A CG1 1 
ATOM   933  C CG2 . VAL A 1 130 ? 13.313  -4.506  -2.762  1.00 54.34 ? 130 VAL A CG2 1 
ATOM   934  N N   . MET A 1 131 ? 9.071   -2.619  -2.172  1.00 53.17 ? 131 MET A N   1 
ATOM   935  C CA  . MET A 1 131 ? 7.974   -1.654  -2.204  1.00 52.57 ? 131 MET A CA  1 
ATOM   936  C C   . MET A 1 131 ? 7.654   -1.137  -0.793  1.00 52.08 ? 131 MET A C   1 
ATOM   937  O O   . MET A 1 131 ? 7.468   0.054   -0.591  1.00 51.80 ? 131 MET A O   1 
ATOM   938  C CB  . MET A 1 131 ? 6.736   -2.294  -2.845  1.00 52.59 ? 131 MET A CB  1 
ATOM   939  C CG  . MET A 1 131 ? 6.932   -2.771  -4.291  1.00 53.55 ? 131 MET A CG  1 
ATOM   940  S SD  . MET A 1 131 ? 7.168   -1.371  -5.410  1.00 55.25 ? 131 MET A SD  1 
ATOM   941  C CE  . MET A 1 131 ? 8.933   -1.427  -5.495  1.00 57.90 ? 131 MET A CE  1 
ATOM   942  N N   . TYR A 1 132 ? 7.601   -2.041  0.178   1.00 51.42 ? 132 TYR A N   1 
ATOM   943  C CA  . TYR A 1 132 ? 7.326   -1.674  1.572   1.00 51.59 ? 132 TYR A CA  1 
ATOM   944  C C   . TYR A 1 132 ? 8.417   -0.821  2.173   1.00 50.24 ? 132 TYR A C   1 
ATOM   945  O O   . TYR A 1 132 ? 8.148   0.026   2.993   1.00 48.49 ? 132 TYR A O   1 
ATOM   946  C CB  . TYR A 1 132 ? 7.162   -2.917  2.458   1.00 53.77 ? 132 TYR A CB  1 
ATOM   947  C CG  . TYR A 1 132 ? 5.996   -3.847  2.102   1.00 53.67 ? 132 TYR A CG  1 
ATOM   948  C CD1 . TYR A 1 132 ? 4.740   -3.337  1.784   1.00 56.49 ? 132 TYR A CD1 1 
ATOM   949  C CD2 . TYR A 1 132 ? 6.158   -5.218  2.111   1.00 57.30 ? 132 TYR A CD2 1 
ATOM   950  C CE1 . TYR A 1 132 ? 3.680   -4.178  1.462   1.00 55.97 ? 132 TYR A CE1 1 
ATOM   951  C CE2 . TYR A 1 132 ? 5.086   -6.084  1.789   1.00 56.41 ? 132 TYR A CE2 1 
ATOM   952  C CZ  . TYR A 1 132 ? 3.857   -5.539  1.464   1.00 56.48 ? 132 TYR A CZ  1 
ATOM   953  O OH  . TYR A 1 132 ? 2.795   -6.360  1.143   1.00 57.03 ? 132 TYR A OH  1 
ATOM   954  N N   . GLU A 1 133 ? 9.654   -1.067  1.781   1.00 49.77 ? 133 GLU A N   1 
ATOM   955  C CA  . GLU A 1 133 ? 10.758  -0.249  2.234   1.00 50.68 ? 133 GLU A CA  1 
ATOM   956  C C   . GLU A 1 133 ? 10.603  1.229   1.801   1.00 48.86 ? 133 GLU A C   1 
ATOM   957  O O   . GLU A 1 133 ? 10.806  2.122   2.586   1.00 48.97 ? 133 GLU A O   1 
ATOM   958  C CB  . GLU A 1 133 ? 12.084  -0.813  1.723   1.00 50.50 ? 133 GLU A CB  1 
ATOM   959  C CG  . GLU A 1 133 ? 13.241  0.045   2.163   1.00 51.76 ? 133 GLU A CG  1 
ATOM   960  C CD  . GLU A 1 133 ? 14.575  -0.426  1.672   1.00 54.57 ? 133 GLU A CD  1 
ATOM   961  O OE1 . GLU A 1 133 ? 14.652  -1.145  0.649   1.00 63.40 ? 133 GLU A OE1 1 
ATOM   962  O OE2 . GLU A 1 133 ? 15.573  -0.042  2.305   1.00 61.89 ? 133 GLU A OE2 1 
ATOM   963  N N   . GLY A 1 134 ? 10.210  1.455   0.560   1.00 48.50 ? 134 GLY A N   1 
ATOM   964  C CA  . GLY A 1 134 ? 9.938   2.802   0.057   1.00 49.03 ? 134 GLY A CA  1 
ATOM   965  C C   . GLY A 1 134 ? 8.785   3.445   0.783   1.00 48.64 ? 134 GLY A C   1 
ATOM   966  O O   . GLY A 1 134 ? 8.823   4.601   1.084   1.00 49.50 ? 134 GLY A O   1 
ATOM   967  N N   . TRP A 1 135 ? 7.747   2.686   1.069   1.00 49.37 ? 135 TRP A N   1 
ATOM   968  C CA  . TRP A 1 135 ? 6.639   3.166   1.885   1.00 48.83 ? 135 TRP A CA  1 
ATOM   969  C C   . TRP A 1 135 ? 7.133   3.579   3.296   1.00 48.63 ? 135 TRP A C   1 
ATOM   970  O O   . TRP A 1 135 ? 6.858   4.682   3.764   1.00 46.94 ? 135 TRP A O   1 
ATOM   971  C CB  . TRP A 1 135 ? 5.599   2.066   1.968   1.00 50.19 ? 135 TRP A CB  1 
ATOM   972  C CG  . TRP A 1 135 ? 4.307   2.458   2.576   1.00 51.06 ? 135 TRP A CG  1 
ATOM   973  C CD1 . TRP A 1 135 ? 3.200   2.921   1.928   1.00 51.99 ? 135 TRP A CD1 1 
ATOM   974  C CD2 . TRP A 1 135 ? 3.966   2.391   3.966   1.00 50.61 ? 135 TRP A CD2 1 
ATOM   975  N NE1 . TRP A 1 135 ? 2.204   3.161   2.830   1.00 53.38 ? 135 TRP A NE1 1 
ATOM   976  C CE2 . TRP A 1 135 ? 2.643   2.827   4.086   1.00 52.26 ? 135 TRP A CE2 1 
ATOM   977  C CE3 . TRP A 1 135 ? 4.654   1.985   5.111   1.00 52.18 ? 135 TRP A CE3 1 
ATOM   978  C CZ2 . TRP A 1 135 ? 2.000   2.904   5.309   1.00 53.35 ? 135 TRP A CZ2 1 
ATOM   979  C CZ3 . TRP A 1 135 ? 4.028   2.055   6.315   1.00 52.44 ? 135 TRP A CZ3 1 
ATOM   980  C CH2 . TRP A 1 135 ? 2.709   2.509   6.416   1.00 52.98 ? 135 TRP A CH2 1 
ATOM   981  N N   . ARG A 1 136 ? 7.874   2.697   3.963   1.00 47.65 ? 136 ARG A N   1 
ATOM   982  C CA  . ARG A 1 136 ? 8.405   3.021   5.280   1.00 47.37 ? 136 ARG A CA  1 
ATOM   983  C C   . ARG A 1 136 ? 9.297   4.253   5.257   1.00 46.81 ? 136 ARG A C   1 
ATOM   984  O O   . ARG A 1 136 ? 9.295   5.004   6.217   1.00 46.44 ? 136 ARG A O   1 
ATOM   985  C CB  . ARG A 1 136 ? 9.187   1.873   5.885   1.00 46.17 ? 136 ARG A CB  1 
ATOM   986  C CG  . ARG A 1 136 ? 8.335   0.710   6.255   1.00 47.86 ? 136 ARG A CG  1 
ATOM   987  C CD  . ARG A 1 136 ? 9.090   -0.322  7.057   1.00 45.83 ? 136 ARG A CD  1 
ATOM   988  N NE  . ARG A 1 136 ? 9.998   -1.085  6.213   1.00 46.44 ? 136 ARG A NE  1 
ATOM   989  C CZ  . ARG A 1 136 ? 11.300  -0.886  6.089   1.00 44.29 ? 136 ARG A CZ  1 
ATOM   990  N NH1 . ARG A 1 136 ? 11.921  0.055   6.755   1.00 49.73 ? 136 ARG A NH1 1 
ATOM   991  N NH2 . ARG A 1 136 ? 11.995  -1.661  5.296   1.00 45.71 ? 136 ARG A NH2 1 
ATOM   992  N N   . ASN A 1 137 ? 10.091  4.430   4.203   1.00 47.28 ? 137 ASN A N   1 
ATOM   993  C CA  . ASN A 1 137 ? 10.992  5.595   4.121   1.00 47.60 ? 137 ASN A CA  1 
ATOM   994  C C   . ASN A 1 137 ? 10.216  6.909   4.110   1.00 47.55 ? 137 ASN A C   1 
ATOM   995  O O   . ASN A 1 137 ? 10.713  7.934   4.593   1.00 46.98 ? 137 ASN A O   1 
ATOM   996  C CB  . ASN A 1 137 ? 11.898  5.541   2.873   1.00 48.15 ? 137 ASN A CB  1 
ATOM   997  C CG  . ASN A 1 137 ? 13.005  4.471   2.970   1.00 51.28 ? 137 ASN A CG  1 
ATOM   998  O OD1 . ASN A 1 137 ? 13.241  3.891   4.042   1.00 55.85 ? 137 ASN A OD1 1 
ATOM   999  N ND2 . ASN A 1 137 ? 13.666  4.192   1.837   1.00 49.27 ? 137 ASN A ND2 1 
ATOM   1000 N N   . VAL A 1 138 ? 9.011   6.897   3.526   1.00 47.46 ? 138 VAL A N   1 
ATOM   1001 C CA  . VAL A 1 138 ? 8.168   8.102   3.501   1.00 47.43 ? 138 VAL A CA  1 
ATOM   1002 C C   . VAL A 1 138 ? 7.760   8.415   4.945   1.00 47.09 ? 138 VAL A C   1 
ATOM   1003 O O   . VAL A 1 138 ? 7.913   9.530   5.407   1.00 44.68 ? 138 VAL A O   1 
ATOM   1004 C CB  . VAL A 1 138 ? 6.961   7.940   2.558   1.00 47.50 ? 138 VAL A CB  1 
ATOM   1005 C CG1 . VAL A 1 138 ? 5.987   9.095   2.727   1.00 47.46 ? 138 VAL A CG1 1 
ATOM   1006 C CG2 . VAL A 1 138 ? 7.450   7.870   1.100   1.00 48.22 ? 138 VAL A CG2 1 
ATOM   1007 N N   . ILE A 1 139 ? 7.348   7.384   5.686   1.00 46.71 ? 139 ILE A N   1 
ATOM   1008 C CA  . ILE A 1 139 ? 7.021   7.564   7.094   1.00 47.54 ? 139 ILE A CA  1 
ATOM   1009 C C   . ILE A 1 139 ? 8.241   8.082   7.912   1.00 47.92 ? 139 ILE A C   1 
ATOM   1010 O O   . ILE A 1 139 ? 8.119   9.099   8.603   1.00 48.26 ? 139 ILE A O   1 
ATOM   1011 C CB  . ILE A 1 139 ? 6.398   6.304   7.725   1.00 48.00 ? 139 ILE A CB  1 
ATOM   1012 C CG1 . ILE A 1 139 ? 5.139   5.840   6.949   1.00 48.37 ? 139 ILE A CG1 1 
ATOM   1013 C CG2 . ILE A 1 139 ? 6.097   6.546   9.189   1.00 47.11 ? 139 ILE A CG2 1 
ATOM   1014 C CD1 . ILE A 1 139 ? 4.052   6.931   6.721   1.00 49.66 ? 139 ILE A CD1 1 
ATOM   1015 N N   . ALA A 1 140 ? 9.404   7.423   7.812   1.00 48.16 ? 140 ALA A N   1 
ATOM   1016 C CA  . ALA A 1 140 ? 10.639  7.884   8.500   1.00 48.30 ? 140 ALA A CA  1 
ATOM   1017 C C   . ALA A 1 140 ? 11.030  9.338   8.155   1.00 48.56 ? 140 ALA A C   1 
ATOM   1018 O O   . ALA A 1 140 ? 11.470  10.103  9.035   1.00 48.12 ? 140 ALA A O   1 
ATOM   1019 C CB  . ALA A 1 140 ? 11.828  6.935   8.230   1.00 46.85 ? 140 ALA A CB  1 
ATOM   1020 N N   . GLU A 1 141 ? 10.924  9.698   6.874   1.00 49.45 ? 141 GLU A N   1 
ATOM   1021 C CA  . GLU A 1 141 ? 11.220  11.066  6.422   1.00 49.89 ? 141 GLU A CA  1 
ATOM   1022 C C   . GLU A 1 141 ? 10.316  12.099  7.114   1.00 49.77 ? 141 GLU A C   1 
ATOM   1023 O O   . GLU A 1 141 ? 10.765  13.119  7.576   1.00 49.60 ? 141 GLU A O   1 
ATOM   1024 C CB  . GLU A 1 141 ? 11.052  11.165  4.899   1.00 49.92 ? 141 GLU A CB  1 
ATOM   1025 C CG  . GLU A 1 141 ? 11.124  12.620  4.347   1.00 51.51 ? 141 GLU A CG  1 
ATOM   1026 C CD  . GLU A 1 141 ? 10.824  12.714  2.847   1.00 52.83 ? 141 GLU A CD  1 
ATOM   1027 O OE1 . GLU A 1 141 ? 10.037  11.851  2.346   1.00 54.32 ? 141 GLU A OE1 1 
ATOM   1028 O OE2 . GLU A 1 141 ? 11.372  13.664  2.204   1.00 55.81 ? 141 GLU A OE2 1 
ATOM   1029 N N   . TYR A 1 142 ? 9.023   11.813  7.184   1.00 50.52 ? 142 TYR A N   1 
ATOM   1030 C CA  . TYR A 1 142 ? 8.066   12.706  7.844   1.00 50.25 ? 142 TYR A CA  1 
ATOM   1031 C C   . TYR A 1 142 ? 8.367   12.858  9.336   1.00 50.19 ? 142 TYR A C   1 
ATOM   1032 O O   . TYR A 1 142 ? 8.373   13.981  9.864   1.00 50.04 ? 142 TYR A O   1 
ATOM   1033 C CB  . TYR A 1 142 ? 6.625   12.173  7.642   1.00 50.58 ? 142 TYR A CB  1 
ATOM   1034 C CG  . TYR A 1 142 ? 5.596   12.798  8.560   1.00 50.42 ? 142 TYR A CG  1 
ATOM   1035 C CD1 . TYR A 1 142 ? 5.209   14.127  8.403   1.00 49.54 ? 142 TYR A CD1 1 
ATOM   1036 C CD2 . TYR A 1 142 ? 5.023   12.058  9.596   1.00 50.33 ? 142 TYR A CD2 1 
ATOM   1037 C CE1 . TYR A 1 142 ? 4.274   14.707  9.252   1.00 49.99 ? 142 TYR A CE1 1 
ATOM   1038 C CE2 . TYR A 1 142 ? 4.086   12.637  10.464  1.00 50.20 ? 142 TYR A CE2 1 
ATOM   1039 C CZ  . TYR A 1 142 ? 3.717   13.944  10.281  1.00 50.60 ? 142 TYR A CZ  1 
ATOM   1040 O OH  . TYR A 1 142 ? 2.799   14.502  11.127  1.00 51.15 ? 142 TYR A OH  1 
ATOM   1041 N N   . VAL A 1 143 ? 8.561   11.716  10.010  1.00 50.13 ? 143 VAL A N   1 
ATOM   1042 C CA  . VAL A 1 143 ? 8.826   11.694  11.449  1.00 49.68 ? 143 VAL A CA  1 
ATOM   1043 C C   . VAL A 1 143 ? 10.137  12.421  11.731  1.00 49.60 ? 143 VAL A C   1 
ATOM   1044 O O   . VAL A 1 143 ? 10.202  13.214  12.679  1.00 49.25 ? 143 VAL A O   1 
ATOM   1045 C CB  . VAL A 1 143 ? 8.890   10.251  12.039  1.00 49.67 ? 143 VAL A CB  1 
ATOM   1046 C CG1 . VAL A 1 143 ? 9.204   10.300  13.532  1.00 48.08 ? 143 VAL A CG1 1 
ATOM   1047 C CG2 . VAL A 1 143 ? 7.562   9.474   11.805  1.00 48.95 ? 143 VAL A CG2 1 
ATOM   1048 N N   . ALA A 1 144 ? 11.157  12.166  10.900  1.00 49.41 ? 144 ALA A N   1 
ATOM   1049 C CA  . ALA A 1 144 ? 12.474  12.825  11.033  1.00 50.45 ? 144 ALA A CA  1 
ATOM   1050 C C   . ALA A 1 144 ? 12.387  14.347  10.953  1.00 50.55 ? 144 ALA A C   1 
ATOM   1051 O O   . ALA A 1 144 ? 13.002  15.020  11.765  1.00 50.86 ? 144 ALA A O   1 
ATOM   1052 C CB  . ALA A 1 144 ? 13.477  12.306  10.001  1.00 49.54 ? 144 ALA A CB  1 
ATOM   1053 N N   . SER A 1 145 ? 11.631  14.883  9.990   1.00 51.47 ? 145 SER A N   1 
ATOM   1054 C CA  . SER A 1 145 ? 11.513  16.341  9.839   1.00 52.48 ? 145 SER A CA  1 
ATOM   1055 C C   . SER A 1 145 ? 10.833  16.942  11.034  1.00 52.64 ? 145 SER A C   1 
ATOM   1056 O O   . SER A 1 145 ? 11.259  17.968  11.518  1.00 53.19 ? 145 SER A O   1 
ATOM   1057 C CB  . SER A 1 145 ? 10.701  16.741  8.605   1.00 53.20 ? 145 SER A CB  1 
ATOM   1058 O OG  . SER A 1 145 ? 11.283  16.253  7.402   1.00 56.11 ? 145 SER A OG  1 
ATOM   1059 N N   . ARG A 1 146 ? 9.771   16.292  11.504  1.00 52.89 ? 146 ARG A N   1 
ATOM   1060 C CA  . ARG A 1 146 ? 8.984   16.804  12.623  1.00 52.75 ? 146 ARG A CA  1 
ATOM   1061 C C   . ARG A 1 146 ? 9.749   16.782  13.931  1.00 52.57 ? 146 ARG A C   1 
ATOM   1062 O O   . ARG A 1 146 ? 9.571   17.664  14.774  1.00 53.08 ? 146 ARG A O   1 
ATOM   1063 C CB  . ARG A 1 146 ? 7.679   16.012  12.758  1.00 53.05 ? 146 ARG A CB  1 
ATOM   1064 C CG  . ARG A 1 146 ? 6.694   16.326  11.643  1.00 54.45 ? 146 ARG A CG  1 
ATOM   1065 C CD  . ARG A 1 146 ? 6.230   17.776  11.720  1.00 56.12 ? 146 ARG A CD  1 
ATOM   1066 N NE  . ARG A 1 146 ? 5.862   18.055  13.100  1.00 57.86 ? 146 ARG A NE  1 
ATOM   1067 C CZ  . ARG A 1 146 ? 4.660   17.839  13.637  1.00 58.16 ? 146 ARG A CZ  1 
ATOM   1068 N NH1 . ARG A 1 146 ? 4.462   18.105  14.925  1.00 58.05 ? 146 ARG A NH1 1 
ATOM   1069 N NH2 . ARG A 1 146 ? 3.652   17.394  12.897  1.00 58.39 ? 146 ARG A NH2 1 
ATOM   1070 N N   . LEU A 1 147 ? 10.589  15.773  14.108  1.00 52.38 ? 147 LEU A N   1 
ATOM   1071 C CA  . LEU A 1 147 ? 11.460  15.701  15.273  1.00 52.12 ? 147 LEU A CA  1 
ATOM   1072 C C   . LEU A 1 147 ? 12.753  16.498  15.049  1.00 52.05 ? 147 LEU A C   1 
ATOM   1073 O O   . LEU A 1 147 ? 13.548  16.638  15.966  1.00 52.45 ? 147 LEU A O   1 
ATOM   1074 C CB  . LEU A 1 147 ? 11.811  14.250  15.588  1.00 51.76 ? 147 LEU A CB  1 
ATOM   1075 C CG  . LEU A 1 147 ? 10.722  13.343  16.133  1.00 50.68 ? 147 LEU A CG  1 
ATOM   1076 C CD1 . LEU A 1 147 ? 11.243  11.929  16.113  1.00 48.56 ? 147 LEU A CD1 1 
ATOM   1077 C CD2 . LEU A 1 147 ? 10.300  13.769  17.549  1.00 49.78 ? 147 LEU A CD2 1 
ATOM   1078 N N   . GLY A 1 148 ? 12.969  16.994  13.834  1.00 51.81 ? 148 GLY A N   1 
ATOM   1079 C CA  . GLY A 1 148 ? 14.165  17.774  13.514  1.00 51.81 ? 148 GLY A CA  1 
ATOM   1080 C C   . GLY A 1 148 ? 15.392  16.896  13.476  1.00 51.84 ? 148 GLY A C   1 
ATOM   1081 O O   . GLY A 1 148 ? 16.470  17.288  13.873  1.00 51.64 ? 148 GLY A O   1 
ATOM   1082 N N   . THR A 1 149 ? 15.218  15.677  12.985  1.00 52.42 ? 149 THR A N   1 
ATOM   1083 C CA  . THR A 1 149 ? 16.223  14.643  13.143  1.00 51.83 ? 149 THR A CA  1 
ATOM   1084 C C   . THR A 1 149 ? 16.508  13.980  11.776  1.00 51.60 ? 149 THR A C   1 
ATOM   1085 O O   . THR A 1 149 ? 16.118  14.527  10.752  1.00 51.79 ? 149 THR A O   1 
ATOM   1086 C CB  . THR A 1 149 ? 15.728  13.729  14.289  1.00 52.30 ? 149 THR A CB  1 
ATOM   1087 O OG1 . THR A 1 149 ? 16.836  13.325  15.091  1.00 54.18 ? 149 THR A OG1 1 
ATOM   1088 C CG2 . THR A 1 149 ? 14.892  12.557  13.805  1.00 49.36 ? 149 THR A CG2 1 
ATOM   1089 N N   . SER A 1 150 ? 17.201  12.842  11.725  1.00 51.31 ? 150 SER A N   1 
ATOM   1090 C CA  . SER A 1 150 ? 17.508  12.189  10.427  1.00 50.59 ? 150 SER A CA  1 
ATOM   1091 C C   . SER A 1 150 ? 16.647  10.929  10.190  1.00 50.02 ? 150 SER A C   1 
ATOM   1092 O O   . SER A 1 150 ? 16.402  10.190  11.118  1.00 49.00 ? 150 SER A O   1 
ATOM   1093 C CB  . SER A 1 150 ? 19.017  11.869  10.313  1.00 50.78 ? 150 SER A CB  1 
ATOM   1094 O OG  . SER A 1 150 ? 19.267  10.721  9.493   1.00 50.70 ? 150 SER A OG  1 
ATOM   1095 N N   . PRO A 1 151 ? 16.202  10.700  8.934   1.00 49.70 ? 151 PRO A N   1 
ATOM   1096 C CA  . PRO A 1 151 ? 15.344  9.594   8.573   1.00 49.94 ? 151 PRO A CA  1 
ATOM   1097 C C   . PRO A 1 151 ? 15.969  8.226   8.790   1.00 50.03 ? 151 PRO A C   1 
ATOM   1098 O O   . PRO A 1 151 ? 15.250  7.239   8.960   1.00 50.43 ? 151 PRO A O   1 
ATOM   1099 C CB  . PRO A 1 151 ? 15.068  9.819   7.082   1.00 50.33 ? 151 PRO A CB  1 
ATOM   1100 C CG  . PRO A 1 151 ? 16.111  10.729  6.615   1.00 50.25 ? 151 PRO A CG  1 
ATOM   1101 C CD  . PRO A 1 151 ? 16.531  11.543  7.763   1.00 50.20 ? 151 PRO A CD  1 
ATOM   1102 N N   . THR A 1 152 ? 17.295  8.162   8.806   1.00 49.60 ? 152 THR A N   1 
ATOM   1103 C CA  . THR A 1 152 ? 17.972  6.912   9.138   1.00 49.16 ? 152 THR A CA  1 
ATOM   1104 C C   . THR A 1 152 ? 18.256  6.747   10.643  1.00 48.61 ? 152 THR A C   1 
ATOM   1105 O O   . THR A 1 152 ? 18.889  5.773   11.041  1.00 48.20 ? 152 THR A O   1 
ATOM   1106 C CB  . THR A 1 152 ? 19.273  6.778   8.331   1.00 48.99 ? 152 THR A CB  1 
ATOM   1107 O OG1 . THR A 1 152 ? 20.065  7.936   8.531   1.00 48.11 ? 152 THR A OG1 1 
ATOM   1108 C CG2 . THR A 1 152 ? 18.949  6.633   6.859   1.00 49.23 ? 152 THR A CG2 1 
ATOM   1109 N N   . ASP A 1 153 ? 17.776  7.668   11.478  1.00 48.00 ? 153 ASP A N   1 
ATOM   1110 C CA  . ASP A 1 153 ? 17.895  7.489   12.913  1.00 48.22 ? 153 ASP A CA  1 
ATOM   1111 C C   . ASP A 1 153 ? 16.915  6.418   13.414  1.00 48.56 ? 153 ASP A C   1 
ATOM   1112 O O   . ASP A 1 153 ? 15.972  6.009   12.701  1.00 48.50 ? 153 ASP A O   1 
ATOM   1113 C CB  . ASP A 1 153 ? 17.708  8.806   13.674  1.00 48.52 ? 153 ASP A CB  1 
ATOM   1114 C CG  . ASP A 1 153 ? 18.836  9.805   13.424  1.00 48.29 ? 153 ASP A CG  1 
ATOM   1115 O OD1 . ASP A 1 153 ? 19.932  9.398   12.994  1.00 49.43 ? 153 ASP A OD1 1 
ATOM   1116 O OD2 . ASP A 1 153 ? 18.614  11.009  13.644  1.00 48.63 ? 153 ASP A OD2 1 
ATOM   1117 N N   . HIS A 1 154 ? 17.150  5.975   14.647  1.00 48.24 ? 154 HIS A N   1 
ATOM   1118 C CA  . HIS A 1 154 ? 16.427  4.851   15.222  1.00 48.14 ? 154 HIS A CA  1 
ATOM   1119 C C   . HIS A 1 154 ? 14.921  5.111   15.354  1.00 47.80 ? 154 HIS A C   1 
ATOM   1120 O O   . HIS A 1 154 ? 14.103  4.286   14.940  1.00 47.99 ? 154 HIS A O   1 
ATOM   1121 C CB  . HIS A 1 154 ? 17.043  4.465   16.583  1.00 48.29 ? 154 HIS A CB  1 
ATOM   1122 C CG  . HIS A 1 154 ? 16.513  3.178   17.147  1.00 48.28 ? 154 HIS A CG  1 
ATOM   1123 N ND1 . HIS A 1 154 ? 16.275  2.065   16.365  1.00 49.75 ? 154 HIS A ND1 1 
ATOM   1124 C CD2 . HIS A 1 154 ? 16.194  2.820   18.416  1.00 48.39 ? 154 HIS A CD2 1 
ATOM   1125 C CE1 . HIS A 1 154 ? 15.815  1.082   17.125  1.00 48.19 ? 154 HIS A CE1 1 
ATOM   1126 N NE2 . HIS A 1 154 ? 15.756  1.514   18.375  1.00 48.87 ? 154 HIS A NE2 1 
ATOM   1127 N N   . VAL A 1 155 ? 14.552  6.250   15.909  1.00 47.08 ? 155 VAL A N   1 
ATOM   1128 C CA  . VAL A 1 155 ? 13.155  6.520   16.175  1.00 47.65 ? 155 VAL A CA  1 
ATOM   1129 C C   . VAL A 1 155 ? 12.328  6.572   14.877  1.00 48.00 ? 155 VAL A C   1 
ATOM   1130 O O   . VAL A 1 155 ? 11.356  5.823   14.766  1.00 47.99 ? 155 VAL A O   1 
ATOM   1131 C CB  . VAL A 1 155 ? 12.961  7.754   17.122  1.00 48.01 ? 155 VAL A CB  1 
ATOM   1132 C CG1 . VAL A 1 155 ? 11.522  8.313   17.063  1.00 46.98 ? 155 VAL A CG1 1 
ATOM   1133 C CG2 . VAL A 1 155 ? 13.314  7.337   18.568  1.00 47.06 ? 155 VAL A CG2 1 
ATOM   1134 N N   . PRO A 1 156 ? 12.721  7.408   13.886  1.00 47.82 ? 156 PRO A N   1 
ATOM   1135 C CA  . PRO A 1 156 ? 11.984  7.427   12.610  1.00 47.97 ? 156 PRO A CA  1 
ATOM   1136 C C   . PRO A 1 156 ? 11.888  6.060   11.892  1.00 48.33 ? 156 PRO A C   1 
ATOM   1137 O O   . PRO A 1 156 ? 10.828  5.691   11.370  1.00 48.50 ? 156 PRO A O   1 
ATOM   1138 C CB  . PRO A 1 156 ? 12.778  8.447   11.773  1.00 48.10 ? 156 PRO A CB  1 
ATOM   1139 C CG  . PRO A 1 156 ? 13.434  9.309   12.762  1.00 47.29 ? 156 PRO A CG  1 
ATOM   1140 C CD  . PRO A 1 156 ? 13.821  8.392   13.870  1.00 47.91 ? 156 PRO A CD  1 
ATOM   1141 N N   . ARG A 1 157 ? 12.984  5.314   11.888  1.00 48.38 ? 157 ARG A N   1 
ATOM   1142 C CA  . ARG A 1 157 ? 13.015  3.988   11.303  1.00 48.12 ? 157 ARG A CA  1 
ATOM   1143 C C   . ARG A 1 157 ? 12.053  3.033   12.004  1.00 48.19 ? 157 ARG A C   1 
ATOM   1144 O O   . ARG A 1 157 ? 11.358  2.242   11.325  1.00 48.19 ? 157 ARG A O   1 
ATOM   1145 C CB  . ARG A 1 157 ? 14.439  3.453   11.368  1.00 47.82 ? 157 ARG A CB  1 
ATOM   1146 C CG  . ARG A 1 157 ? 14.685  2.163   10.645  1.00 48.69 ? 157 ARG A CG  1 
ATOM   1147 C CD  . ARG A 1 157 ? 16.007  1.521   11.128  1.00 49.49 ? 157 ARG A CD  1 
ATOM   1148 N NE  . ARG A 1 157 ? 17.190  2.337   10.830  1.00 51.76 ? 157 ARG A NE  1 
ATOM   1149 C CZ  . ARG A 1 157 ? 17.818  2.391   9.644   1.00 51.84 ? 157 ARG A CZ  1 
ATOM   1150 N NH1 . ARG A 1 157 ? 17.375  1.710   8.600   1.00 53.51 ? 157 ARG A NH1 1 
ATOM   1151 N NH2 . ARG A 1 157 ? 18.890  3.142   9.495   1.00 48.83 ? 157 ARG A NH2 1 
ATOM   1152 N N   . THR A 1 158 ? 12.030  3.081   13.341  1.00 47.77 ? 158 THR A N   1 
ATOM   1153 C CA  . THR A 1 158 ? 11.174  2.199   14.148  1.00 47.77 ? 158 THR A CA  1 
ATOM   1154 C C   . THR A 1 158 ? 9.715   2.505   13.876  1.00 48.12 ? 158 THR A C   1 
ATOM   1155 O O   . THR A 1 158 ? 8.917   1.608   13.640  1.00 48.26 ? 158 THR A O   1 
ATOM   1156 C CB  . THR A 1 158 ? 11.456  2.330   15.671  1.00 47.59 ? 158 THR A CB  1 
ATOM   1157 O OG1 . THR A 1 158 ? 12.773  1.858   15.932  1.00 46.54 ? 158 THR A OG1 1 
ATOM   1158 C CG2 . THR A 1 158 ? 10.472  1.517   16.510  1.00 46.72 ? 158 THR A CG2 1 
ATOM   1159 N N   . VAL A 1 159 ? 9.381   3.787   13.873  1.00 48.07 ? 159 VAL A N   1 
ATOM   1160 C CA  . VAL A 1 159 ? 8.026   4.205   13.577  1.00 48.04 ? 159 VAL A CA  1 
ATOM   1161 C C   . VAL A 1 159 ? 7.546   3.728   12.194  1.00 48.59 ? 159 VAL A C   1 
ATOM   1162 O O   . VAL A 1 159 ? 6.406   3.270   12.052  1.00 48.19 ? 159 VAL A O   1 
ATOM   1163 C CB  . VAL A 1 159 ? 7.884   5.719   13.705  1.00 47.39 ? 159 VAL A CB  1 
ATOM   1164 C CG1 . VAL A 1 159 ? 6.538   6.154   13.221  1.00 45.25 ? 159 VAL A CG1 1 
ATOM   1165 C CG2 . VAL A 1 159 ? 8.092   6.121   15.183  1.00 47.83 ? 159 VAL A CG2 1 
ATOM   1166 N N   . GLY A 1 160 ? 8.400   3.846   11.185  1.00 48.93 ? 160 GLY A N   1 
ATOM   1167 C CA  . GLY A 1 160 ? 8.075   3.367   9.849   1.00 49.14 ? 160 GLY A CA  1 
ATOM   1168 C C   . GLY A 1 160 ? 7.728   1.892   9.859   1.00 49.69 ? 160 GLY A C   1 
ATOM   1169 O O   . GLY A 1 160 ? 6.732   1.475   9.256   1.00 50.38 ? 160 GLY A O   1 
ATOM   1170 N N   . TYR A 1 161 ? 8.569   1.093   10.520  1.00 49.91 ? 161 TYR A N   1 
ATOM   1171 C CA  . TYR A 1 161 ? 8.291   -0.322  10.712  1.00 49.81 ? 161 TYR A CA  1 
ATOM   1172 C C   . TYR A 1 161 ? 7.009   -0.636  11.517  1.00 49.75 ? 161 TYR A C   1 
ATOM   1173 O O   . TYR A 1 161 ? 6.340   -1.627  11.247  1.00 49.80 ? 161 TYR A O   1 
ATOM   1174 C CB  . TYR A 1 161 ? 9.485   -1.006  11.395  1.00 50.75 ? 161 TYR A CB  1 
ATOM   1175 C CG  . TYR A 1 161 ? 10.473  -1.629  10.446  1.00 51.04 ? 161 TYR A CG  1 
ATOM   1176 C CD1 . TYR A 1 161 ? 10.135  -2.764  9.700   1.00 49.58 ? 161 TYR A CD1 1 
ATOM   1177 C CD2 . TYR A 1 161 ? 11.741  -1.087  10.284  1.00 51.22 ? 161 TYR A CD2 1 
ATOM   1178 C CE1 . TYR A 1 161 ? 11.044  -3.326  8.830   1.00 51.09 ? 161 TYR A CE1 1 
ATOM   1179 C CE2 . TYR A 1 161 ? 12.648  -1.637  9.414   1.00 50.74 ? 161 TYR A CE2 1 
ATOM   1180 C CZ  . TYR A 1 161 ? 12.304  -2.745  8.693   1.00 51.60 ? 161 TYR A CZ  1 
ATOM   1181 O OH  . TYR A 1 161 ? 13.225  -3.278  7.840   1.00 52.00 ? 161 TYR A OH  1 
ATOM   1182 N N   . LEU A 1 162 ? 6.700   0.162   12.540  1.00 49.43 ? 162 LEU A N   1 
ATOM   1183 C CA  . LEU A 1 162 ? 5.489   -0.063  13.372  1.00 49.07 ? 162 LEU A CA  1 
ATOM   1184 C C   . LEU A 1 162 ? 4.210   0.308   12.614  1.00 48.98 ? 162 LEU A C   1 
ATOM   1185 O O   . LEU A 1 162 ? 3.193   -0.372  12.730  1.00 48.44 ? 162 LEU A O   1 
ATOM   1186 C CB  . LEU A 1 162 ? 5.552   0.758   14.659  1.00 48.90 ? 162 LEU A CB  1 
ATOM   1187 C CG  . LEU A 1 162 ? 6.668   0.394   15.643  1.00 49.12 ? 162 LEU A CG  1 
ATOM   1188 C CD1 . LEU A 1 162 ? 6.716   1.430   16.775  1.00 47.55 ? 162 LEU A CD1 1 
ATOM   1189 C CD2 . LEU A 1 162 ? 6.483   -1.018  16.161  1.00 46.47 ? 162 LEU A CD2 1 
ATOM   1190 N N   . LEU A 1 163 ? 4.263   1.388   11.845  1.00 48.92 ? 163 LEU A N   1 
ATOM   1191 C CA  . LEU A 1 163 ? 3.138   1.767   11.012  1.00 49.64 ? 163 LEU A CA  1 
ATOM   1192 C C   . LEU A 1 163 ? 2.908   0.711   9.925   1.00 50.80 ? 163 LEU A C   1 
ATOM   1193 O O   . LEU A 1 163 ? 1.759   0.392   9.621   1.00 51.35 ? 163 LEU A O   1 
ATOM   1194 C CB  . LEU A 1 163 ? 3.329   3.166   10.413  1.00 49.68 ? 163 LEU A CB  1 
ATOM   1195 C CG  . LEU A 1 163 ? 2.056   3.964   10.081  1.00 50.22 ? 163 LEU A CG  1 
ATOM   1196 C CD1 . LEU A 1 163 ? 1.217   4.285   11.300  1.00 48.42 ? 163 LEU A CD1 1 
ATOM   1197 C CD2 . LEU A 1 163 ? 2.374   5.242   9.334   1.00 48.74 ? 163 LEU A CD2 1 
ATOM   1198 N N   . LEU A 1 164 ? 3.982   0.143   9.360   1.00 50.59 ? 164 LEU A N   1 
ATOM   1199 C CA  . LEU A 1 164 ? 3.812   -0.903  8.370   1.00 50.09 ? 164 LEU A CA  1 
ATOM   1200 C C   . LEU A 1 164 ? 3.170   -2.133  8.965   1.00 50.39 ? 164 LEU A C   1 
ATOM   1201 O O   . LEU A 1 164 ? 2.401   -2.822  8.295   1.00 51.60 ? 164 LEU A O   1 
ATOM   1202 C CB  . LEU A 1 164 ? 5.136   -1.279  7.704   1.00 50.22 ? 164 LEU A CB  1 
ATOM   1203 C CG  . LEU A 1 164 ? 5.076   -2.340  6.591   1.00 50.14 ? 164 LEU A CG  1 
ATOM   1204 C CD1 . LEU A 1 164 ? 4.249   -1.852  5.364   1.00 48.63 ? 164 LEU A CD1 1 
ATOM   1205 C CD2 . LEU A 1 164 ? 6.482   -2.794  6.178   1.00 50.50 ? 164 LEU A CD2 1 
ATOM   1206 N N   . GLY A 1 165 ? 3.533   -2.459  10.206  1.00 50.00 ? 165 GLY A N   1 
ATOM   1207 C CA  . GLY A 1 165 ? 2.942   -3.553  10.914  1.00 48.63 ? 165 GLY A CA  1 
ATOM   1208 C C   . GLY A 1 165 ? 1.442   -3.466  11.102  1.00 48.48 ? 165 GLY A C   1 
ATOM   1209 O O   . GLY A 1 165 ? 0.745   -4.484  10.969  1.00 47.30 ? 165 GLY A O   1 
ATOM   1210 N N   . VAL A 1 166 ? 0.925   -2.277  11.424  1.00 48.00 ? 166 VAL A N   1 
ATOM   1211 C CA  . VAL A 1 166 ? -0.528  -2.136  11.551  1.00 48.02 ? 166 VAL A CA  1 
ATOM   1212 C C   . VAL A 1 166 ? -1.201  -2.291  10.173  1.00 48.12 ? 166 VAL A C   1 
ATOM   1213 O O   . VAL A 1 166 ? -2.229  -2.958  10.063  1.00 46.59 ? 166 VAL A O   1 
ATOM   1214 C CB  . VAL A 1 166 ? -1.037  -0.848  12.374  1.00 48.33 ? 166 VAL A CB  1 
ATOM   1215 C CG1 . VAL A 1 166 ? -0.580  -0.833  13.805  1.00 45.47 ? 166 VAL A CG1 1 
ATOM   1216 C CG2 . VAL A 1 166 ? -0.761  0.431   11.656  1.00 47.17 ? 166 VAL A CG2 1 
ATOM   1217 N N   . ALA A 1 167 ? -0.596  -1.718  9.122   1.00 48.11 ? 167 ALA A N   1 
ATOM   1218 C CA  . ALA A 1 167 ? -1.120  -1.868  7.752   1.00 48.35 ? 167 ALA A CA  1 
ATOM   1219 C C   . ALA A 1 167 ? -1.209  -3.344  7.319   1.00 48.55 ? 167 ALA A C   1 
ATOM   1220 O O   . ALA A 1 167 ? -2.230  -3.794  6.830   1.00 48.79 ? 167 ALA A O   1 
ATOM   1221 C CB  . ALA A 1 167 ? -0.259  -1.055  6.754   1.00 48.01 ? 167 ALA A CB  1 
ATOM   1222 N N   . MET A 1 168 ? -0.127  -4.087  7.519   1.00 49.15 ? 168 MET A N   1 
ATOM   1223 C CA  . MET A 1 168 ? -0.025  -5.492  7.118   1.00 48.77 ? 168 MET A CA  1 
ATOM   1224 C C   . MET A 1 168 ? -1.033  -6.391  7.860   1.00 48.59 ? 168 MET A C   1 
ATOM   1225 O O   . MET A 1 168 ? -1.683  -7.236  7.259   1.00 46.77 ? 168 MET A O   1 
ATOM   1226 C CB  . MET A 1 168 ? 1.416   -6.016  7.364   1.00 49.26 ? 168 MET A CB  1 
ATOM   1227 C CG  . MET A 1 168 ? 2.564   -5.450  6.472   1.00 48.52 ? 168 MET A CG  1 
ATOM   1228 S SD  . MET A 1 168 ? 2.318   -5.605  4.693   1.00 48.92 ? 168 MET A SD  1 
ATOM   1229 C CE  . MET A 1 168 ? 2.543   -7.347  4.379   1.00 51.85 ? 168 MET A CE  1 
ATOM   1230 N N   . SER A 1 169 ? -1.124  -6.206  9.170   1.00 48.46 ? 169 SER A N   1 
ATOM   1231 C CA  . SER A 1 169 ? -2.102  -6.884  9.979   1.00 48.96 ? 169 SER A CA  1 
ATOM   1232 C C   . SER A 1 169 ? -3.559  -6.646  9.530   1.00 49.17 ? 169 SER A C   1 
ATOM   1233 O O   . SER A 1 169 ? -4.336  -7.611  9.378   1.00 48.31 ? 169 SER A O   1 
ATOM   1234 C CB  . SER A 1 169 ? -1.971  -6.494  11.450  1.00 48.34 ? 169 SER A CB  1 
ATOM   1235 O OG  . SER A 1 169 ? -2.807  -7.410  12.209  1.00 52.19 ? 169 SER A OG  1 
ATOM   1236 N N   . ALA A 1 170 ? -3.916  -5.373  9.359   1.00 49.14 ? 170 ALA A N   1 
ATOM   1237 C CA  . ALA A 1 170 ? -5.233  -4.972  8.865   1.00 49.96 ? 170 ALA A CA  1 
ATOM   1238 C C   . ALA A 1 170 ? -5.573  -5.654  7.551   1.00 50.30 ? 170 ALA A C   1 
ATOM   1239 O O   . ALA A 1 170 ? -6.639  -6.237  7.431   1.00 50.45 ? 170 ALA A O   1 
ATOM   1240 C CB  . ALA A 1 170 ? -5.333  -3.447  8.707   1.00 48.85 ? 170 ALA A CB  1 
ATOM   1241 N N   . TYR A 1 171 ? -4.666  -5.597  6.585   1.00 50.54 ? 171 TYR A N   1 
ATOM   1242 C CA  . TYR A 1 171 ? -4.914  -6.206  5.292   1.00 51.84 ? 171 TYR A CA  1 
ATOM   1243 C C   . TYR A 1 171 ? -5.044  -7.716  5.348   1.00 52.51 ? 171 TYR A C   1 
ATOM   1244 O O   . TYR A 1 171 ? -5.901  -8.288  4.660   1.00 54.28 ? 171 TYR A O   1 
ATOM   1245 C CB  . TYR A 1 171 ? -3.814  -5.836  4.279   1.00 52.84 ? 171 TYR A CB  1 
ATOM   1246 C CG  . TYR A 1 171 ? -4.033  -4.525  3.557   1.00 52.54 ? 171 TYR A CG  1 
ATOM   1247 C CD1 . TYR A 1 171 ? -3.225  -3.424  3.817   1.00 52.86 ? 171 TYR A CD1 1 
ATOM   1248 C CD2 . TYR A 1 171 ? -5.033  -4.399  2.603   1.00 52.09 ? 171 TYR A CD2 1 
ATOM   1249 C CE1 . TYR A 1 171 ? -3.407  -2.223  3.145   1.00 55.95 ? 171 TYR A CE1 1 
ATOM   1250 C CE2 . TYR A 1 171 ? -5.244  -3.187  1.927   1.00 54.13 ? 171 TYR A CE2 1 
ATOM   1251 C CZ  . TYR A 1 171 ? -4.428  -2.101  2.197   1.00 55.69 ? 171 TYR A CZ  1 
ATOM   1252 O OH  . TYR A 1 171 ? -4.613  -0.893  1.528   1.00 54.81 ? 171 TYR A OH  1 
ATOM   1253 N N   . GLU A 1 172 ? -4.210  -8.385  6.147   1.00 52.99 ? 172 GLU A N   1 
ATOM   1254 C CA  . GLU A 1 172 ? -4.325  -9.847  6.315   1.00 53.15 ? 172 GLU A CA  1 
ATOM   1255 C C   . GLU A 1 172 ? -5.677  -10.200 6.919   1.00 52.60 ? 172 GLU A C   1 
ATOM   1256 O O   . GLU A 1 172 ? -6.325  -11.186 6.527   1.00 52.14 ? 172 GLU A O   1 
ATOM   1257 C CB  . GLU A 1 172 ? -3.218  -10.396 7.224   1.00 53.37 ? 172 GLU A CB  1 
ATOM   1258 C CG  . GLU A 1 172 ? -1.889  -10.614 6.532   1.00 54.80 ? 172 GLU A CG  1 
ATOM   1259 C CD  . GLU A 1 172 ? -0.788  -11.151 7.470   1.00 55.24 ? 172 GLU A CD  1 
ATOM   1260 O OE1 . GLU A 1 172 ? -1.071  -11.554 8.621   1.00 55.94 ? 172 GLU A OE1 1 
ATOM   1261 O OE2 . GLU A 1 172 ? 0.382   -11.157 7.040   1.00 58.20 ? 172 GLU A OE2 1 
ATOM   1262 N N   . GLN A 1 173 ? -6.082  -9.385  7.887   1.00 52.60 ? 173 GLN A N   1 
ATOM   1263 C CA  . GLN A 1 173 ? -7.338  -9.586  8.604   1.00 52.92 ? 173 GLN A CA  1 
ATOM   1264 C C   . GLN A 1 173 ? -8.496  -9.379  7.641   1.00 52.77 ? 173 GLN A C   1 
ATOM   1265 O O   . GLN A 1 173 ? -9.433  -10.159 7.610   1.00 51.41 ? 173 GLN A O   1 
ATOM   1266 C CB  . GLN A 1 173 ? -7.449  -8.634  9.807   1.00 52.27 ? 173 GLN A CB  1 
ATOM   1267 C CG  . GLN A 1 173 ? -8.351  -9.148  10.915  1.00 52.60 ? 173 GLN A CG  1 
ATOM   1268 C CD  . GLN A 1 173 ? -7.858  -10.451 11.507  1.00 50.80 ? 173 GLN A CD  1 
ATOM   1269 O OE1 . GLN A 1 173 ? -8.631  -11.358 11.806  1.00 50.20 ? 173 GLN A OE1 1 
ATOM   1270 N NE2 . GLN A 1 173 ? -6.559  -10.559 11.642  1.00 51.41 ? 173 GLN A NE2 1 
ATOM   1271 N N   . TRP A 1 174 ? -8.358  -8.365  6.790   1.00 53.52 ? 174 TRP A N   1 
ATOM   1272 C CA  . TRP A 1 174 ? -9.399  -7.983  5.849   1.00 54.41 ? 174 TRP A CA  1 
ATOM   1273 C C   . TRP A 1 174 ? -9.550  -9.002  4.750   1.00 55.17 ? 174 TRP A C   1 
ATOM   1274 O O   . TRP A 1 174 ? -10.657 -9.334  4.368   1.00 54.84 ? 174 TRP A O   1 
ATOM   1275 C CB  . TRP A 1 174 ? -9.040  -6.648  5.247   1.00 54.25 ? 174 TRP A CB  1 
ATOM   1276 C CG  . TRP A 1 174 ? -9.969  -6.086  4.262   1.00 53.78 ? 174 TRP A CG  1 
ATOM   1277 C CD1 . TRP A 1 174 ? -11.259 -5.764  4.463   1.00 53.64 ? 174 TRP A CD1 1 
ATOM   1278 C CD2 . TRP A 1 174 ? -9.638  -5.649  2.933   1.00 53.47 ? 174 TRP A CD2 1 
ATOM   1279 N NE1 . TRP A 1 174 ? -11.783 -5.187  3.332   1.00 54.16 ? 174 TRP A NE1 1 
ATOM   1280 C CE2 . TRP A 1 174 ? -10.805 -5.102  2.375   1.00 54.18 ? 174 TRP A CE2 1 
ATOM   1281 C CE3 . TRP A 1 174 ? -8.476  -5.678  2.162   1.00 53.23 ? 174 TRP A CE3 1 
ATOM   1282 C CZ2 . TRP A 1 174 ? -10.855 -4.604  1.066   1.00 54.40 ? 174 TRP A CZ2 1 
ATOM   1283 C CZ3 . TRP A 1 174 ? -8.516  -5.173  0.867   1.00 53.73 ? 174 TRP A CZ3 1 
ATOM   1284 C CH2 . TRP A 1 174 ? -9.700  -4.640  0.332   1.00 53.80 ? 174 TRP A CH2 1 
ATOM   1285 N N   . LEU A 1 175 ? -8.442  -9.511  4.240   1.00 56.33 ? 175 LEU A N   1 
ATOM   1286 C CA  . LEU A 1 175 ? -8.542  -10.584 3.253   1.00 57.42 ? 175 LEU A CA  1 
ATOM   1287 C C   . LEU A 1 175 ? -9.149  -11.839 3.804   1.00 58.21 ? 175 LEU A C   1 
ATOM   1288 O O   . LEU A 1 175 ? -9.714  -12.615 3.054   1.00 58.52 ? 175 LEU A O   1 
ATOM   1289 C CB  . LEU A 1 175 ? -7.172  -10.958 2.711   1.00 57.84 ? 175 LEU A CB  1 
ATOM   1290 C CG  . LEU A 1 175 ? -6.552  -9.919  1.815   1.00 56.51 ? 175 LEU A CG  1 
ATOM   1291 C CD1 . LEU A 1 175 ? -5.170  -10.418 1.509   1.00 56.67 ? 175 LEU A CD1 1 
ATOM   1292 C CD2 . LEU A 1 175 ? -7.386  -9.777  0.546   1.00 57.40 ? 175 LEU A CD2 1 
ATOM   1293 N N   . ASP A 1 176 ? -8.968  -12.065 5.099   1.00 59.65 ? 176 ASP A N   1 
ATOM   1294 C CA  . ASP A 1 176 ? -9.430  -13.280 5.742   1.00 59.96 ? 176 ASP A CA  1 
ATOM   1295 C C   . ASP A 1 176 ? -10.948 -13.283 5.991   1.00 60.22 ? 176 ASP A C   1 
ATOM   1296 O O   . ASP A 1 176 ? -11.502 -14.335 6.270   1.00 59.57 ? 176 ASP A O   1 
ATOM   1297 C CB  . ASP A 1 176 ? -8.700  -13.471 7.079   1.00 60.58 ? 176 ASP A CB  1 
ATOM   1298 C CG  . ASP A 1 176 ? -9.041  -14.781 7.748   1.00 62.67 ? 176 ASP A CG  1 
ATOM   1299 O OD1 . ASP A 1 176 ? -8.545  -15.825 7.258   1.00 69.83 ? 176 ASP A OD1 1 
ATOM   1300 O OD2 . ASP A 1 176 ? -9.796  -14.790 8.766   1.00 68.44 ? 176 ASP A OD2 1 
ATOM   1301 N N   . ASP A 1 177 ? -11.596 -12.115 5.899   1.00 60.48 ? 177 ASP A N   1 
ATOM   1302 C CA  . ASP A 1 177 ? -13.005 -11.958 6.267   1.00 61.19 ? 177 ASP A CA  1 
ATOM   1303 C C   . ASP A 1 177 ? -13.646 -10.753 5.552   1.00 61.65 ? 177 ASP A C   1 
ATOM   1304 O O   . ASP A 1 177 ? -13.491 -9.615  5.989   1.00 61.61 ? 177 ASP A O   1 
ATOM   1305 C CB  . ASP A 1 177 ? -13.108 -11.822 7.802   1.00 61.15 ? 177 ASP A CB  1 
ATOM   1306 C CG  . ASP A 1 177 ? -14.551 -11.902 8.347   1.00 60.38 ? 177 ASP A CG  1 
ATOM   1307 O OD1 . ASP A 1 177 ? -15.538 -11.745 7.595   1.00 59.33 ? 177 ASP A OD1 1 
ATOM   1308 O OD2 . ASP A 1 177 ? -14.680 -12.110 9.574   1.00 59.35 ? 177 ASP A OD2 1 
ATOM   1309 N N   . ASP A 1 178 ? -14.357 -11.058 4.452   1.00 62.49 ? 178 ASP A N   1 
ATOM   1310 C CA  . ASP A 1 178 ? -15.285 -10.159 3.690   1.00 62.55 ? 178 ASP A CA  1 
ATOM   1311 C C   . ASP A 1 178 ? -16.170 -9.198  4.486   1.00 62.28 ? 178 ASP A C   1 
ATOM   1312 O O   . ASP A 1 178 ? -16.467 -8.094  4.022   1.00 62.57 ? 178 ASP A O   1 
ATOM   1313 C CB  . ASP A 1 178 ? -16.293 -11.016 2.887   1.00 63.44 ? 178 ASP A CB  1 
ATOM   1314 C CG  . ASP A 1 178 ? -15.663 -11.720 1.692   1.00 65.87 ? 178 ASP A CG  1 
ATOM   1315 O OD1 . ASP A 1 178 ? -14.516 -11.352 1.350   1.00 67.62 ? 178 ASP A OD1 1 
ATOM   1316 O OD2 . ASP A 1 178 ? -16.307 -12.632 1.105   1.00 69.46 ? 178 ASP A OD2 1 
ATOM   1317 N N   . SER A 1 179 ? -16.642 -9.654  5.641   1.00 61.35 ? 179 SER A N   1 
ATOM   1318 C CA  . SER A 1 179 ? -17.569 -8.881  6.460   1.00 60.74 ? 179 SER A CA  1 
ATOM   1319 C C   . SER A 1 179 ? -16.890 -7.756  7.251   1.00 60.25 ? 179 SER A C   1 
ATOM   1320 O O   . SER A 1 179 ? -17.571 -6.991  7.945   1.00 60.50 ? 179 SER A O   1 
ATOM   1321 C CB  . SER A 1 179 ? -18.298 -9.809  7.439   1.00 60.55 ? 179 SER A CB  1 
ATOM   1322 O OG  . SER A 1 179 ? -17.467 -10.157 8.533   1.00 60.20 ? 179 SER A OG  1 
ATOM   1323 N N   . LEU A 1 180 ? -15.559 -7.673  7.184   1.00 59.30 ? 180 LEU A N   1 
ATOM   1324 C CA  . LEU A 1 180 ? -14.825 -6.657  7.929   1.00 58.57 ? 180 LEU A CA  1 
ATOM   1325 C C   . LEU A 1 180 ? -14.496 -5.467  7.019   1.00 58.05 ? 180 LEU A C   1 
ATOM   1326 O O   . LEU A 1 180 ? -14.324 -5.620  5.803   1.00 57.67 ? 180 LEU A O   1 
ATOM   1327 C CB  . LEU A 1 180 ? -13.537 -7.241  8.518   1.00 58.26 ? 180 LEU A CB  1 
ATOM   1328 C CG  . LEU A 1 180 ? -13.627 -8.482  9.400   1.00 57.97 ? 180 LEU A CG  1 
ATOM   1329 C CD1 . LEU A 1 180 ? -12.231 -8.886  9.882   1.00 55.43 ? 180 LEU A CD1 1 
ATOM   1330 C CD2 . LEU A 1 180 ? -14.578 -8.276  10.577  1.00 57.34 ? 180 LEU A CD2 1 
ATOM   1331 N N   . GLU A 1 181 ? -14.409 -4.292  7.634   1.00 57.37 ? 181 GLU A N   1 
ATOM   1332 C CA  . GLU A 1 181 ? -14.071 -3.058  6.947   1.00 57.01 ? 181 GLU A CA  1 
ATOM   1333 C C   . GLU A 1 181 ? -12.604 -2.753  7.172   1.00 56.22 ? 181 GLU A C   1 
ATOM   1334 O O   . GLU A 1 181 ? -12.129 -2.768  8.316   1.00 55.35 ? 181 GLU A O   1 
ATOM   1335 C CB  . GLU A 1 181 ? -14.935 -1.894  7.464   1.00 57.34 ? 181 GLU A CB  1 
ATOM   1336 C CG  . GLU A 1 181 ? -16.424 -1.984  7.121   1.00 58.79 ? 181 GLU A CG  1 
ATOM   1337 C CD  . GLU A 1 181 ? -16.707 -2.001  5.618   1.00 59.90 ? 181 GLU A CD  1 
ATOM   1338 O OE1 . GLU A 1 181 ? -16.210 -1.098  4.913   1.00 59.57 ? 181 GLU A OE1 1 
ATOM   1339 O OE2 . GLU A 1 181 ? -17.426 -2.908  5.143   1.00 61.41 ? 181 GLU A OE2 1 
ATOM   1340 N N   . LEU A 1 182 ? -11.896 -2.479  6.073   1.00 55.73 ? 182 LEU A N   1 
ATOM   1341 C CA  . LEU A 1 182 ? -10.467 -2.174  6.116   1.00 55.45 ? 182 LEU A CA  1 
ATOM   1342 C C   . LEU A 1 182 ? -10.200 -0.941  6.983   1.00 54.96 ? 182 LEU A C   1 
ATOM   1343 O O   . LEU A 1 182 ? -9.307  -0.959  7.827   1.00 54.29 ? 182 LEU A O   1 
ATOM   1344 C CB  . LEU A 1 182 ? -9.900  -1.977  4.698   1.00 55.45 ? 182 LEU A CB  1 
ATOM   1345 C CG  . LEU A 1 182 ? -8.382  -1.745  4.552   1.00 55.47 ? 182 LEU A CG  1 
ATOM   1346 C CD1 . LEU A 1 182 ? -7.572  -2.873  5.232   1.00 54.16 ? 182 LEU A CD1 1 
ATOM   1347 C CD2 . LEU A 1 182 ? -7.969  -1.571  3.079   1.00 54.47 ? 182 LEU A CD2 1 
ATOM   1348 N N   . ASN A 1 183 ? -10.999 0.106   6.805   1.00 54.81 ? 183 ASN A N   1 
ATOM   1349 C CA  . ASN A 1 183 ? -10.785 1.354   7.545   1.00 54.99 ? 183 ASN A CA  1 
ATOM   1350 C C   . ASN A 1 183 ? -10.957 1.158   9.047   1.00 54.56 ? 183 ASN A C   1 
ATOM   1351 O O   . ASN A 1 183 ? -10.260 1.771   9.851   1.00 54.98 ? 183 ASN A O   1 
ATOM   1352 C CB  . ASN A 1 183 ? -11.716 2.473   7.040   1.00 55.37 ? 183 ASN A CB  1 
ATOM   1353 C CG  . ASN A 1 183 ? -13.200 2.155   7.243   1.00 57.06 ? 183 ASN A CG  1 
ATOM   1354 O OD1 . ASN A 1 183 ? -13.695 1.113   6.801   1.00 61.47 ? 183 ASN A OD1 1 
ATOM   1355 N ND2 . ASN A 1 183 ? -13.915 3.056   7.910   1.00 59.00 ? 183 ASN A ND2 1 
ATOM   1356 N N   . GLU A 1 184 ? -11.881 0.290   9.418   1.00 53.83 ? 184 GLU A N   1 
ATOM   1357 C CA  . GLU A 1 184 ? -12.111 -0.008  10.806  1.00 53.74 ? 184 GLU A CA  1 
ATOM   1358 C C   . GLU A 1 184 ? -10.925 -0.788  11.381  1.00 53.07 ? 184 GLU A C   1 
ATOM   1359 O O   . GLU A 1 184 ? -10.467 -0.494  12.498  1.00 53.24 ? 184 GLU A O   1 
ATOM   1360 C CB  . GLU A 1 184 ? -13.418 -0.790  10.949  1.00 53.79 ? 184 GLU A CB  1 
ATOM   1361 C CG  . GLU A 1 184 ? -13.866 -0.996  12.381  1.00 54.72 ? 184 GLU A CG  1 
ATOM   1362 C CD  . GLU A 1 184 ? -15.280 -1.554  12.474  1.00 55.99 ? 184 GLU A CD  1 
ATOM   1363 O OE1 . GLU A 1 184 ? -15.875 -1.863  11.401  1.00 58.92 ? 184 GLU A OE1 1 
ATOM   1364 O OE2 . GLU A 1 184 ? -15.794 -1.680  13.620  1.00 58.23 ? 184 GLU A OE2 1 
ATOM   1365 N N   . LEU A 1 185 ? -10.436 -1.777  10.622  1.00 51.97 ? 185 LEU A N   1 
ATOM   1366 C CA  . LEU A 1 185 ? -9.284  -2.580  11.039  1.00 51.31 ? 185 LEU A CA  1 
ATOM   1367 C C   . LEU A 1 185 ? -8.018  -1.742  11.167  1.00 51.01 ? 185 LEU A C   1 
ATOM   1368 O O   . LEU A 1 185 ? -7.268  -1.899  12.127  1.00 51.21 ? 185 LEU A O   1 
ATOM   1369 C CB  . LEU A 1 185 ? -9.035  -3.709  10.050  1.00 50.89 ? 185 LEU A CB  1 
ATOM   1370 C CG  . LEU A 1 185 ? -10.033 -4.849  10.071  1.00 50.38 ? 185 LEU A CG  1 
ATOM   1371 C CD1 . LEU A 1 185 ? -9.873  -5.663  8.800   1.00 49.30 ? 185 LEU A CD1 1 
ATOM   1372 C CD2 . LEU A 1 185 ? -9.825  -5.690  11.333  1.00 48.57 ? 185 LEU A CD2 1 
ATOM   1373 N N   . LEU A 1 186 ? -7.782  -0.856  10.197  1.00 50.42 ? 186 LEU A N   1 
ATOM   1374 C CA  . LEU A 1 186 ? -6.658  0.060   10.263  1.00 50.10 ? 186 LEU A CA  1 
ATOM   1375 C C   . LEU A 1 186 ? -6.765  0.948   11.498  1.00 49.60 ? 186 LEU A C   1 
ATOM   1376 O O   . LEU A 1 186 ? -5.781  1.187   12.182  1.00 48.71 ? 186 LEU A O   1 
ATOM   1377 C CB  . LEU A 1 186 ? -6.558  0.908   8.972   1.00 50.03 ? 186 LEU A CB  1 
ATOM   1378 C CG  . LEU A 1 186 ? -6.090  0.190   7.681   1.00 49.85 ? 186 LEU A CG  1 
ATOM   1379 C CD1 . LEU A 1 186 ? -6.413  0.972   6.421   1.00 48.07 ? 186 LEU A CD1 1 
ATOM   1380 C CD2 . LEU A 1 186 ? -4.574  -0.158  7.700   1.00 47.54 ? 186 LEU A CD2 1 
ATOM   1381 N N   . ALA A 1 187 ? -7.978  1.389   11.818  1.00 50.34 ? 187 ALA A N   1 
ATOM   1382 C CA  . ALA A 1 187 ? -8.195  2.290   12.956  1.00 50.23 ? 187 ALA A CA  1 
ATOM   1383 C C   . ALA A 1 187 ? -7.967  1.589   14.291  1.00 50.06 ? 187 ALA A C   1 
ATOM   1384 O O   . ALA A 1 187 ? -7.311  2.158   15.159  1.00 50.06 ? 187 ALA A O   1 
ATOM   1385 C CB  . ALA A 1 187 ? -9.592  2.927   12.900  1.00 50.47 ? 187 ALA A CB  1 
ATOM   1386 N N   . SER A 1 188 ? -8.489  0.368   14.456  1.00 49.91 ? 188 SER A N   1 
ATOM   1387 C CA  . SER A 1 188 ? -8.180  -0.449  15.651  1.00 49.92 ? 188 SER A CA  1 
ATOM   1388 C C   . SER A 1 188 ? -6.681  -0.666  15.824  1.00 49.89 ? 188 SER A C   1 
ATOM   1389 O O   . SER A 1 188 ? -6.154  -0.615  16.953  1.00 49.74 ? 188 SER A O   1 
ATOM   1390 C CB  . SER A 1 188 ? -8.798  -1.831  15.548  1.00 49.69 ? 188 SER A CB  1 
ATOM   1391 O OG  . SER A 1 188 ? -10.187 -1.736  15.574  1.00 51.18 ? 188 SER A OG  1 
ATOM   1392 N N   . GLY A 1 189 ? -6.015  -0.968  14.703  1.00 49.52 ? 189 GLY A N   1 
ATOM   1393 C CA  . GLY A 1 189 ? -4.592  -1.259  14.711  1.00 49.64 ? 189 GLY A CA  1 
ATOM   1394 C C   . GLY A 1 189 ? -3.835  -0.020  15.109  1.00 49.78 ? 189 GLY A C   1 
ATOM   1395 O O   . GLY A 1 189 ? -2.892  -0.073  15.915  1.00 49.36 ? 189 GLY A O   1 
ATOM   1396 N N   . MET A 1 190 ? -4.267  1.108   14.555  1.00 49.88 ? 190 MET A N   1 
ATOM   1397 C CA  . MET A 1 190 ? -3.627  2.372   14.851  1.00 50.72 ? 190 MET A CA  1 
ATOM   1398 C C   . MET A 1 190 ? -3.882  2.771   16.309  1.00 51.02 ? 190 MET A C   1 
ATOM   1399 O O   . MET A 1 190 ? -2.987  3.307   16.963  1.00 51.46 ? 190 MET A O   1 
ATOM   1400 C CB  . MET A 1 190 ? -4.079  3.463   13.847  1.00 50.67 ? 190 MET A CB  1 
ATOM   1401 C CG  . MET A 1 190 ? -3.129  4.622   13.703  1.00 49.89 ? 190 MET A CG  1 
ATOM   1402 S SD  . MET A 1 190 ? -1.434  4.202   13.259  1.00 48.93 ? 190 MET A SD  1 
ATOM   1403 C CE  . MET A 1 190 ? -0.561  5.440   14.230  1.00 49.94 ? 190 MET A CE  1 
ATOM   1404 N N   . GLN A 1 191 ? -5.071  2.476   16.837  1.00 51.37 ? 191 GLN A N   1 
ATOM   1405 C CA  . GLN A 1 191 ? -5.371  2.802   18.234  1.00 51.60 ? 191 GLN A CA  1 
ATOM   1406 C C   . GLN A 1 191 ? -4.430  2.072   19.172  1.00 51.60 ? 191 GLN A C   1 
ATOM   1407 O O   . GLN A 1 191 ? -4.000  2.618   20.183  1.00 51.36 ? 191 GLN A O   1 
ATOM   1408 C CB  . GLN A 1 191 ? -6.820  2.440   18.610  1.00 51.93 ? 191 GLN A CB  1 
ATOM   1409 C CG  . GLN A 1 191 ? -7.227  2.889   20.022  1.00 52.10 ? 191 GLN A CG  1 
ATOM   1410 C CD  . GLN A 1 191 ? -7.201  4.408   20.156  1.00 54.87 ? 191 GLN A CD  1 
ATOM   1411 O OE1 . GLN A 1 191 ? -7.829  5.112   19.366  1.00 55.45 ? 191 GLN A OE1 1 
ATOM   1412 N NE2 . GLN A 1 191 ? -6.463  4.917   21.144  1.00 55.47 ? 191 GLN A NE2 1 
ATOM   1413 N N   . SER A 1 192 ? -4.141  0.818   18.854  1.00 51.99 ? 192 SER A N   1 
ATOM   1414 C CA  . SER A 1 192 ? -3.210  0.050   19.655  1.00 52.65 ? 192 SER A CA  1 
ATOM   1415 C C   . SER A 1 192 ? -1.775  0.617   19.595  1.00 52.70 ? 192 SER A C   1 
ATOM   1416 O O   . SER A 1 192 ? -1.064  0.623   20.593  1.00 53.04 ? 192 SER A O   1 
ATOM   1417 C CB  . SER A 1 192 ? -3.234  -1.405  19.228  1.00 52.83 ? 192 SER A CB  1 
ATOM   1418 O OG  . SER A 1 192 ? -2.175  -2.090  19.858  1.00 55.69 ? 192 SER A OG  1 
ATOM   1419 N N   . LEU A 1 193 ? -1.363  1.111   18.440  1.00 52.88 ? 193 LEU A N   1 
ATOM   1420 C CA  . LEU A 1 193 ? -0.042  1.740   18.314  1.00 53.25 ? 193 LEU A CA  1 
ATOM   1421 C C   . LEU A 1 193 ? 0.001   3.074   19.077  1.00 53.15 ? 193 LEU A C   1 
ATOM   1422 O O   . LEU A 1 193 ? 1.014   3.405   19.683  1.00 53.24 ? 193 LEU A O   1 
ATOM   1423 C CB  . LEU A 1 193 ? 0.342   1.918   16.837  1.00 52.82 ? 193 LEU A CB  1 
ATOM   1424 C CG  . LEU A 1 193 ? 1.769   2.387   16.535  1.00 53.41 ? 193 LEU A CG  1 
ATOM   1425 C CD1 . LEU A 1 193 ? 2.813   1.632   17.299  1.00 51.46 ? 193 LEU A CD1 1 
ATOM   1426 C CD2 . LEU A 1 193 ? 2.038   2.314   15.025  1.00 53.34 ? 193 LEU A CD2 1 
ATOM   1427 N N   . TYR A 1 194 ? -1.122  3.793   19.075  1.00 53.45 ? 194 TYR A N   1 
ATOM   1428 C CA  . TYR A 1 194 ? -1.298  5.065   19.811  1.00 53.35 ? 194 TYR A CA  1 
ATOM   1429 C C   . TYR A 1 194 ? -1.220  4.870   21.321  1.00 53.11 ? 194 TYR A C   1 
ATOM   1430 O O   . TYR A 1 194 ? -0.461  5.565   21.996  1.00 52.84 ? 194 TYR A O   1 
ATOM   1431 C CB  . TYR A 1 194 ? -2.652  5.664   19.416  1.00 53.62 ? 194 TYR A CB  1 
ATOM   1432 C CG  . TYR A 1 194 ? -3.092  6.965   20.062  1.00 53.74 ? 194 TYR A CG  1 
ATOM   1433 C CD1 . TYR A 1 194 ? -2.823  8.182   19.455  1.00 54.71 ? 194 TYR A CD1 1 
ATOM   1434 C CD2 . TYR A 1 194 ? -3.856  6.972   21.235  1.00 54.17 ? 194 TYR A CD2 1 
ATOM   1435 C CE1 . TYR A 1 194 ? -3.257  9.391   20.014  1.00 54.27 ? 194 TYR A CE1 1 
ATOM   1436 C CE2 . TYR A 1 194 ? -4.288  8.161   21.802  1.00 54.13 ? 194 TYR A CE2 1 
ATOM   1437 C CZ  . TYR A 1 194 ? -3.984  9.381   21.180  1.00 54.38 ? 194 TYR A CZ  1 
ATOM   1438 O OH  . TYR A 1 194 ? -4.406  10.592  21.712  1.00 53.63 ? 194 TYR A OH  1 
ATOM   1439 N N   . ASP A 1 195 ? -2.000  3.913   21.829  1.00 53.14 ? 195 ASP A N   1 
ATOM   1440 C CA  . ASP A 1 195 ? -2.057  3.589   23.260  1.00 53.17 ? 195 ASP A CA  1 
ATOM   1441 C C   . ASP A 1 195 ? -0.789  2.939   23.783  1.00 53.04 ? 195 ASP A C   1 
ATOM   1442 O O   . ASP A 1 195 ? -0.429  3.121   24.946  1.00 52.98 ? 195 ASP A O   1 
ATOM   1443 C CB  . ASP A 1 195 ? -3.162  2.567   23.541  1.00 53.43 ? 195 ASP A CB  1 
ATOM   1444 C CG  . ASP A 1 195 ? -4.559  3.090   23.276  1.00 54.84 ? 195 ASP A CG  1 
ATOM   1445 O OD1 . ASP A 1 195 ? -4.799  4.316   23.402  1.00 55.45 ? 195 ASP A OD1 1 
ATOM   1446 O OD2 . ASP A 1 195 ? -5.428  2.238   22.954  1.00 57.20 ? 195 ASP A OD2 1 
ATOM   1447 N N   . GLY A 1 196 ? -0.176  2.100   22.948  1.00 52.76 ? 196 GLY A N   1 
ATOM   1448 C CA  . GLY A 1 196 ? 0.939   1.253   23.366  1.00 52.38 ? 196 GLY A CA  1 
ATOM   1449 C C   . GLY A 1 196 ? 0.479   -0.038  24.024  1.00 52.01 ? 196 GLY A C   1 
ATOM   1450 O O   . GLY A 1 196 ? -0.682  -0.193  24.395  1.00 51.39 ? 196 GLY A O   1 
ATOM   1451 N N   . LEU A 1 197 ? 1.406   -0.973  24.182  1.00 51.66 ? 197 LEU A N   1 
ATOM   1452 C CA  . LEU A 1 197 ? 1.048   -2.313  24.614  1.00 51.76 ? 197 LEU A CA  1 
ATOM   1453 C C   . LEU A 1 197 ? 1.146   -2.537  26.131  1.00 51.80 ? 197 LEU A C   1 
ATOM   1454 O O   . LEU A 1 197 ? 0.922   -3.664  26.597  1.00 52.00 ? 197 LEU A O   1 
ATOM   1455 C CB  . LEU A 1 197 ? 1.892   -3.348  23.855  1.00 51.38 ? 197 LEU A CB  1 
ATOM   1456 C CG  . LEU A 1 197 ? 1.727   -3.400  22.331  1.00 50.58 ? 197 LEU A CG  1 
ATOM   1457 C CD1 . LEU A 1 197 ? 2.510   -4.585  21.769  1.00 49.46 ? 197 LEU A CD1 1 
ATOM   1458 C CD2 . LEU A 1 197 ? 0.264   -3.465  21.897  1.00 48.82 ? 197 LEU A CD2 1 
ATOM   1459 N N   . SER A 1 198 ? 1.443   -1.486  26.904  1.00 51.77 ? 198 SER A N   1 
ATOM   1460 C CA  . SER A 1 198 ? 1.493   -1.602  28.374  1.00 51.93 ? 198 SER A CA  1 
ATOM   1461 C C   . SER A 1 198 ? 0.224   -2.267  28.946  1.00 52.16 ? 198 SER A C   1 
ATOM   1462 O O   . SER A 1 198 ? 0.314   -3.227  29.715  1.00 51.95 ? 198 SER A O   1 
ATOM   1463 C CB  . SER A 1 198 ? 1.744   -0.237  29.038  1.00 51.64 ? 198 SER A CB  1 
ATOM   1464 O OG  . SER A 1 198 ? 0.882   0.762   28.523  1.00 50.46 ? 198 SER A OG  1 
ATOM   1465 N N   . SER A 1 199 ? -0.946  -1.789  28.531  1.00 52.50 ? 199 SER A N   1 
ATOM   1466 C CA  . SER A 1 199 ? -2.219  -2.263  29.078  1.00 53.12 ? 199 SER A CA  1 
ATOM   1467 C C   . SER A 1 199 ? -2.754  -3.581  28.469  1.00 53.74 ? 199 SER A C   1 
ATOM   1468 O O   . SER A 1 199 ? -3.846  -4.034  28.835  1.00 53.89 ? 199 SER A O   1 
ATOM   1469 C CB  . SER A 1 199 ? -3.286  -1.181  28.902  1.00 53.03 ? 199 SER A CB  1 
ATOM   1470 O OG  . SER A 1 199 ? -3.791  -1.202  27.579  1.00 53.39 ? 199 SER A OG  1 
ATOM   1471 N N   . LEU A 1 200 ? -2.002  -4.190  27.553  1.00 54.20 ? 200 LEU A N   1 
ATOM   1472 C CA  . LEU A 1 200 ? -2.485  -5.359  26.806  1.00 54.32 ? 200 LEU A CA  1 
ATOM   1473 C C   . LEU A 1 200 ? -2.734  -6.546  27.730  1.00 54.64 ? 200 LEU A C   1 
ATOM   1474 O O   . LEU A 1 200 ? -1.826  -7.002  28.413  1.00 54.14 ? 200 LEU A O   1 
ATOM   1475 C CB  . LEU A 1 200 ? -1.484  -5.721  25.686  1.00 54.30 ? 200 LEU A CB  1 
ATOM   1476 C CG  . LEU A 1 200 ? -1.803  -6.916  24.793  1.00 53.78 ? 200 LEU A CG  1 
ATOM   1477 C CD1 . LEU A 1 200 ? -3.073  -6.684  24.000  1.00 53.36 ? 200 LEU A CD1 1 
ATOM   1478 C CD2 . LEU A 1 200 ? -0.638  -7.192  23.886  1.00 53.37 ? 200 LEU A CD2 1 
ATOM   1479 N N   . GLY A 1 201 ? -3.978  -7.029  27.746  1.00 55.51 ? 201 GLY A N   1 
ATOM   1480 C CA  . GLY A 1 201 ? -4.372  -8.179  28.559  1.00 56.09 ? 201 GLY A CA  1 
ATOM   1481 C C   . GLY A 1 201 ? -4.481  -7.896  30.052  1.00 56.88 ? 201 GLY A C   1 
ATOM   1482 O O   . GLY A 1 201 ? -4.618  -8.828  30.870  1.00 56.16 ? 201 GLY A O   1 
ATOM   1483 N N   . GLU A 1 202 ? -4.459  -6.611  30.407  1.00 57.87 ? 202 GLU A N   1 
ATOM   1484 C CA  . GLU A 1 202 ? -4.307  -6.179  31.799  1.00 58.39 ? 202 GLU A CA  1 
ATOM   1485 C C   . GLU A 1 202 ? -5.677  -5.797  32.420  1.00 59.05 ? 202 GLU A C   1 
ATOM   1486 O O   . GLU A 1 202 ? -6.524  -5.216  31.732  1.00 59.47 ? 202 GLU A O   1 
ATOM   1487 C CB  . GLU A 1 202 ? -3.312  -5.006  31.836  1.00 58.74 ? 202 GLU A CB  1 
ATOM   1488 C CG  . GLU A 1 202 ? -2.424  -4.914  33.078  1.00 59.34 ? 202 GLU A CG  1 
ATOM   1489 C CD  . GLU A 1 202 ? -1.363  -6.022  33.197  1.00 61.83 ? 202 GLU A CD  1 
ATOM   1490 O OE1 . GLU A 1 202 ? -1.610  -7.173  32.770  1.00 62.79 ? 202 GLU A OE1 1 
ATOM   1491 O OE2 . GLU A 1 202 ? -0.279  -5.737  33.754  1.00 63.01 ? 202 GLU A OE2 1 
ATOM   1492 N N   . PRO A 1 203 ? -5.917  -6.159  33.703  1.00 59.30 ? 203 PRO A N   1 
ATOM   1493 C CA  . PRO A 1 203 ? -7.153  -5.751  34.377  1.00 59.37 ? 203 PRO A CA  1 
ATOM   1494 C C   . PRO A 1 203 ? -7.034  -4.369  35.022  1.00 59.61 ? 203 PRO A C   1 
ATOM   1495 O O   . PRO A 1 203 ? -7.089  -3.356  34.323  1.00 60.09 ? 203 PRO A O   1 
ATOM   1496 C CB  . PRO A 1 203 ? -7.322  -6.820  35.462  1.00 59.60 ? 203 PRO A CB  1 
ATOM   1497 C CG  . PRO A 1 203 ? -5.922  -7.176  35.849  1.00 59.55 ? 203 PRO A CG  1 
ATOM   1498 C CD  . PRO A 1 203 ? -5.068  -6.980  34.591  1.00 59.40 ? 203 PRO A CD  1 
HETATM 1499 O O   . HOH B 2 .   ? 1.774   11.518  -7.754  1.00 38.15 ? 208 HOH A O   1 
HETATM 1500 O O   . HOH B 2 .   ? 14.852  10.841  16.123  1.00 52.48 ? 209 HOH A O   1 
HETATM 1501 O O   . HOH B 2 .   ? 5.295   -17.136 -8.593  1.00 44.64 ? 210 HOH A O   1 
HETATM 1502 O O   . HOH B 2 .   ? 4.706   -17.518 -6.013  1.00 47.47 ? 211 HOH A O   1 
HETATM 1503 O O   . HOH B 2 .   ? 11.330  2.118   8.660   1.00 39.52 ? 212 HOH A O   1 
HETATM 1504 O O   . HOH B 2 .   ? -3.629  -3.617  12.390  1.00 46.67 ? 213 HOH A O   1 
HETATM 1505 O O   . HOH B 2 .   ? 10.087  6.209   -0.548  1.00 45.08 ? 214 HOH A O   1 
HETATM 1506 O O   . HOH B 2 .   ? 12.958  3.483   7.014   1.00 47.56 ? 215 HOH A O   1 
HETATM 1507 O O   . HOH B 2 .   ? 4.766   -16.263 -12.668 1.00 47.90 ? 216 HOH A O   1 
HETATM 1508 O O   . HOH B 2 .   ? 11.999  -6.967  -4.612  1.00 59.51 ? 217 HOH A O   1 
HETATM 1509 O O   . HOH B 2 .   ? -1.686  26.639  15.072  1.00 47.86 ? 218 HOH A O   1 
HETATM 1510 O O   . HOH B 2 .   ? -3.767  23.056  11.402  1.00 56.70 ? 219 HOH A O   1 
HETATM 1511 O O   . HOH B 2 .   ? -0.263  -18.646 -9.284  1.00 63.66 ? 220 HOH A O   1 
HETATM 1512 O O   . HOH B 2 .   ? 0.347   -13.288 10.072  1.00 51.89 ? 221 HOH A O   1 
HETATM 1513 O O   . HOH B 2 .   ? 7.655   8.459   -5.380  1.00 46.50 ? 222 HOH A O   1 
HETATM 1514 O O   . HOH B 2 .   ? 1.203   2.999   27.058  1.00 48.94 ? 223 HOH A O   1 
HETATM 1515 O O   . HOH B 2 .   ? 4.352   -13.236 5.286   1.00 46.25 ? 224 HOH A O   1 
HETATM 1516 O O   . HOH B 2 .   ? 8.046   11.722  3.683   1.00 47.13 ? 225 HOH A O   1 
HETATM 1517 O O   . HOH B 2 .   ? -12.835 0.072   4.161   1.00 62.18 ? 226 HOH A O   1 
HETATM 1518 O O   . HOH B 2 .   ? 19.558  6.799   16.110  1.00 53.85 ? 227 HOH A O   1 
HETATM 1519 O O   . HOH B 2 .   ? 10.870  -4.009  3.593   1.00 54.01 ? 228 HOH A O   1 
HETATM 1520 O O   . HOH B 2 .   ? -8.820  -5.712  -11.834 1.00 71.24 ? 229 HOH A O   1 
HETATM 1521 O O   . HOH B 2 .   ? -6.840  -11.247 -6.667  1.00 49.28 ? 230 HOH A O   1 
HETATM 1522 O O   . HOH B 2 .   ? -5.996  4.630   -8.662  1.00 45.95 ? 231 HOH A O   1 
HETATM 1523 O O   . HOH B 2 .   ? -6.148  7.457   -7.633  1.00 55.64 ? 232 HOH A O   1 
HETATM 1524 O O   . HOH B 2 .   ? -8.722  -0.751  -6.986  1.00 58.66 ? 233 HOH A O   1 
HETATM 1525 O O   . HOH B 2 .   ? 5.739   14.087  -3.271  1.00 52.12 ? 234 HOH A O   1 
HETATM 1526 O O   . HOH B 2 .   ? -1.549  0.249   26.874  1.00 63.14 ? 235 HOH A O   1 
HETATM 1527 O O   . HOH B 2 .   ? 3.527   18.969  -0.128  1.00 61.99 ? 236 HOH A O   1 
HETATM 1528 O O   . HOH B 2 .   ? 10.076  -13.128 -5.782  1.00 56.14 ? 237 HOH A O   1 
HETATM 1529 O O   . HOH B 2 .   ? 9.586   9.240   -1.470  1.00 56.76 ? 238 HOH A O   1 
HETATM 1530 O O   . HOH B 2 .   ? 3.344   -8.771  0.374   1.00 49.56 ? 239 HOH A O   1 
HETATM 1531 O O   . HOH B 2 .   ? 16.493  8.397   16.817  1.00 54.67 ? 240 HOH A O   1 
HETATM 1532 O O   . HOH B 2 .   ? -5.934  3.114   -10.569 1.00 55.83 ? 241 HOH A O   1 
HETATM 1533 O O   . HOH B 2 .   ? -4.822  4.092   -6.743  1.00 49.55 ? 242 HOH A O   1 
HETATM 1534 O O   . HOH B 2 .   ? -0.202  5.642   -13.399 1.00 61.57 ? 243 HOH A O   1 
HETATM 1535 O O   . HOH B 2 .   ? -4.959  8.460   -11.482 1.00 66.08 ? 244 HOH A O   1 
HETATM 1536 O O   . HOH B 2 .   ? -6.802  3.266   -12.685 1.00 56.40 ? 245 HOH A O   1 
HETATM 1537 O O   . HOH B 2 .   ? -4.520  5.771   -13.391 1.00 69.83 ? 246 HOH A O   1 
# 
